data_5VL1
#
_entry.id   5VL1
#
_cell.length_a   95.040
_cell.length_b   96.690
_cell.length_c   105.560
_cell.angle_alpha   90.380
_cell.angle_beta   104.840
_cell.angle_gamma   117.150
#
_symmetry.space_group_name_H-M   'P 1'
#
loop_
_entity.id
_entity.type
_entity.pdbx_description
1 polymer 'Lysine--tRNA ligase'
2 non-polymer 'TRIETHYLENE GLYCOL'
3 non-polymer LYSINE
4 non-polymer DI(HYDROXYETHYL)ETHER
5 water water
#
_entity_poly.entity_id   1
_entity_poly.type   'polypeptide(L)'
_entity_poly.pdbx_seq_one_letter_code
;MAHHHHHHMSSAESNIPEQFRIRRDKRARLLAEGYDPYPVAIERTHTLAEIRATYADLPTDSATEDIVGVAGRVVFARNT
GKLCFATLQDGDGTQLQAMISLDEVGRESLDRWKADVDIGDVVYVHGTVISSRRGELSVLADSWRMAAKALRPLPVAHKE
MSEESRVRQRYVDLIVRPQAREVARQRIAVIRAVRNALERRGFLEVETPMLQTLAGGAAARPFVTHSNALDIDLYLRIAP
ELFLKRCIVGGFDRVFELNRVFRNEGSDSTHSPEFSMLETYQTYGTYDDSALITRELIQEVADEAIGTRQLSMPDGSVYD
IDGEWATMEMYSSLSEALGEQITPETTVARLRDIASGLDVEIDNSVFGHGKLVEELWEHAVGNKLTAPTFVKDFPVETTP
LTRQHRSIPGVTEKWDLYVRGVELATGYSELNDPVVQRDRFADQARAAAAGDDEAMQLDEDFLTALEYGMPPCTGTGMGI
DRLLMCLTGLSIRETVLFPIVRPHSN
;
_entity_poly.pdbx_strand_id   A,B,C,D
#
# COMPACT_ATOMS: atom_id res chain seq x y z
N PRO A 17 39.43 2.54 14.97
CA PRO A 17 38.88 1.20 14.69
C PRO A 17 39.64 0.09 15.40
N GLU A 18 40.85 0.39 15.88
CA GLU A 18 41.60 -0.57 16.69
C GLU A 18 41.32 -0.40 18.18
N GLN A 19 41.15 0.84 18.64
CA GLN A 19 40.73 1.07 20.02
C GLN A 19 39.35 0.51 20.29
N PHE A 20 38.44 0.65 19.32
CA PHE A 20 37.09 0.12 19.48
C PHE A 20 37.09 -1.40 19.61
N ARG A 21 37.98 -2.08 18.89
CA ARG A 21 38.01 -3.54 18.90
C ARG A 21 38.36 -4.09 20.28
N ILE A 22 39.28 -3.42 20.99
CA ILE A 22 39.67 -3.90 22.31
C ILE A 22 38.51 -3.83 23.28
N ARG A 23 37.75 -2.73 23.25
CA ARG A 23 36.61 -2.57 24.15
C ARG A 23 35.47 -3.51 23.76
N ARG A 24 35.29 -3.76 22.46
CA ARG A 24 34.24 -4.69 22.04
C ARG A 24 34.52 -6.10 22.52
N ASP A 25 35.78 -6.54 22.45
CA ASP A 25 36.13 -7.86 22.95
C ASP A 25 35.95 -7.94 24.46
N LYS A 26 36.21 -6.83 25.16
CA LYS A 26 35.98 -6.81 26.61
C LYS A 26 34.49 -6.94 26.92
N ARG A 27 33.63 -6.24 26.17
CA ARG A 27 32.19 -6.37 26.37
C ARG A 27 31.73 -7.80 26.12
N ALA A 28 32.13 -8.38 24.99
CA ALA A 28 31.74 -9.75 24.67
C ALA A 28 32.29 -10.73 25.69
N ARG A 29 33.47 -10.45 26.26
CA ARG A 29 34.02 -11.34 27.28
CA ARG A 29 34.03 -11.32 27.28
C ARG A 29 33.20 -11.29 28.56
N LEU A 30 32.82 -10.08 29.00
CA LEU A 30 32.01 -9.95 30.21
C LEU A 30 30.65 -10.63 30.05
N LEU A 31 30.05 -10.49 28.87
CA LEU A 31 28.73 -11.09 28.64
C LEU A 31 28.79 -12.61 28.70
N ALA A 32 29.89 -13.20 28.20
CA ALA A 32 30.02 -14.65 28.22
C ALA A 32 30.35 -15.17 29.62
N GLU A 33 31.11 -14.42 30.40
CA GLU A 33 31.50 -14.83 31.74
C GLU A 33 30.38 -14.66 32.76
N GLY A 34 29.24 -14.11 32.36
CA GLY A 34 28.14 -13.90 33.28
C GLY A 34 28.10 -12.54 33.94
N TYR A 35 29.10 -11.69 33.69
CA TYR A 35 29.14 -10.35 34.26
C TYR A 35 28.41 -9.43 33.28
N ASP A 36 27.15 -9.12 33.57
CA ASP A 36 26.31 -8.31 32.69
C ASP A 36 26.91 -6.93 32.49
N PRO A 37 27.35 -6.61 31.26
CA PRO A 37 27.93 -5.28 31.02
C PRO A 37 26.90 -4.18 30.86
N TYR A 38 25.63 -4.52 30.63
CA TYR A 38 24.54 -3.55 30.54
C TYR A 38 23.38 -4.04 31.39
N PRO A 39 23.54 -4.06 32.71
CA PRO A 39 22.54 -4.67 33.58
C PRO A 39 21.32 -3.78 33.75
N VAL A 40 20.26 -4.40 34.28
CA VAL A 40 19.01 -3.72 34.56
C VAL A 40 18.73 -3.84 36.05
N ALA A 41 18.00 -2.86 36.58
CA ALA A 41 17.52 -2.81 37.96
C ALA A 41 18.63 -2.44 38.95
N ILE A 42 19.64 -1.71 38.50
CA ILE A 42 20.61 -1.13 39.42
C ILE A 42 19.93 -0.02 40.21
N GLU A 43 19.99 -0.12 41.54
CA GLU A 43 19.35 0.84 42.43
C GLU A 43 20.41 1.83 42.92
N ARG A 44 20.19 3.11 42.61
CA ARG A 44 21.09 4.18 42.99
C ARG A 44 20.48 4.97 44.15
N THR A 45 21.16 4.97 45.29
CA THR A 45 20.59 5.59 46.48
C THR A 45 20.69 7.11 46.44
N HIS A 46 21.79 7.64 45.89
CA HIS A 46 21.99 9.07 45.85
C HIS A 46 22.59 9.47 44.50
N THR A 47 22.27 10.69 44.06
CA THR A 47 23.04 11.29 42.99
C THR A 47 24.32 11.88 43.58
N LEU A 48 25.34 12.01 42.73
CA LEU A 48 26.62 12.52 43.20
C LEU A 48 26.51 13.93 43.77
N ALA A 49 25.60 14.74 43.24
CA ALA A 49 25.37 16.06 43.82
C ALA A 49 24.78 15.96 45.23
N GLU A 50 23.94 14.97 45.48
CA GLU A 50 23.42 14.76 46.83
C GLU A 50 24.52 14.36 47.79
N ILE A 51 25.47 13.55 47.33
CA ILE A 51 26.59 13.15 48.19
C ILE A 51 27.45 14.35 48.54
N ARG A 52 27.74 15.20 47.55
CA ARG A 52 28.56 16.38 47.82
C ARG A 52 27.84 17.39 48.72
N ALA A 53 26.52 17.49 48.60
CA ALA A 53 25.78 18.44 49.42
C ALA A 53 25.68 17.97 50.86
N THR A 54 25.45 16.67 51.07
CA THR A 54 25.27 16.15 52.42
C THR A 54 26.56 16.23 53.23
N TYR A 55 27.68 15.83 52.64
CA TYR A 55 28.96 15.76 53.33
C TYR A 55 29.90 16.90 52.93
N ALA A 56 29.36 18.07 52.62
CA ALA A 56 30.20 19.20 52.24
C ALA A 56 31.12 19.62 53.38
N ASP A 57 30.59 19.63 54.60
CA ASP A 57 31.36 20.01 55.78
C ASP A 57 31.87 18.78 56.53
N LEU A 58 32.48 17.86 55.80
CA LEU A 58 33.05 16.66 56.40
C LEU A 58 34.54 16.85 56.61
N PRO A 59 35.06 16.44 57.78
CA PRO A 59 36.49 16.62 58.05
C PRO A 59 37.36 15.91 57.03
N THR A 60 38.67 16.21 57.10
CA THR A 60 39.58 15.82 56.03
C THR A 60 39.82 14.31 56.01
N ASP A 61 40.19 13.74 57.16
CA ASP A 61 40.51 12.32 57.23
C ASP A 61 39.41 11.49 57.89
N SER A 62 38.20 12.05 58.02
CA SER A 62 37.13 11.37 58.72
C SER A 62 36.50 10.29 57.84
N ALA A 63 35.73 9.41 58.48
CA ALA A 63 35.02 8.35 57.79
C ALA A 63 33.68 8.14 58.47
N THR A 64 32.60 8.11 57.68
CA THR A 64 31.28 7.89 58.21
C THR A 64 30.96 6.39 58.21
N GLU A 65 29.77 6.03 58.69
CA GLU A 65 29.26 4.68 58.61
C GLU A 65 28.04 4.59 57.68
N ASP A 66 27.85 5.59 56.84
CA ASP A 66 26.67 5.66 55.98
C ASP A 66 26.91 4.87 54.69
N ILE A 67 25.97 3.98 54.38
CA ILE A 67 26.06 3.15 53.18
C ILE A 67 25.31 3.83 52.05
N VAL A 68 25.98 3.99 50.91
CA VAL A 68 25.38 4.60 49.73
C VAL A 68 25.67 3.74 48.51
N GLY A 69 24.78 3.82 47.53
CA GLY A 69 25.00 3.20 46.23
C GLY A 69 24.98 4.24 45.13
N VAL A 70 26.14 4.57 44.59
CA VAL A 70 26.25 5.65 43.62
C VAL A 70 26.63 5.07 42.27
N ALA A 71 26.39 5.86 41.22
CA ALA A 71 26.74 5.49 39.87
C ALA A 71 27.19 6.71 39.09
N GLY A 72 28.16 6.51 38.20
CA GLY A 72 28.70 7.62 37.45
C GLY A 72 29.63 7.11 36.36
N ARG A 73 30.11 8.05 35.55
CA ARG A 73 30.99 7.74 34.44
C ARG A 73 32.44 7.91 34.87
N VAL A 74 33.26 6.88 34.62
CA VAL A 74 34.67 6.91 35.01
C VAL A 74 35.40 7.82 34.03
N VAL A 75 35.87 8.97 34.53
CA VAL A 75 36.61 9.92 33.69
C VAL A 75 38.09 9.97 34.03
N PHE A 76 38.52 9.49 35.20
CA PHE A 76 39.92 9.38 35.53
C PHE A 76 40.13 8.18 36.44
N ALA A 77 41.22 7.46 36.23
CA ALA A 77 41.51 6.27 37.02
C ALA A 77 43.02 6.14 37.17
N ARG A 78 43.44 5.67 38.35
CA ARG A 78 44.85 5.38 38.60
C ARG A 78 44.93 4.16 39.50
N ASN A 79 45.70 3.16 39.08
CA ASN A 79 45.78 1.88 39.77
C ASN A 79 47.15 1.69 40.39
N THR A 80 47.17 1.35 41.67
CA THR A 80 48.36 0.91 42.38
C THR A 80 48.20 -0.57 42.69
N GLY A 81 49.11 -1.12 43.49
CA GLY A 81 49.10 -2.54 43.76
C GLY A 81 47.85 -3.05 44.43
N LYS A 82 47.52 -2.49 45.60
CA LYS A 82 46.40 -2.97 46.40
C LYS A 82 45.22 -2.00 46.43
N LEU A 83 45.34 -0.82 45.84
CA LEU A 83 44.33 0.22 45.99
C LEU A 83 44.17 0.97 44.68
N CYS A 84 42.93 1.02 44.18
CA CYS A 84 42.60 1.67 42.93
C CYS A 84 41.68 2.86 43.18
N PHE A 85 41.97 3.97 42.50
CA PHE A 85 41.18 5.19 42.59
C PHE A 85 40.51 5.47 41.25
N ALA A 86 39.35 6.11 41.30
CA ALA A 86 38.61 6.47 40.10
C ALA A 86 37.74 7.67 40.38
N THR A 87 37.71 8.61 39.45
CA THR A 87 36.84 9.79 39.53
C THR A 87 35.58 9.49 38.73
N LEU A 88 34.45 9.40 39.43
CA LEU A 88 33.16 9.21 38.78
C LEU A 88 32.54 10.57 38.49
N GLN A 89 31.93 10.70 37.31
CA GLN A 89 31.24 11.92 36.92
C GLN A 89 29.78 11.59 36.66
N ASP A 90 28.89 12.29 37.36
CA ASP A 90 27.47 12.10 37.13
C ASP A 90 27.04 12.86 35.89
N GLY A 91 25.76 12.75 35.55
CA GLY A 91 25.26 13.40 34.34
C GLY A 91 25.38 14.91 34.40
N ASP A 92 25.05 15.50 35.54
CA ASP A 92 25.13 16.95 35.69
C ASP A 92 26.57 17.46 35.69
N GLY A 93 27.54 16.59 35.95
CA GLY A 93 28.94 16.99 36.01
C GLY A 93 29.55 16.88 37.38
N THR A 94 28.75 16.62 38.42
CA THR A 94 29.30 16.45 39.76
C THR A 94 30.26 15.26 39.78
N GLN A 95 31.41 15.45 40.43
CA GLN A 95 32.43 14.43 40.49
C GLN A 95 32.62 13.94 41.92
N LEU A 96 33.01 12.67 42.04
CA LEU A 96 33.24 12.02 43.32
C LEU A 96 34.24 10.90 43.12
N GLN A 97 35.07 10.67 44.12
CA GLN A 97 36.10 9.64 44.04
C GLN A 97 35.54 8.29 44.49
N ALA A 98 35.97 7.23 43.82
CA ALA A 98 35.67 5.87 44.22
C ALA A 98 36.99 5.18 44.57
N MET A 99 37.00 4.49 45.70
CA MET A 99 38.20 3.81 46.19
C MET A 99 37.94 2.31 46.23
N ILE A 100 38.55 1.58 45.31
CA ILE A 100 38.45 0.13 45.25
C ILE A 100 39.68 -0.42 45.96
N SER A 101 39.50 -0.86 47.20
CA SER A 101 40.61 -1.31 48.04
C SER A 101 40.67 -2.84 48.08
N LEU A 102 41.89 -3.37 48.14
CA LEU A 102 42.07 -4.82 48.23
C LEU A 102 41.44 -5.39 49.50
N ASP A 103 41.62 -4.70 50.62
CA ASP A 103 41.06 -5.16 51.89
C ASP A 103 39.54 -5.12 51.90
N GLU A 104 38.92 -4.28 51.07
CA GLU A 104 37.49 -4.04 51.12
C GLU A 104 36.69 -4.88 50.15
N VAL A 105 37.23 -5.15 48.95
CA VAL A 105 36.51 -5.90 47.93
C VAL A 105 37.14 -7.24 47.60
N GLY A 106 38.35 -7.51 48.06
CA GLY A 106 39.02 -8.76 47.77
C GLY A 106 39.86 -8.70 46.51
N ARG A 107 40.72 -9.71 46.35
CA ARG A 107 41.64 -9.72 45.23
C ARG A 107 40.91 -9.97 43.91
N GLU A 108 39.96 -10.92 43.91
CA GLU A 108 39.27 -11.25 42.66
C GLU A 108 38.49 -10.06 42.12
N SER A 109 37.82 -9.30 43.01
CA SER A 109 37.08 -8.12 42.56
C SER A 109 38.02 -7.02 42.10
N LEU A 110 39.13 -6.83 42.80
CA LEU A 110 40.09 -5.79 42.43
C LEU A 110 40.72 -6.07 41.07
N ASP A 111 41.00 -7.34 40.79
CA ASP A 111 41.57 -7.70 39.49
C ASP A 111 40.59 -7.42 38.36
N ARG A 112 39.30 -7.65 38.59
CA ARG A 112 38.29 -7.31 37.57
C ARG A 112 38.23 -5.81 37.32
N TRP A 113 38.43 -5.00 38.36
CA TRP A 113 38.41 -3.56 38.17
C TRP A 113 39.51 -3.13 37.21
N LYS A 114 40.71 -3.70 37.36
CA LYS A 114 41.82 -3.31 36.50
C LYS A 114 41.65 -3.83 35.09
N ALA A 115 40.99 -4.97 34.92
CA ALA A 115 40.85 -5.59 33.60
C ALA A 115 39.60 -5.15 32.85
N ASP A 116 38.53 -4.78 33.56
CA ASP A 116 37.24 -4.55 32.92
C ASP A 116 36.91 -3.08 32.72
N VAL A 117 37.31 -2.20 33.63
CA VAL A 117 36.88 -0.81 33.62
C VAL A 117 37.84 0.03 32.80
N ASP A 118 37.30 0.77 31.83
CA ASP A 118 38.03 1.72 31.02
C ASP A 118 37.41 3.10 31.19
N ILE A 119 38.12 4.12 30.70
CA ILE A 119 37.62 5.49 30.78
C ILE A 119 36.37 5.62 29.92
N GLY A 120 35.33 6.24 30.48
CA GLY A 120 34.07 6.39 29.81
C GLY A 120 33.00 5.42 30.25
N ASP A 121 33.40 4.30 30.86
CA ASP A 121 32.43 3.33 31.36
C ASP A 121 31.59 3.94 32.47
N VAL A 122 30.35 3.50 32.56
CA VAL A 122 29.45 3.84 33.65
C VAL A 122 29.48 2.69 34.65
N VAL A 123 29.86 3.00 35.89
CA VAL A 123 30.00 1.97 36.91
C VAL A 123 29.12 2.33 38.11
N TYR A 124 28.72 1.31 38.85
CA TYR A 124 27.98 1.45 40.10
C TYR A 124 28.90 1.05 41.25
N VAL A 125 28.99 1.92 42.26
CA VAL A 125 29.88 1.73 43.40
C VAL A 125 29.04 1.78 44.66
N HIS A 126 29.13 0.72 45.47
CA HIS A 126 28.38 0.60 46.71
C HIS A 126 29.37 0.50 47.86
N GLY A 127 29.27 1.42 48.82
CA GLY A 127 30.21 1.42 49.91
C GLY A 127 29.91 2.53 50.90
N THR A 128 30.94 2.91 51.64
CA THR A 128 30.82 3.86 52.74
C THR A 128 31.39 5.21 52.32
N VAL A 129 30.73 6.28 52.75
CA VAL A 129 31.19 7.63 52.41
C VAL A 129 32.32 8.00 53.37
N ILE A 130 33.51 8.23 52.83
CA ILE A 130 34.68 8.60 53.60
C ILE A 130 35.31 9.84 52.97
N SER A 131 36.37 10.32 53.61
CA SER A 131 37.20 11.40 53.07
C SER A 131 38.64 10.94 53.11
N SER A 132 39.29 10.93 51.94
CA SER A 132 40.61 10.34 51.81
C SER A 132 41.63 11.12 52.63
N ARG A 133 42.84 10.57 52.72
CA ARG A 133 43.93 11.25 53.43
C ARG A 133 44.21 12.62 52.84
N ARG A 134 43.95 12.81 51.55
CA ARG A 134 44.10 14.10 50.89
C ARG A 134 42.83 14.95 50.98
N GLY A 135 41.88 14.57 51.81
CA GLY A 135 40.65 15.34 51.97
C GLY A 135 39.68 15.25 50.83
N GLU A 136 39.84 14.28 49.92
CA GLU A 136 38.92 14.11 48.81
C GLU A 136 37.71 13.29 49.26
N LEU A 137 36.51 13.83 49.05
CA LEU A 137 35.30 13.09 49.35
C LEU A 137 35.20 11.88 48.44
N SER A 138 35.12 10.69 49.03
CA SER A 138 35.22 9.45 48.28
C SER A 138 34.20 8.44 48.81
N VAL A 139 34.03 7.36 48.06
CA VAL A 139 33.23 6.21 48.46
C VAL A 139 34.18 5.02 48.60
N LEU A 140 34.40 4.58 49.84
CA LEU A 140 35.22 3.40 50.09
C LEU A 140 34.38 2.18 49.73
N ALA A 141 34.64 1.63 48.55
CA ALA A 141 33.77 0.60 47.99
C ALA A 141 33.93 -0.73 48.72
N ASP A 142 32.81 -1.41 48.92
CA ASP A 142 32.80 -2.84 49.23
C ASP A 142 32.34 -3.68 48.07
N SER A 143 31.70 -3.09 47.07
CA SER A 143 31.26 -3.78 45.88
C SER A 143 31.26 -2.79 44.72
N TRP A 144 31.55 -3.29 43.53
CA TRP A 144 31.47 -2.50 42.31
C TRP A 144 30.82 -3.35 41.23
N ARG A 145 30.24 -2.67 40.24
CA ARG A 145 29.48 -3.36 39.21
C ARG A 145 29.46 -2.49 37.96
N MET A 146 29.72 -3.11 36.81
CA MET A 146 29.58 -2.41 35.54
C MET A 146 28.13 -2.03 35.32
N ALA A 147 27.88 -0.76 34.97
CA ALA A 147 26.54 -0.28 34.69
C ALA A 147 26.29 -0.02 33.21
N ALA A 148 27.32 0.39 32.47
CA ALA A 148 27.21 0.59 31.02
C ALA A 148 28.61 0.60 30.44
N LYS A 149 28.94 -0.42 29.66
CA LYS A 149 30.25 -0.51 29.04
C LYS A 149 30.34 0.45 27.86
N ALA A 150 31.36 1.30 27.87
CA ALA A 150 31.58 2.25 26.78
C ALA A 150 32.49 1.60 25.74
N LEU A 151 31.99 1.48 24.51
CA LEU A 151 32.77 0.91 23.43
C LEU A 151 33.70 1.93 22.79
N ARG A 152 33.43 3.22 22.99
CA ARG A 152 34.25 4.28 22.44
C ARG A 152 34.80 5.15 23.56
N PRO A 153 36.06 5.53 23.50
CA PRO A 153 36.64 6.36 24.55
C PRO A 153 36.19 7.81 24.44
N LEU A 154 36.21 8.50 25.58
CA LEU A 154 35.91 9.92 25.61
C LEU A 154 37.08 10.71 25.01
N PRO A 155 36.80 11.91 24.50
CA PRO A 155 37.89 12.77 24.02
C PRO A 155 38.82 13.15 25.16
N VAL A 156 40.08 13.41 24.82
CA VAL A 156 41.07 13.74 25.83
C VAL A 156 40.77 15.10 26.46
N ALA A 157 40.28 16.03 25.66
CA ALA A 157 39.87 17.35 26.14
C ALA A 157 38.88 17.93 25.16
N HIS A 158 37.91 18.68 25.68
CA HIS A 158 36.87 19.23 24.83
C HIS A 158 37.41 20.22 23.80
N LYS A 159 38.61 20.77 24.03
CA LYS A 159 39.23 21.63 23.03
C LYS A 159 39.58 20.88 21.75
N GLU A 160 39.69 19.56 21.82
CA GLU A 160 40.02 18.74 20.65
C GLU A 160 38.83 18.51 19.72
N MET A 161 37.62 18.83 20.17
CA MET A 161 36.43 18.68 19.35
C MET A 161 36.15 19.98 18.61
N SER A 162 35.94 19.90 17.29
CA SER A 162 35.55 21.08 16.55
C SER A 162 34.09 21.42 16.87
N GLU A 163 33.66 22.60 16.42
CA GLU A 163 32.27 22.98 16.65
C GLU A 163 31.31 22.09 15.87
N GLU A 164 31.67 21.75 14.63
CA GLU A 164 30.84 20.84 13.85
C GLU A 164 30.77 19.47 14.49
N SER A 165 31.80 19.08 15.25
CA SER A 165 31.77 17.80 15.94
C SER A 165 30.86 17.86 17.18
N ARG A 166 30.79 19.02 17.84
CA ARG A 166 29.89 19.18 18.96
C ARG A 166 28.44 19.12 18.49
N VAL A 167 28.16 19.69 17.31
CA VAL A 167 26.82 19.68 16.76
C VAL A 167 26.44 18.26 16.33
N ARG A 168 27.36 17.55 15.68
CA ARG A 168 27.07 16.22 15.20
C ARG A 168 26.97 15.22 16.34
N GLN A 169 27.64 15.49 17.47
CA GLN A 169 27.68 14.59 18.62
C GLN A 169 27.51 15.41 19.92
N ARG A 170 26.31 15.95 20.11
CA ARG A 170 26.06 16.75 21.32
C ARG A 170 26.17 15.90 22.58
N TYR A 171 25.87 14.59 22.46
CA TYR A 171 25.96 13.71 23.63
C TYR A 171 27.40 13.63 24.15
N VAL A 172 28.38 13.57 23.25
CA VAL A 172 29.78 13.60 23.69
C VAL A 172 30.12 14.97 24.26
N ASP A 173 29.63 16.04 23.63
CA ASP A 173 29.94 17.39 24.07
C ASP A 173 29.45 17.65 25.49
N LEU A 174 28.23 17.20 25.81
CA LEU A 174 27.68 17.42 27.14
C LEU A 174 28.48 16.70 28.23
N ILE A 175 29.22 15.66 27.88
CA ILE A 175 30.02 14.95 28.88
C ILE A 175 31.32 15.67 29.16
N VAL A 176 32.02 16.11 28.11
CA VAL A 176 33.39 16.58 28.26
C VAL A 176 33.52 18.09 28.42
N ARG A 177 32.50 18.86 28.04
CA ARG A 177 32.58 20.32 28.10
C ARG A 177 31.57 20.87 29.11
N PRO A 178 32.02 21.42 30.24
CA PRO A 178 31.06 21.92 31.24
C PRO A 178 30.19 23.04 30.71
N GLN A 179 30.72 23.89 29.83
CA GLN A 179 29.91 24.98 29.29
C GLN A 179 28.78 24.45 28.41
N ALA A 180 29.00 23.31 27.73
CA ALA A 180 27.93 22.69 26.96
C ALA A 180 26.74 22.36 27.85
N ARG A 181 27.01 21.86 29.06
CA ARG A 181 25.93 21.62 30.00
C ARG A 181 25.27 22.92 30.44
N GLU A 182 26.07 23.94 30.73
CA GLU A 182 25.52 25.21 31.23
C GLU A 182 24.58 25.85 30.21
N VAL A 183 25.00 25.90 28.94
CA VAL A 183 24.14 26.49 27.92
C VAL A 183 22.84 25.70 27.80
N ALA A 184 22.92 24.37 27.90
CA ALA A 184 21.72 23.55 27.82
C ALA A 184 20.75 23.88 28.95
N ARG A 185 21.26 23.97 30.18
CA ARG A 185 20.41 24.36 31.30
C ARG A 185 19.94 25.80 31.15
N GLN A 186 20.76 26.64 30.51
CA GLN A 186 20.39 28.04 30.31
C GLN A 186 19.18 28.19 29.40
N ARG A 187 19.15 27.44 28.29
CA ARG A 187 18.01 27.51 27.38
C ARG A 187 16.73 27.07 28.07
N ILE A 188 16.79 25.97 28.83
CA ILE A 188 15.62 25.49 29.55
C ILE A 188 15.13 26.55 30.52
N ALA A 189 16.06 27.29 31.15
CA ALA A 189 15.69 28.31 32.12
C ALA A 189 15.08 29.53 31.44
N VAL A 190 15.63 29.94 30.30
CA VAL A 190 15.11 31.12 29.61
C VAL A 190 13.68 30.88 29.13
N ILE A 191 13.45 29.74 28.49
CA ILE A 191 12.10 29.39 28.05
C ILE A 191 11.16 29.32 29.24
N ARG A 192 11.63 28.76 30.37
CA ARG A 192 10.82 28.70 31.58
C ARG A 192 10.52 30.10 32.09
N ALA A 193 11.48 31.02 31.98
CA ALA A 193 11.27 32.39 32.46
C ALA A 193 10.31 33.15 31.55
N VAL A 194 10.34 32.88 30.25
CA VAL A 194 9.41 33.54 29.32
C VAL A 194 7.97 33.18 29.67
N ARG A 195 7.71 31.91 29.98
CA ARG A 195 6.35 31.49 30.32
C ARG A 195 5.90 32.11 31.63
N ASN A 196 6.78 32.18 32.63
CA ASN A 196 6.41 32.79 33.90
C ASN A 196 6.09 34.26 33.73
N ALA A 197 6.82 34.96 32.85
CA ALA A 197 6.56 36.37 32.60
C ALA A 197 5.19 36.56 31.95
N LEU A 198 4.78 35.63 31.09
CA LEU A 198 3.50 35.76 30.41
C LEU A 198 2.34 35.28 31.28
N GLU A 199 2.57 34.29 32.14
CA GLU A 199 1.51 33.84 33.03
C GLU A 199 1.26 34.82 34.17
N ARG A 200 2.29 35.57 34.57
CA ARG A 200 2.07 36.67 35.53
C ARG A 200 1.14 37.73 34.97
N ARG A 201 1.02 37.82 33.64
CA ARG A 201 0.20 38.84 33.00
C ARG A 201 -1.10 38.28 32.44
N GLY A 202 -1.45 37.04 32.77
CA GLY A 202 -2.73 36.49 32.37
C GLY A 202 -2.80 35.88 30.99
N PHE A 203 -1.66 35.56 30.38
CA PHE A 203 -1.65 34.91 29.07
C PHE A 203 -1.81 33.40 29.23
N LEU A 204 -2.67 32.80 28.41
CA LEU A 204 -2.85 31.36 28.35
C LEU A 204 -2.12 30.80 27.13
N GLU A 205 -1.58 29.59 27.28
CA GLU A 205 -0.85 28.94 26.20
C GLU A 205 -1.75 27.92 25.51
N VAL A 206 -1.86 28.04 24.20
CA VAL A 206 -2.69 27.14 23.39
C VAL A 206 -1.81 26.45 22.37
N GLU A 207 -2.37 25.42 21.73
CA GLU A 207 -1.71 24.70 20.66
C GLU A 207 -2.49 24.91 19.37
N THR A 208 -1.83 25.48 18.37
CA THR A 208 -2.38 25.63 17.04
C THR A 208 -1.65 24.69 16.07
N PRO A 209 -2.30 24.29 14.98
CA PRO A 209 -1.72 23.22 14.14
C PRO A 209 -0.40 23.63 13.50
N MET A 210 0.48 22.64 13.35
CA MET A 210 1.74 22.83 12.65
C MET A 210 1.69 22.38 11.20
N LEU A 211 0.86 21.39 10.89
CA LEU A 211 0.55 21.07 9.51
C LEU A 211 -0.69 21.85 9.10
N GLN A 212 -0.56 22.66 8.04
CA GLN A 212 -1.62 23.54 7.59
C GLN A 212 -1.86 23.37 6.10
N THR A 213 -3.13 23.52 5.69
CA THR A 213 -3.47 23.47 4.28
C THR A 213 -3.05 24.73 3.54
N LEU A 214 -2.81 25.82 4.27
CA LEU A 214 -2.27 27.05 3.70
C LEU A 214 -1.44 27.72 4.79
N ALA A 215 -0.16 27.96 4.51
CA ALA A 215 0.78 28.45 5.52
C ALA A 215 0.91 29.97 5.38
N GLY A 216 0.20 30.69 6.24
CA GLY A 216 0.28 32.13 6.29
C GLY A 216 0.90 32.63 7.58
N GLY A 217 0.76 33.94 7.80
CA GLY A 217 1.22 34.56 9.02
C GLY A 217 2.60 35.17 8.95
N ALA A 218 3.32 34.99 7.85
CA ALA A 218 4.66 35.53 7.68
C ALA A 218 5.02 35.49 6.20
N ALA A 219 6.13 36.13 5.86
CA ALA A 219 6.66 36.15 4.50
C ALA A 219 7.86 35.20 4.44
N ALA A 220 7.58 33.94 4.11
CA ALA A 220 8.64 32.94 4.06
C ALA A 220 8.22 31.77 3.18
N ARG A 221 9.20 31.10 2.59
CA ARG A 221 8.94 29.90 1.81
CA ARG A 221 8.93 29.91 1.81
C ARG A 221 8.68 28.72 2.74
N PRO A 222 7.61 27.97 2.55
CA PRO A 222 7.28 26.87 3.47
C PRO A 222 7.84 25.53 3.02
N PHE A 223 7.91 24.61 3.99
CA PHE A 223 8.14 23.21 3.68
C PHE A 223 6.83 22.57 3.24
N VAL A 224 6.88 21.76 2.19
CA VAL A 224 5.71 21.11 1.62
C VAL A 224 5.83 19.60 1.82
N THR A 225 4.75 18.98 2.28
CA THR A 225 4.71 17.54 2.46
C THR A 225 3.36 17.02 1.99
N HIS A 226 3.32 15.74 1.65
CA HIS A 226 2.11 15.10 1.13
C HIS A 226 1.44 14.28 2.22
N SER A 227 0.12 14.44 2.35
CA SER A 227 -0.67 13.70 3.32
C SER A 227 -1.42 12.58 2.63
N ASN A 228 -1.27 11.36 3.15
CA ASN A 228 -2.01 10.23 2.61
C ASN A 228 -3.42 10.16 3.18
N ALA A 229 -3.63 10.73 4.37
CA ALA A 229 -4.96 10.74 4.95
C ALA A 229 -5.90 11.65 4.18
N LEU A 230 -5.40 12.81 3.74
CA LEU A 230 -6.22 13.80 3.05
C LEU A 230 -5.97 13.87 1.55
N ASP A 231 -4.95 13.18 1.05
CA ASP A 231 -4.64 13.14 -0.39
C ASP A 231 -4.45 14.54 -0.97
N ILE A 232 -3.74 15.40 -0.23
CA ILE A 232 -3.42 16.74 -0.67
C ILE A 232 -2.05 17.11 -0.09
N ASP A 233 -1.53 18.26 -0.51
CA ASP A 233 -0.25 18.76 -0.02
C ASP A 233 -0.50 19.63 1.21
N LEU A 234 0.18 19.31 2.30
CA LEU A 234 0.15 20.10 3.51
C LEU A 234 1.44 20.90 3.66
N TYR A 235 1.37 21.94 4.47
CA TYR A 235 2.49 22.86 4.66
C TYR A 235 2.83 22.96 6.14
N LEU A 236 4.11 22.83 6.46
CA LEU A 236 4.55 23.13 7.81
C LEU A 236 4.38 24.61 8.09
N ARG A 237 3.89 24.93 9.28
CA ARG A 237 3.54 26.31 9.58
C ARG A 237 4.78 27.19 9.58
N ILE A 238 4.66 28.37 8.98
CA ILE A 238 5.70 29.37 9.06
C ILE A 238 5.46 30.35 10.20
N ALA A 239 4.24 30.37 10.75
CA ALA A 239 3.86 31.23 11.86
C ALA A 239 2.51 30.76 12.39
N PRO A 240 2.27 30.88 13.70
CA PRO A 240 0.93 30.61 14.24
C PRO A 240 -0.02 31.80 14.22
N GLU A 241 0.36 32.90 13.55
CA GLU A 241 -0.37 34.16 13.68
C GLU A 241 -1.83 34.02 13.28
N LEU A 242 -2.09 33.42 12.12
CA LEU A 242 -3.45 33.38 11.60
C LEU A 242 -4.36 32.50 12.45
N PHE A 243 -3.80 31.52 13.16
CA PHE A 243 -4.61 30.70 14.05
C PHE A 243 -4.72 31.29 15.45
N LEU A 244 -3.70 32.02 15.91
CA LEU A 244 -3.83 32.71 17.19
C LEU A 244 -4.86 33.83 17.10
N LYS A 245 -5.00 34.46 15.93
CA LYS A 245 -6.03 35.48 15.75
C LYS A 245 -7.42 34.86 15.75
N ARG A 246 -7.57 33.65 15.21
CA ARG A 246 -8.84 32.95 15.33
C ARG A 246 -9.19 32.67 16.78
N CYS A 247 -8.17 32.46 17.63
CA CYS A 247 -8.43 32.33 19.06
C CYS A 247 -8.93 33.64 19.65
N ILE A 248 -8.41 34.77 19.16
CA ILE A 248 -8.88 36.07 19.62
C ILE A 248 -10.35 36.27 19.26
N VAL A 249 -10.71 35.92 18.03
CA VAL A 249 -12.12 35.95 17.62
C VAL A 249 -12.95 35.04 18.52
N GLY A 250 -12.40 33.88 18.87
CA GLY A 250 -13.14 32.90 19.66
C GLY A 250 -13.37 33.30 21.10
N GLY A 251 -12.54 34.19 21.64
CA GLY A 251 -12.76 34.66 22.99
C GLY A 251 -11.55 34.60 23.90
N PHE A 252 -10.41 34.13 23.40
CA PHE A 252 -9.19 34.20 24.18
C PHE A 252 -8.77 35.65 24.33
N ASP A 253 -8.73 36.14 25.57
CA ASP A 253 -8.41 37.54 25.79
C ASP A 253 -6.91 37.79 25.69
N ARG A 254 -6.11 36.94 26.34
CA ARG A 254 -4.65 37.02 26.30
C ARG A 254 -4.12 35.61 26.06
N VAL A 255 -3.49 35.41 24.92
CA VAL A 255 -3.11 34.07 24.46
C VAL A 255 -1.71 34.13 23.87
N PHE A 256 -0.99 33.01 24.00
CA PHE A 256 0.35 32.90 23.41
C PHE A 256 0.63 31.45 23.06
N GLU A 257 1.64 31.26 22.22
CA GLU A 257 2.11 29.93 21.85
C GLU A 257 3.62 29.99 21.69
N LEU A 258 4.34 29.15 22.42
CA LEU A 258 5.80 29.11 22.39
C LEU A 258 6.21 27.73 21.87
N ASN A 259 6.38 27.62 20.56
CA ASN A 259 6.63 26.32 19.95
C ASN A 259 7.35 26.53 18.62
N ARG A 260 7.47 25.45 17.86
CA ARG A 260 8.31 25.42 16.67
C ARG A 260 7.60 26.02 15.47
N VAL A 261 8.37 26.68 14.61
CA VAL A 261 7.92 27.07 13.28
C VAL A 261 8.99 26.61 12.29
N PHE A 262 8.62 26.58 11.02
CA PHE A 262 9.44 25.98 9.98
C PHE A 262 9.45 26.89 8.76
N ARG A 263 10.64 27.30 8.33
CA ARG A 263 10.78 28.21 7.20
C ARG A 263 11.88 27.68 6.29
N ASN A 264 11.54 27.47 5.02
CA ASN A 264 12.43 26.77 4.09
C ASN A 264 13.39 27.79 3.45
N GLU A 265 14.35 28.21 4.25
CA GLU A 265 15.39 29.12 3.80
C GLU A 265 16.48 28.35 3.05
N GLY A 266 17.20 29.05 2.18
CA GLY A 266 18.22 28.44 1.34
C GLY A 266 19.55 29.17 1.35
N SER A 267 20.57 28.58 1.96
CA SER A 267 21.91 29.16 1.99
C SER A 267 21.91 30.56 2.62
N ASP A 268 21.28 30.66 3.79
CA ASP A 268 21.19 31.93 4.52
C ASP A 268 21.38 31.67 6.00
N SER A 269 22.32 32.41 6.61
CA SER A 269 22.72 32.15 7.99
C SER A 269 21.92 33.01 8.95
N THR A 270 22.21 32.85 10.24
CA THR A 270 21.51 33.50 11.35
C THR A 270 20.08 33.00 11.49
N HIS A 271 19.54 32.39 10.42
CA HIS A 271 18.21 31.81 10.43
C HIS A 271 18.30 30.31 10.16
N SER A 272 17.73 29.51 11.05
CA SER A 272 17.69 28.08 10.82
C SER A 272 16.34 27.67 10.24
N PRO A 273 16.27 26.58 9.48
CA PRO A 273 14.97 26.16 8.93
C PRO A 273 13.93 25.80 9.98
N GLU A 274 14.35 25.48 11.20
CA GLU A 274 13.43 25.12 12.27
C GLU A 274 13.90 25.80 13.54
N PHE A 275 13.02 26.59 14.17
CA PHE A 275 13.36 27.29 15.39
C PHE A 275 12.12 27.49 16.24
N SER A 276 12.35 27.75 17.52
CA SER A 276 11.28 28.00 18.47
C SER A 276 10.86 29.47 18.42
N MET A 277 9.56 29.72 18.39
CA MET A 277 9.02 31.06 18.28
C MET A 277 7.97 31.32 19.34
N LEU A 278 7.97 32.54 19.88
CA LEU A 278 6.94 33.01 20.79
C LEU A 278 6.07 34.03 20.06
N GLU A 279 4.75 33.79 20.06
CA GLU A 279 3.79 34.77 19.60
C GLU A 279 2.74 34.98 20.69
N THR A 280 2.47 36.24 21.02
CA THR A 280 1.48 36.59 22.02
C THR A 280 0.44 37.52 21.40
N TYR A 281 -0.81 37.39 21.87
CA TYR A 281 -1.89 38.26 21.42
C TYR A 281 -2.71 38.69 22.62
N GLN A 282 -3.02 39.99 22.68
CA GLN A 282 -3.65 40.60 23.84
C GLN A 282 -4.70 41.58 23.34
N THR A 283 -5.95 41.39 23.75
CA THR A 283 -7.02 42.24 23.27
C THR A 283 -7.01 43.60 23.96
N TYR A 284 -7.53 44.61 23.25
CA TYR A 284 -7.66 45.97 23.75
C TYR A 284 -6.32 46.53 24.20
N GLY A 285 -5.28 46.23 23.41
CA GLY A 285 -4.01 46.91 23.53
C GLY A 285 -3.47 47.24 22.15
N THR A 286 -2.62 48.25 22.10
CA THR A 286 -1.98 48.68 20.87
C THR A 286 -0.52 48.23 20.88
N TYR A 287 0.19 48.59 19.81
CA TYR A 287 1.61 48.25 19.74
C TYR A 287 2.43 49.01 20.77
N ASP A 288 1.90 50.09 21.33
CA ASP A 288 2.56 50.76 22.45
C ASP A 288 2.50 49.89 23.70
N ASP A 289 1.38 49.20 23.92
CA ASP A 289 1.23 48.38 25.12
C ASP A 289 2.07 47.12 25.03
N SER A 290 2.18 46.53 23.85
CA SER A 290 2.99 45.33 23.70
C SER A 290 4.47 45.63 23.70
N ALA A 291 4.87 46.83 23.29
CA ALA A 291 6.27 47.23 23.37
C ALA A 291 6.72 47.33 24.83
N LEU A 292 5.85 47.84 25.70
CA LEU A 292 6.17 47.91 27.12
C LEU A 292 6.28 46.51 27.71
N ILE A 293 5.33 45.63 27.38
CA ILE A 293 5.34 44.27 27.93
C ILE A 293 6.57 43.51 27.44
N THR A 294 6.92 43.67 26.16
CA THR A 294 8.08 42.95 25.62
C THR A 294 9.37 43.36 26.32
N ARG A 295 9.54 44.67 26.58
CA ARG A 295 10.72 45.12 27.30
C ARG A 295 10.75 44.58 28.72
N GLU A 296 9.62 44.66 29.43
CA GLU A 296 9.57 44.15 30.79
C GLU A 296 9.80 42.64 30.82
N LEU A 297 9.29 41.93 29.81
CA LEU A 297 9.47 40.49 29.75
C LEU A 297 10.93 40.11 29.56
N ILE A 298 11.60 40.76 28.60
CA ILE A 298 13.01 40.47 28.35
C ILE A 298 13.86 40.77 29.58
N GLN A 299 13.58 41.90 30.23
CA GLN A 299 14.33 42.27 31.42
C GLN A 299 14.04 41.32 32.58
N GLU A 300 12.79 40.85 32.69
CA GLU A 300 12.46 39.88 33.72
C GLU A 300 13.11 38.53 33.43
N VAL A 301 13.15 38.12 32.15
CA VAL A 301 13.80 36.86 31.79
C VAL A 301 15.29 36.94 32.09
N ALA A 302 15.91 38.10 31.86
CA ALA A 302 17.31 38.26 32.19
C ALA A 302 17.54 38.10 33.69
N ASP A 303 16.65 38.66 34.51
CA ASP A 303 16.80 38.53 35.96
C ASP A 303 16.65 37.08 36.40
N GLU A 304 15.67 36.37 35.83
CA GLU A 304 15.34 35.03 36.31
C GLU A 304 16.32 33.98 35.80
N ALA A 305 16.70 34.05 34.53
CA ALA A 305 17.49 32.99 33.90
C ALA A 305 18.98 33.29 33.81
N ILE A 306 19.37 34.55 33.66
CA ILE A 306 20.77 34.91 33.53
C ILE A 306 21.31 35.39 34.87
N GLY A 307 20.46 36.07 35.64
CA GLY A 307 20.85 36.56 36.94
C GLY A 307 21.27 38.01 36.98
N THR A 308 21.27 38.69 35.84
CA THR A 308 21.70 40.09 35.78
C THR A 308 21.15 40.72 34.52
N ARG A 309 21.06 42.04 34.54
CA ARG A 309 20.80 42.83 33.33
C ARG A 309 22.08 43.43 32.76
N GLN A 310 23.23 43.08 33.34
CA GLN A 310 24.54 43.42 32.81
C GLN A 310 25.10 42.15 32.17
N LEU A 311 24.73 41.93 30.91
CA LEU A 311 24.95 40.63 30.28
C LEU A 311 26.41 40.48 29.86
N SER A 312 27.06 39.45 30.38
CA SER A 312 28.43 39.12 29.97
C SER A 312 28.42 38.46 28.60
N MET A 313 29.32 38.90 27.75
CA MET A 313 29.43 38.41 26.38
C MET A 313 30.71 37.59 26.20
N PRO A 314 30.73 36.69 25.21
CA PRO A 314 31.92 35.85 25.02
C PRO A 314 33.20 36.64 24.80
N ASP A 315 33.13 37.82 24.17
CA ASP A 315 34.33 38.62 23.93
C ASP A 315 34.80 39.36 25.18
N GLY A 316 34.13 39.20 26.31
CA GLY A 316 34.51 39.85 27.55
C GLY A 316 33.75 41.13 27.86
N SER A 317 33.05 41.70 26.90
CA SER A 317 32.31 42.93 27.16
C SER A 317 31.06 42.63 27.99
N VAL A 318 30.42 43.69 28.47
CA VAL A 318 29.21 43.60 29.27
C VAL A 318 28.16 44.48 28.63
N TYR A 319 27.01 43.89 28.29
CA TYR A 319 25.94 44.59 27.59
C TYR A 319 24.83 44.94 28.57
N ASP A 320 24.37 46.19 28.52
CA ASP A 320 23.37 46.71 29.43
C ASP A 320 22.00 46.73 28.75
N ILE A 321 21.06 45.95 29.26
CA ILE A 321 19.68 45.94 28.78
C ILE A 321 18.72 46.53 29.81
N ASP A 322 19.24 47.14 30.87
CA ASP A 322 18.39 47.67 31.93
C ASP A 322 17.81 49.03 31.51
N GLY A 323 16.80 49.48 32.25
CA GLY A 323 16.21 50.77 32.03
C GLY A 323 15.24 50.79 30.86
N GLU A 324 14.86 52.01 30.50
CA GLU A 324 13.99 52.23 29.36
C GLU A 324 14.79 52.30 28.08
N TRP A 325 14.16 51.92 26.98
CA TRP A 325 14.82 51.81 25.68
C TRP A 325 14.36 52.92 24.76
N ALA A 326 15.26 53.34 23.88
CA ALA A 326 14.95 54.42 22.95
C ALA A 326 13.93 53.95 21.92
N THR A 327 13.14 54.91 21.43
CA THR A 327 12.13 54.66 20.40
C THR A 327 12.29 55.69 19.30
N MET A 328 12.19 55.24 18.06
CA MET A 328 12.30 56.12 16.91
C MET A 328 11.35 55.66 15.81
N GLU A 329 10.96 56.60 14.95
CA GLU A 329 10.15 56.29 13.79
C GLU A 329 11.05 56.03 12.59
N MET A 330 10.63 55.11 11.74
CA MET A 330 11.47 54.70 10.62
C MET A 330 11.68 55.85 9.64
N TYR A 331 10.60 56.46 9.16
CA TYR A 331 10.75 57.55 8.19
C TYR A 331 11.46 58.74 8.80
N SER A 332 11.14 59.08 10.04
CA SER A 332 11.73 60.25 10.69
C SER A 332 13.22 60.05 10.92
N SER A 333 13.61 58.90 11.50
CA SER A 333 15.01 58.67 11.79
C SER A 333 15.83 58.45 10.54
N LEU A 334 15.24 57.82 9.51
CA LEU A 334 15.94 57.67 8.24
C LEU A 334 16.18 59.03 7.60
N SER A 335 15.23 59.96 7.74
CA SER A 335 15.41 61.29 7.19
C SER A 335 16.56 62.02 7.88
N GLU A 336 16.70 61.85 9.20
CA GLU A 336 17.80 62.49 9.91
C GLU A 336 19.14 61.92 9.47
N ALA A 337 19.23 60.61 9.31
CA ALA A 337 20.50 59.98 8.92
C ALA A 337 20.90 60.33 7.49
N LEU A 338 19.94 60.68 6.63
CA LEU A 338 20.25 61.01 5.24
C LEU A 338 20.39 62.51 5.00
N GLY A 339 19.84 63.35 5.89
CA GLY A 339 19.77 64.77 5.64
C GLY A 339 18.67 65.19 4.70
N GLU A 340 17.92 64.25 4.14
CA GLU A 340 16.80 64.51 3.25
C GLU A 340 15.55 63.87 3.83
N GLN A 341 14.44 64.61 3.83
CA GLN A 341 13.20 64.08 4.35
C GLN A 341 12.66 63.00 3.42
N ILE A 342 12.42 61.81 3.98
CA ILE A 342 11.84 60.69 3.26
C ILE A 342 10.43 60.49 3.79
N THR A 343 9.46 60.43 2.89
CA THR A 343 8.04 60.31 3.20
C THR A 343 7.46 59.15 2.42
N PRO A 344 6.29 58.65 2.82
CA PRO A 344 5.62 57.59 2.04
C PRO A 344 5.42 57.93 0.56
N GLU A 345 5.42 59.22 0.23
CA GLU A 345 5.25 59.67 -1.14
C GLU A 345 6.55 59.73 -1.94
N THR A 346 7.69 59.41 -1.30
CA THR A 346 8.96 59.41 -2.02
C THR A 346 8.96 58.33 -3.10
N THR A 347 9.37 58.72 -4.30
CA THR A 347 9.31 57.82 -5.45
C THR A 347 10.37 56.71 -5.31
N VAL A 348 10.10 55.60 -6.00
CA VAL A 348 11.05 54.48 -6.02
C VAL A 348 12.34 54.89 -6.71
N ALA A 349 12.25 55.76 -7.73
CA ALA A 349 13.45 56.24 -8.40
C ALA A 349 14.32 57.06 -7.44
N ARG A 350 13.69 57.93 -6.63
CA ARG A 350 14.45 58.72 -5.68
C ARG A 350 15.13 57.84 -4.64
N LEU A 351 14.44 56.79 -4.18
CA LEU A 351 15.05 55.88 -3.20
C LEU A 351 16.22 55.13 -3.81
N ARG A 352 16.10 54.71 -5.08
CA ARG A 352 17.20 54.02 -5.74
C ARG A 352 18.37 54.95 -6.00
N ASP A 353 18.09 56.25 -6.20
CA ASP A 353 19.18 57.21 -6.40
C ASP A 353 19.94 57.45 -5.11
N ILE A 354 19.24 57.50 -3.97
CA ILE A 354 19.91 57.64 -2.68
C ILE A 354 20.76 56.41 -2.39
N ALA A 355 20.27 55.22 -2.74
CA ALA A 355 21.03 54.00 -2.50
C ALA A 355 22.30 53.96 -3.35
N SER A 356 22.21 54.39 -4.60
CA SER A 356 23.39 54.42 -5.47
C SER A 356 24.43 55.40 -4.93
N GLY A 357 23.99 56.53 -4.38
CA GLY A 357 24.90 57.50 -3.82
C GLY A 357 25.57 57.06 -2.55
N LEU A 358 24.97 56.11 -1.82
CA LEU A 358 25.54 55.57 -0.60
C LEU A 358 26.30 54.27 -0.81
N ASP A 359 26.45 53.82 -2.06
CA ASP A 359 27.13 52.57 -2.38
C ASP A 359 26.44 51.39 -1.68
N VAL A 360 25.10 51.41 -1.69
CA VAL A 360 24.30 50.35 -1.11
C VAL A 360 23.81 49.44 -2.22
N GLU A 361 23.94 48.14 -2.03
CA GLU A 361 23.55 47.15 -3.03
C GLU A 361 22.11 46.73 -2.77
N ILE A 362 21.20 47.14 -3.63
CA ILE A 362 19.82 46.67 -3.58
C ILE A 362 19.79 45.26 -4.17
N ASP A 363 19.33 44.30 -3.38
CA ASP A 363 19.52 42.88 -3.68
C ASP A 363 18.61 42.36 -4.78
N ASN A 364 18.51 43.08 -5.91
CA ASN A 364 17.80 42.62 -7.09
C ASN A 364 16.34 42.26 -6.81
N SER A 365 16.11 41.32 -5.89
CA SER A 365 14.76 40.98 -5.50
C SER A 365 14.05 42.14 -4.78
N VAL A 366 14.81 42.99 -4.09
CA VAL A 366 14.23 44.13 -3.39
C VAL A 366 13.67 45.10 -4.43
N PHE A 367 12.38 45.43 -4.29
CA PHE A 367 11.74 46.42 -5.14
C PHE A 367 10.52 46.96 -4.43
N GLY A 368 10.08 48.14 -4.85
CA GLY A 368 8.94 48.79 -4.26
C GLY A 368 9.34 49.84 -3.23
N HIS A 369 8.40 50.72 -2.91
CA HIS A 369 8.68 51.79 -1.96
C HIS A 369 9.01 51.22 -0.57
N GLY A 370 8.20 50.28 -0.10
CA GLY A 370 8.36 49.80 1.27
C GLY A 370 9.67 49.09 1.50
N LYS A 371 10.01 48.13 0.64
CA LYS A 371 11.24 47.37 0.81
C LYS A 371 12.47 48.27 0.70
N LEU A 372 12.41 49.27 -0.18
CA LEU A 372 13.55 50.17 -0.34
C LEU A 372 13.72 51.07 0.88
N VAL A 373 12.62 51.56 1.46
CA VAL A 373 12.70 52.37 2.67
C VAL A 373 13.28 51.55 3.82
N GLU A 374 12.87 50.28 3.92
CA GLU A 374 13.39 49.43 4.98
C GLU A 374 14.88 49.16 4.78
N GLU A 375 15.29 48.86 3.55
CA GLU A 375 16.71 48.59 3.29
C GLU A 375 17.57 49.83 3.58
N LEU A 376 17.08 51.01 3.23
CA LEU A 376 17.82 52.23 3.50
C LEU A 376 17.91 52.51 5.00
N TRP A 377 16.82 52.26 5.74
CA TRP A 377 16.87 52.49 7.18
C TRP A 377 17.82 51.51 7.85
N GLU A 378 17.84 50.25 7.39
CA GLU A 378 18.74 49.28 7.99
C GLU A 378 20.20 49.66 7.76
N HIS A 379 20.51 50.18 6.57
CA HIS A 379 21.89 50.54 6.26
C HIS A 379 22.31 51.82 6.98
N ALA A 380 21.40 52.79 7.08
CA ALA A 380 21.75 54.10 7.62
C ALA A 380 21.51 54.23 9.12
N VAL A 381 20.63 53.42 9.69
CA VAL A 381 20.27 53.56 11.10
C VAL A 381 20.40 52.22 11.82
N GLY A 382 19.83 51.16 11.22
CA GLY A 382 19.69 49.90 11.95
C GLY A 382 21.02 49.25 12.27
N ASN A 383 21.92 49.18 11.29
CA ASN A 383 23.20 48.52 11.50
C ASN A 383 24.10 49.28 12.47
N LYS A 384 23.89 50.58 12.64
CA LYS A 384 24.70 51.39 13.54
C LYS A 384 24.18 51.39 14.97
N LEU A 385 23.05 50.74 15.24
CA LEU A 385 22.49 50.72 16.58
C LEU A 385 23.28 49.79 17.50
N THR A 386 23.39 50.18 18.77
CA THR A 386 24.07 49.37 19.78
C THR A 386 23.16 49.07 20.96
N ALA A 387 22.55 50.09 21.56
CA ALA A 387 21.65 49.92 22.68
C ALA A 387 20.30 49.37 22.20
N PRO A 388 19.51 48.79 23.10
CA PRO A 388 18.17 48.33 22.71
C PRO A 388 17.31 49.48 22.21
N THR A 389 16.73 49.30 21.03
CA THR A 389 16.00 50.36 20.35
C THR A 389 14.76 49.81 19.69
N PHE A 390 13.66 50.54 19.83
CA PHE A 390 12.43 50.29 19.08
C PHE A 390 12.39 51.20 17.86
N VAL A 391 12.01 50.64 16.72
CA VAL A 391 11.72 51.41 15.52
C VAL A 391 10.28 51.11 15.13
N LYS A 392 9.47 52.16 15.03
CA LYS A 392 8.03 51.99 14.83
C LYS A 392 7.56 52.72 13.58
N ASP A 393 6.30 52.44 13.23
CA ASP A 393 5.61 53.04 12.10
C ASP A 393 6.29 52.67 10.78
N PHE A 394 5.92 51.52 10.22
CA PHE A 394 6.51 50.91 9.04
C PHE A 394 5.69 51.23 7.79
N PRO A 395 6.29 51.12 6.61
CA PRO A 395 5.50 51.31 5.38
C PRO A 395 4.40 50.26 5.27
N VAL A 396 3.27 50.68 4.69
CA VAL A 396 2.11 49.79 4.59
C VAL A 396 2.39 48.66 3.61
N GLU A 397 3.25 48.88 2.62
CA GLU A 397 3.49 47.88 1.59
C GLU A 397 4.09 46.60 2.17
N THR A 398 4.84 46.71 3.26
CA THR A 398 5.57 45.56 3.80
C THR A 398 4.99 45.05 5.12
N THR A 399 3.78 45.47 5.49
CA THR A 399 3.14 45.03 6.73
C THR A 399 1.67 44.71 6.46
N PRO A 400 1.40 43.60 5.76
CA PRO A 400 0.01 43.35 5.33
C PRO A 400 -0.95 43.04 6.46
N LEU A 401 -0.48 42.50 7.59
CA LEU A 401 -1.33 42.11 8.70
C LEU A 401 -1.37 43.17 9.80
N THR A 402 -0.79 44.34 9.55
CA THR A 402 -0.68 45.37 10.57
C THR A 402 -1.68 46.49 10.29
N ARG A 403 -2.32 46.98 11.34
CA ARG A 403 -3.30 48.06 11.19
C ARG A 403 -2.60 49.35 10.77
N GLN A 404 -3.30 50.15 9.97
CA GLN A 404 -2.78 51.45 9.59
C GLN A 404 -2.75 52.39 10.79
N HIS A 405 -1.88 53.38 10.72
CA HIS A 405 -1.66 54.30 11.82
C HIS A 405 -2.92 55.12 12.09
N ARG A 406 -3.07 55.58 13.34
CA ARG A 406 -4.24 56.38 13.73
C ARG A 406 -4.34 57.64 12.89
N SER A 407 -3.23 58.36 12.75
CA SER A 407 -3.19 59.67 12.12
C SER A 407 -2.27 59.71 10.91
N ILE A 408 -1.07 59.17 11.02
CA ILE A 408 -0.07 59.27 9.95
C ILE A 408 -0.50 58.39 8.79
N PRO A 409 -0.63 58.94 7.58
CA PRO A 409 -1.01 58.12 6.43
C PRO A 409 0.17 57.35 5.86
N GLY A 410 -0.14 56.23 5.23
CA GLY A 410 0.85 55.42 4.54
C GLY A 410 1.73 54.55 5.42
N VAL A 411 1.56 54.59 6.74
CA VAL A 411 2.34 53.78 7.66
C VAL A 411 1.40 52.97 8.54
N THR A 412 1.94 51.89 9.10
CA THR A 412 1.20 50.97 9.94
C THR A 412 1.81 50.94 11.34
N GLU A 413 1.00 50.51 12.31
CA GLU A 413 1.42 50.50 13.71
C GLU A 413 2.16 49.20 14.02
N LYS A 414 3.43 49.19 13.61
CA LYS A 414 4.33 48.08 13.87
C LYS A 414 5.64 48.61 14.45
N TRP A 415 6.21 47.87 15.40
CA TRP A 415 7.55 48.16 15.88
C TRP A 415 8.43 46.92 15.76
N ASP A 416 9.72 47.18 15.50
CA ASP A 416 10.77 46.16 15.55
C ASP A 416 11.74 46.50 16.67
N LEU A 417 12.10 45.49 17.45
CA LEU A 417 13.01 45.65 18.57
C LEU A 417 14.40 45.17 18.15
N TYR A 418 15.38 46.06 18.26
CA TYR A 418 16.78 45.74 17.97
C TYR A 418 17.56 45.73 19.28
N VAL A 419 18.17 44.59 19.59
CA VAL A 419 19.02 44.44 20.77
C VAL A 419 20.40 44.00 20.29
N ARG A 420 21.42 44.76 20.67
CA ARG A 420 22.80 44.50 20.25
C ARG A 420 22.94 44.43 18.73
N GLY A 421 22.17 45.25 18.01
CA GLY A 421 22.23 45.30 16.57
C GLY A 421 21.48 44.19 15.85
N VAL A 422 20.75 43.33 16.56
CA VAL A 422 20.05 42.21 15.96
C VAL A 422 18.54 42.42 16.13
N GLU A 423 17.80 42.15 15.06
CA GLU A 423 16.34 42.19 15.13
C GLU A 423 15.85 41.06 16.03
N LEU A 424 15.22 41.40 17.14
CA LEU A 424 14.84 40.45 18.18
C LEU A 424 13.35 40.17 18.24
N ALA A 425 12.53 41.22 18.30
CA ALA A 425 11.10 41.05 18.48
C ALA A 425 10.37 42.05 17.60
N THR A 426 9.09 41.77 17.38
CA THR A 426 8.23 42.62 16.58
C THR A 426 6.84 42.65 17.20
N GLY A 427 6.15 43.78 17.05
CA GLY A 427 4.81 43.91 17.57
C GLY A 427 3.89 44.74 16.70
N TYR A 428 2.63 44.33 16.57
CA TYR A 428 1.67 45.02 15.73
C TYR A 428 0.50 45.54 16.56
N SER A 429 -0.14 46.59 16.04
CA SER A 429 -1.56 46.83 16.29
C SER A 429 -2.30 46.04 15.22
N GLU A 430 -2.99 44.97 15.63
CA GLU A 430 -3.48 44.00 14.67
C GLU A 430 -4.56 44.58 13.78
N LEU A 431 -4.51 44.23 12.50
CA LEU A 431 -5.54 44.63 11.54
C LEU A 431 -6.73 43.69 11.69
N ASN A 432 -7.84 44.21 12.20
CA ASN A 432 -9.05 43.43 12.38
C ASN A 432 -10.14 43.78 11.37
N ASP A 433 -9.97 44.83 10.59
CA ASP A 433 -10.91 45.20 9.55
C ASP A 433 -10.86 44.16 8.44
N PRO A 434 -11.91 43.36 8.23
CA PRO A 434 -11.83 42.30 7.22
C PRO A 434 -11.79 42.81 5.80
N VAL A 435 -12.41 43.97 5.52
CA VAL A 435 -12.39 44.51 4.17
C VAL A 435 -11.00 45.04 3.83
N VAL A 436 -10.37 45.75 4.78
CA VAL A 436 -9.01 46.24 4.56
C VAL A 436 -8.03 45.08 4.47
N GLN A 437 -8.22 44.05 5.29
CA GLN A 437 -7.31 42.90 5.27
C GLN A 437 -7.34 42.20 3.92
N ARG A 438 -8.52 42.13 3.29
CA ARG A 438 -8.62 41.55 1.96
C ARG A 438 -7.91 42.42 0.92
N ASP A 439 -7.91 43.74 1.12
CA ASP A 439 -7.19 44.62 0.21
C ASP A 439 -5.69 44.44 0.32
N ARG A 440 -5.19 44.20 1.54
CA ARG A 440 -3.77 43.93 1.73
C ARG A 440 -3.34 42.66 0.99
N PHE A 441 -4.19 41.63 1.04
CA PHE A 441 -3.88 40.40 0.32
C PHE A 441 -3.90 40.61 -1.18
N ALA A 442 -4.74 41.52 -1.68
CA ALA A 442 -4.70 41.85 -3.10
C ALA A 442 -3.41 42.55 -3.47
N ASP A 443 -2.86 43.35 -2.56
CA ASP A 443 -1.55 43.97 -2.79
C ASP A 443 -0.44 42.93 -2.73
N GLN A 444 -0.59 41.93 -1.85
CA GLN A 444 0.36 40.83 -1.81
C GLN A 444 0.32 40.01 -3.10
N ALA A 445 -0.87 39.88 -3.70
CA ALA A 445 -0.97 39.16 -4.97
C ALA A 445 -0.23 39.89 -6.08
N ARG A 446 -0.33 41.22 -6.13
CA ARG A 446 0.38 41.98 -7.16
C ARG A 446 1.89 41.94 -6.94
N ALA A 447 2.33 41.88 -5.68
CA ALA A 447 3.76 41.68 -5.42
C ALA A 447 4.20 40.29 -5.86
N ALA A 448 3.36 39.28 -5.65
CA ALA A 448 3.68 37.93 -6.09
C ALA A 448 3.79 37.84 -7.62
N ALA A 449 2.98 38.62 -8.33
CA ALA A 449 3.07 38.64 -9.79
C ALA A 449 4.35 39.30 -10.28
N ALA A 450 4.98 40.13 -9.45
CA ALA A 450 6.23 40.78 -9.82
C ALA A 450 7.46 39.93 -9.54
N GLY A 451 7.31 38.78 -8.92
CA GLY A 451 8.44 37.89 -8.65
C GLY A 451 8.70 37.59 -7.19
N ASP A 452 7.87 38.08 -6.26
CA ASP A 452 8.09 37.85 -4.83
C ASP A 452 7.48 36.50 -4.46
N ASP A 453 8.33 35.48 -4.36
CA ASP A 453 7.88 34.15 -3.99
C ASP A 453 7.64 34.00 -2.49
N GLU A 454 7.84 35.05 -1.70
CA GLU A 454 7.56 35.05 -0.27
C GLU A 454 6.28 35.81 0.09
N ALA A 455 5.58 36.38 -0.90
CA ALA A 455 4.37 37.13 -0.62
C ALA A 455 3.30 36.21 -0.03
N MET A 456 2.40 36.80 0.76
CA MET A 456 1.36 36.05 1.44
C MET A 456 0.22 35.73 0.49
N GLN A 457 -0.18 34.47 0.45
CA GLN A 457 -1.34 34.08 -0.32
C GLN A 457 -2.61 34.41 0.45
N LEU A 458 -3.68 34.70 -0.29
CA LEU A 458 -4.96 35.05 0.34
C LEU A 458 -5.54 33.82 1.03
N ASP A 459 -5.72 33.91 2.36
CA ASP A 459 -6.30 32.84 3.17
C ASP A 459 -7.77 33.20 3.39
N GLU A 460 -8.65 32.53 2.65
CA GLU A 460 -10.07 32.88 2.71
C GLU A 460 -10.67 32.55 4.07
N ASP A 461 -10.30 31.40 4.66
CA ASP A 461 -10.88 31.03 5.95
C ASP A 461 -10.47 32.01 7.05
N PHE A 462 -9.25 32.56 6.96
CA PHE A 462 -8.84 33.58 7.92
C PHE A 462 -9.67 34.86 7.77
N LEU A 463 -9.92 35.27 6.53
CA LEU A 463 -10.78 36.43 6.30
C LEU A 463 -12.19 36.18 6.81
N THR A 464 -12.68 34.94 6.68
CA THR A 464 -13.99 34.60 7.21
C THR A 464 -14.02 34.78 8.73
N ALA A 465 -12.93 34.44 9.41
CA ALA A 465 -12.86 34.64 10.85
C ALA A 465 -12.92 36.13 11.21
N LEU A 466 -12.22 36.97 10.45
CA LEU A 466 -12.28 38.41 10.70
C LEU A 466 -13.67 38.96 10.41
N GLU A 467 -14.40 38.34 9.48
CA GLU A 467 -15.74 38.81 9.13
C GLU A 467 -16.78 38.53 10.20
N TYR A 468 -16.46 37.69 11.19
CA TYR A 468 -17.29 37.57 12.38
C TYR A 468 -16.95 38.59 13.43
N GLY A 469 -15.93 39.42 13.20
CA GLY A 469 -15.58 40.48 14.13
C GLY A 469 -14.49 40.09 15.10
N MET A 470 -13.28 40.65 14.91
CA MET A 470 -12.20 40.41 15.85
C MET A 470 -11.98 41.65 16.70
N PRO A 471 -11.99 41.51 18.02
CA PRO A 471 -11.74 42.68 18.88
C PRO A 471 -10.37 43.25 18.61
N PRO A 472 -10.18 44.55 18.87
CA PRO A 472 -8.85 45.14 18.71
C PRO A 472 -7.84 44.46 19.64
N CYS A 473 -6.65 44.23 19.12
CA CYS A 473 -5.64 43.50 19.88
C CYS A 473 -4.26 43.87 19.36
N THR A 474 -3.25 43.52 20.14
CA THR A 474 -1.85 43.71 19.76
C THR A 474 -1.14 42.38 19.86
N GLY A 475 -0.30 42.08 18.87
CA GLY A 475 0.40 40.83 18.82
C GLY A 475 1.90 41.02 18.70
N THR A 476 2.64 40.11 19.34
CA THR A 476 4.09 40.15 19.32
C THR A 476 4.66 38.87 18.74
N GLY A 477 5.90 38.95 18.29
CA GLY A 477 6.66 37.80 17.86
C GLY A 477 8.12 37.91 18.26
N MET A 478 8.71 36.81 18.70
CA MET A 478 10.10 36.84 19.13
C MET A 478 10.66 35.42 19.09
N GLY A 479 11.77 35.24 18.39
CA GLY A 479 12.44 33.95 18.35
C GLY A 479 13.23 33.71 19.62
N ILE A 480 13.07 32.53 20.21
CA ILE A 480 13.80 32.19 21.43
C ILE A 480 15.30 32.13 21.15
N ASP A 481 15.68 31.54 20.02
CA ASP A 481 17.09 31.51 19.65
CA ASP A 481 17.08 31.51 19.59
C ASP A 481 17.66 32.92 19.53
N ARG A 482 16.89 33.85 18.97
CA ARG A 482 17.33 35.24 18.91
C ARG A 482 17.44 35.83 20.30
N LEU A 483 16.51 35.47 21.18
CA LEU A 483 16.57 35.96 22.56
C LEU A 483 17.80 35.43 23.28
N LEU A 484 18.11 34.14 23.12
CA LEU A 484 19.33 33.58 23.68
C LEU A 484 20.56 34.24 23.10
N MET A 485 20.52 34.62 21.83
CA MET A 485 21.63 35.32 21.21
C MET A 485 21.87 36.67 21.88
N CYS A 486 20.80 37.38 22.24
CA CYS A 486 20.96 38.69 22.86
C CYS A 486 21.42 38.56 24.31
N LEU A 487 20.96 37.53 25.02
CA LEU A 487 21.28 37.41 26.43
C LEU A 487 22.67 36.80 26.67
N THR A 488 23.12 35.90 25.79
CA THR A 488 24.38 35.18 26.00
C THR A 488 25.40 35.38 24.90
N GLY A 489 25.02 35.96 23.76
CA GLY A 489 25.96 36.13 22.66
C GLY A 489 26.30 34.86 21.91
N LEU A 490 25.56 33.78 22.13
CA LEU A 490 25.82 32.50 21.50
C LEU A 490 24.91 32.29 20.30
N SER A 491 25.45 31.69 19.25
CA SER A 491 24.69 31.46 18.03
C SER A 491 23.68 30.33 18.23
N ILE A 492 22.80 30.18 17.24
CA ILE A 492 21.78 29.13 17.28
C ILE A 492 22.39 27.74 17.28
N ARG A 493 23.61 27.59 16.77
CA ARG A 493 24.26 26.29 16.76
CA ARG A 493 24.29 26.30 16.75
C ARG A 493 24.85 25.89 18.11
N GLU A 494 24.82 26.80 19.09
CA GLU A 494 25.25 26.49 20.46
C GLU A 494 24.11 26.36 21.44
N THR A 495 23.02 27.09 21.23
CA THR A 495 21.91 27.09 22.18
C THR A 495 20.87 26.01 21.90
N VAL A 496 20.94 25.33 20.76
CA VAL A 496 20.04 24.24 20.42
C VAL A 496 20.80 22.92 20.58
N LEU A 497 20.16 21.95 21.24
CA LEU A 497 20.82 20.70 21.56
C LEU A 497 21.30 19.98 20.30
N PHE A 498 20.40 19.80 19.32
CA PHE A 498 20.71 19.05 18.10
C PHE A 498 20.37 19.90 16.88
N PRO A 499 21.22 20.85 16.52
CA PRO A 499 20.99 21.61 15.28
C PRO A 499 21.18 20.74 14.04
N ILE A 500 20.50 21.15 12.97
CA ILE A 500 20.45 20.34 11.75
C ILE A 500 21.81 20.35 11.06
N VAL A 501 22.20 19.19 10.53
CA VAL A 501 23.49 19.02 9.86
C VAL A 501 23.32 18.03 8.72
N ARG A 502 24.14 18.17 7.69
CA ARG A 502 24.09 17.29 6.53
C ARG A 502 24.52 15.87 6.89
N ILE B 16 -29.02 34.60 4.06
CA ILE B 16 -27.77 34.86 4.76
C ILE B 16 -26.77 35.70 3.94
N PRO B 17 -26.58 35.39 2.65
CA PRO B 17 -25.77 36.29 1.81
C PRO B 17 -26.35 37.69 1.70
N GLU B 18 -27.61 37.89 2.09
CA GLU B 18 -28.21 39.21 2.14
C GLU B 18 -27.95 39.89 3.48
N GLN B 19 -27.89 39.12 4.56
CA GLN B 19 -27.47 39.67 5.85
C GLN B 19 -26.04 40.18 5.77
N PHE B 20 -25.17 39.46 5.05
CA PHE B 20 -23.80 39.90 4.87
C PHE B 20 -23.75 41.21 4.07
N ARG B 21 -24.61 41.33 3.06
CA ARG B 21 -24.61 42.53 2.22
C ARG B 21 -25.04 43.75 3.02
N ILE B 22 -26.02 43.58 3.92
CA ILE B 22 -26.48 44.70 4.75
C ILE B 22 -25.39 45.12 5.72
N ARG B 23 -24.73 44.16 6.36
CA ARG B 23 -23.68 44.50 7.33
C ARG B 23 -22.46 45.09 6.64
N ARG B 24 -22.12 44.61 5.44
CA ARG B 24 -21.01 45.19 4.70
C ARG B 24 -21.31 46.64 4.31
N ASP B 25 -22.56 46.92 3.94
CA ASP B 25 -22.94 48.29 3.64
C ASP B 25 -22.89 49.17 4.88
N LYS B 26 -23.24 48.61 6.05
CA LYS B 26 -23.13 49.38 7.29
C LYS B 26 -21.69 49.74 7.60
N ARG B 27 -20.78 48.78 7.45
CA ARG B 27 -19.37 49.05 7.72
C ARG B 27 -18.85 50.16 6.82
N ALA B 28 -19.08 50.05 5.50
CA ALA B 28 -18.61 51.08 4.58
C ALA B 28 -19.26 52.42 4.87
N ARG B 29 -20.51 52.41 5.33
CA ARG B 29 -21.17 53.67 5.67
CA ARG B 29 -21.18 53.67 5.66
C ARG B 29 -20.56 54.32 6.89
N LEU B 30 -20.35 53.53 7.95
CA LEU B 30 -19.75 54.06 9.18
C LEU B 30 -18.38 54.67 8.90
N LEU B 31 -17.57 53.99 8.08
CA LEU B 31 -16.23 54.48 7.78
C LEU B 31 -16.29 55.82 7.05
N ALA B 32 -17.27 56.00 6.16
CA ALA B 32 -17.39 57.25 5.42
C ALA B 32 -17.93 58.37 6.31
N GLU B 33 -18.80 58.04 7.26
CA GLU B 33 -19.37 59.03 8.16
C GLU B 33 -18.41 59.46 9.27
N GLY B 34 -17.22 58.87 9.34
CA GLY B 34 -16.27 59.22 10.37
C GLY B 34 -16.32 58.35 11.62
N TYR B 35 -17.26 57.41 11.70
CA TYR B 35 -17.37 56.50 12.83
C TYR B 35 -16.51 55.28 12.54
N ASP B 36 -15.32 55.23 13.13
CA ASP B 36 -14.37 54.14 12.90
C ASP B 36 -15.00 52.81 13.32
N PRO B 37 -15.26 51.89 12.38
CA PRO B 37 -15.85 50.61 12.77
C PRO B 37 -14.85 49.62 13.35
N TYR B 38 -13.55 49.84 13.16
CA TYR B 38 -12.50 49.01 13.73
C TYR B 38 -11.44 49.91 14.36
N PRO B 39 -11.78 50.59 15.44
CA PRO B 39 -10.88 51.60 16.00
C PRO B 39 -9.74 50.95 16.78
N VAL B 40 -8.73 51.77 17.05
CA VAL B 40 -7.57 51.34 17.83
C VAL B 40 -7.50 52.20 19.08
N ALA B 41 -6.92 51.64 20.15
CA ALA B 41 -6.66 52.31 21.42
C ALA B 41 -7.92 52.47 22.27
N ILE B 42 -8.91 51.60 22.08
CA ILE B 42 -10.03 51.54 23.01
C ILE B 42 -9.52 50.99 24.34
N GLU B 43 -9.72 51.74 25.41
CA GLU B 43 -9.25 51.36 26.74
C GLU B 43 -10.40 50.74 27.52
N ARG B 44 -10.21 49.50 27.96
CA ARG B 44 -11.20 48.75 28.71
C ARG B 44 -10.82 48.76 30.19
N THR B 45 -11.69 49.35 31.02
CA THR B 45 -11.37 49.50 32.43
C THR B 45 -11.58 48.21 33.21
N HIS B 46 -12.59 47.43 32.84
CA HIS B 46 -12.90 46.19 33.56
C HIS B 46 -13.26 45.10 32.57
N THR B 47 -12.99 43.87 32.99
CA THR B 47 -13.55 42.69 32.34
C THR B 47 -14.98 42.49 32.83
N LEU B 48 -15.81 41.86 32.00
CA LEU B 48 -17.19 41.62 32.42
C LEU B 48 -17.23 40.70 33.63
N ALA B 49 -16.27 39.78 33.73
CA ALA B 49 -16.18 38.93 34.92
C ALA B 49 -15.78 39.73 36.15
N GLU B 50 -14.97 40.79 35.97
CA GLU B 50 -14.63 41.66 37.10
C GLU B 50 -15.86 42.44 37.59
N ILE B 51 -16.71 42.87 36.66
CA ILE B 51 -17.92 43.59 37.05
C ILE B 51 -18.88 42.68 37.81
N ARG B 52 -19.08 41.45 37.31
CA ARG B 52 -20.00 40.54 37.98
C ARG B 52 -19.48 40.12 39.35
N ALA B 53 -18.17 40.01 39.51
CA ALA B 53 -17.62 39.63 40.81
C ALA B 53 -17.71 40.78 41.81
N THR B 54 -17.46 42.01 41.34
CA THR B 54 -17.47 43.16 42.25
C THR B 54 -18.88 43.47 42.76
N TYR B 55 -19.86 43.46 41.86
CA TYR B 55 -21.23 43.85 42.20
C TYR B 55 -22.15 42.63 42.30
N ALA B 56 -21.61 41.49 42.73
CA ALA B 56 -22.44 40.29 42.89
C ALA B 56 -23.50 40.50 43.95
N ASP B 57 -23.17 41.18 45.04
CA ASP B 57 -24.10 41.44 46.14
C ASP B 57 -24.72 42.82 46.04
N LEU B 58 -25.21 43.19 44.86
CA LEU B 58 -25.86 44.47 44.66
C LEU B 58 -27.38 44.32 44.69
N PRO B 59 -28.09 45.21 45.39
CA PRO B 59 -29.55 45.11 45.47
C PRO B 59 -30.21 45.16 44.10
N THR B 60 -31.51 44.84 44.10
CA THR B 60 -32.21 44.59 42.85
C THR B 60 -32.42 45.86 42.03
N ASP B 61 -32.99 46.90 42.63
CA ASP B 61 -33.30 48.13 41.90
C ASP B 61 -32.33 49.26 42.22
N SER B 62 -31.18 48.94 42.81
CA SER B 62 -30.23 49.95 43.22
C SER B 62 -29.39 50.41 42.03
N ALA B 63 -28.69 51.53 42.23
CA ALA B 63 -27.79 52.09 41.22
C ALA B 63 -26.58 52.68 41.92
N THR B 64 -25.39 52.32 41.45
CA THR B 64 -24.16 52.84 42.02
C THR B 64 -23.76 54.12 41.29
N GLU B 65 -22.65 54.71 41.73
CA GLU B 65 -22.05 55.87 41.07
C GLU B 65 -20.70 55.52 40.44
N ASP B 66 -20.43 54.23 40.24
CA ASP B 66 -19.15 53.77 39.72
C ASP B 66 -19.15 53.82 38.19
N ILE B 67 -18.15 54.46 37.62
CA ILE B 67 -18.02 54.58 36.18
C ILE B 67 -17.10 53.47 35.69
N VAL B 68 -17.54 52.74 34.67
CA VAL B 68 -16.76 51.65 34.09
C VAL B 68 -16.74 51.80 32.57
N GLY B 69 -15.68 51.27 31.96
CA GLY B 69 -15.60 51.17 30.52
C GLY B 69 -15.45 49.73 30.09
N VAL B 70 -16.52 49.17 29.52
CA VAL B 70 -16.56 47.75 29.22
C VAL B 70 -16.65 47.57 27.71
N ALA B 71 -16.29 46.36 27.27
CA ALA B 71 -16.38 45.98 25.86
C ALA B 71 -16.77 44.51 25.80
N GLY B 72 -17.57 44.16 24.80
CA GLY B 72 -18.05 42.80 24.67
C GLY B 72 -18.78 42.61 23.36
N ARG B 73 -19.28 41.39 23.17
CA ARG B 73 -19.98 41.03 21.95
C ARG B 73 -21.48 41.06 22.19
N VAL B 74 -22.21 41.74 21.32
CA VAL B 74 -23.67 41.80 21.42
C VAL B 74 -24.24 40.47 20.98
N VAL B 75 -24.81 39.72 21.94
CA VAL B 75 -25.40 38.42 21.65
C VAL B 75 -26.93 38.42 21.77
N PHE B 76 -27.51 39.43 22.41
CA PHE B 76 -28.96 39.60 22.46
C PHE B 76 -29.29 41.08 22.51
N ALA B 77 -30.37 41.46 21.84
CA ALA B 77 -30.75 42.87 21.79
C ALA B 77 -32.27 42.98 21.78
N ARG B 78 -32.77 44.02 22.46
CA ARG B 78 -34.19 44.35 22.47
C ARG B 78 -34.30 45.86 22.50
N ASN B 79 -34.99 46.42 21.52
CA ASN B 79 -35.08 47.87 21.36
C ASN B 79 -36.51 48.33 21.61
N THR B 80 -36.67 49.30 22.50
CA THR B 80 -37.93 50.00 22.68
C THR B 80 -37.75 51.45 22.24
N GLY B 81 -38.79 52.26 22.46
CA GLY B 81 -38.80 53.64 22.02
C GLY B 81 -37.69 54.49 22.63
N LYS B 82 -37.63 54.52 23.97
CA LYS B 82 -36.72 55.38 24.70
C LYS B 82 -35.55 54.61 25.31
N LEU B 83 -35.57 53.28 25.27
CA LEU B 83 -34.60 52.50 26.00
C LEU B 83 -34.25 51.25 25.20
N CYS B 84 -32.96 51.03 24.97
CA CYS B 84 -32.48 49.88 24.25
C CYS B 84 -31.69 48.96 25.18
N PHE B 85 -31.94 47.66 25.07
CA PHE B 85 -31.24 46.68 25.87
C PHE B 85 -30.34 45.83 24.98
N ALA B 86 -29.22 45.39 25.56
CA ALA B 86 -28.29 44.53 24.85
C ALA B 86 -27.53 43.70 25.86
N THR B 87 -27.36 42.42 25.55
CA THR B 87 -26.56 41.51 26.36
C THR B 87 -25.16 41.46 25.75
N LEU B 88 -24.18 41.95 26.49
CA LEU B 88 -22.79 41.88 26.06
C LEU B 88 -22.16 40.60 26.59
N GLN B 89 -21.38 39.93 25.76
CA GLN B 89 -20.68 38.72 26.14
C GLN B 89 -19.18 38.93 25.96
N ASP B 90 -18.43 38.68 27.03
CA ASP B 90 -16.98 38.75 26.98
C ASP B 90 -16.41 37.49 26.36
N GLY B 91 -15.08 37.44 26.22
CA GLY B 91 -14.45 36.30 25.59
C GLY B 91 -14.64 35.01 26.38
N ASP B 92 -14.53 35.08 27.71
CA ASP B 92 -14.68 33.89 28.54
C ASP B 92 -16.11 33.38 28.56
N GLY B 93 -17.08 34.21 28.19
CA GLY B 93 -18.48 33.84 28.22
C GLY B 93 -19.30 34.61 29.23
N THR B 94 -18.65 35.40 30.09
CA THR B 94 -19.36 36.22 31.05
C THR B 94 -20.26 37.22 30.33
N GLN B 95 -21.49 37.34 30.82
CA GLN B 95 -22.48 38.22 30.21
C GLN B 95 -22.82 39.37 31.14
N LEU B 96 -23.16 40.51 30.52
CA LEU B 96 -23.55 41.72 31.22
C LEU B 96 -24.44 42.53 30.29
N GLN B 97 -25.44 43.19 30.87
CA GLN B 97 -26.39 43.97 30.09
C GLN B 97 -25.90 45.40 29.90
N ALA B 98 -26.19 45.96 28.73
CA ALA B 98 -25.98 47.37 28.44
C ALA B 98 -27.33 48.03 28.21
N MET B 99 -27.55 49.18 28.83
CA MET B 99 -28.80 49.92 28.72
C MET B 99 -28.51 51.26 28.06
N ILE B 100 -28.98 51.42 26.82
CA ILE B 100 -28.81 52.65 26.06
C ILE B 100 -30.11 53.44 26.20
N SER B 101 -30.10 54.46 27.06
CA SER B 101 -31.28 55.26 27.36
C SER B 101 -31.23 56.60 26.63
N LEU B 102 -32.40 57.07 26.19
CA LEU B 102 -32.47 58.35 25.50
C LEU B 102 -32.02 59.50 26.40
N ASP B 103 -32.46 59.51 27.65
CA ASP B 103 -32.08 60.58 28.57
C ASP B 103 -30.60 60.58 28.92
N GLU B 104 -29.93 59.43 28.77
CA GLU B 104 -28.54 59.28 29.22
C GLU B 104 -27.50 59.51 28.13
N VAL B 105 -27.79 59.13 26.89
CA VAL B 105 -26.81 59.25 25.80
C VAL B 105 -27.23 60.27 24.75
N GLY B 106 -28.44 60.80 24.79
CA GLY B 106 -28.90 61.73 23.80
C GLY B 106 -29.63 61.05 22.64
N ARG B 107 -30.33 61.88 21.86
CA ARG B 107 -31.17 61.34 20.80
C ARG B 107 -30.34 60.77 19.66
N GLU B 108 -29.31 61.49 19.24
CA GLU B 108 -28.49 61.04 18.10
C GLU B 108 -27.80 59.71 18.42
N SER B 109 -27.28 59.58 19.64
CA SER B 109 -26.58 58.35 20.01
C SER B 109 -27.54 57.16 20.06
N LEU B 110 -28.75 57.35 20.58
CA LEU B 110 -29.69 56.25 20.66
C LEU B 110 -30.13 55.81 19.27
N ASP B 111 -30.30 56.75 18.34
CA ASP B 111 -30.68 56.40 16.98
C ASP B 111 -29.55 55.64 16.28
N ARG B 112 -28.30 56.05 16.51
CA ARG B 112 -27.19 55.32 15.89
C ARG B 112 -27.10 53.90 16.44
N TRP B 113 -27.42 53.72 17.72
CA TRP B 113 -27.41 52.38 18.31
C TRP B 113 -28.40 51.47 17.60
N LYS B 114 -29.61 51.97 17.31
CA LYS B 114 -30.62 51.15 16.67
C LYS B 114 -30.27 50.86 15.22
N ALA B 115 -29.58 51.78 14.55
CA ALA B 115 -29.27 51.62 13.13
C ALA B 115 -27.94 50.92 12.88
N ASP B 116 -26.96 51.04 13.78
CA ASP B 116 -25.60 50.57 13.50
C ASP B 116 -25.27 49.23 14.14
N VAL B 117 -25.81 48.93 15.31
CA VAL B 117 -25.40 47.76 16.08
C VAL B 117 -26.25 46.57 15.66
N ASP B 118 -25.59 45.47 15.30
CA ASP B 118 -26.22 44.20 14.98
C ASP B 118 -25.69 43.12 15.92
N ILE B 119 -26.36 41.97 15.91
CA ILE B 119 -25.93 40.84 16.72
C ILE B 119 -24.59 40.36 16.22
N GLY B 120 -23.65 40.16 17.15
CA GLY B 120 -22.30 39.74 16.82
C GLY B 120 -21.28 40.85 16.84
N ASP B 121 -21.72 42.10 16.73
CA ASP B 121 -20.80 43.23 16.79
C ASP B 121 -20.11 43.28 18.15
N VAL B 122 -18.87 43.77 18.15
CA VAL B 122 -18.15 44.06 19.37
C VAL B 122 -18.26 45.56 19.63
N VAL B 123 -18.83 45.93 20.78
CA VAL B 123 -19.09 47.32 21.09
C VAL B 123 -18.42 47.68 22.41
N TYR B 124 -18.12 48.97 22.56
CA TYR B 124 -17.59 49.53 23.79
C TYR B 124 -18.67 50.38 24.43
N VAL B 125 -18.94 50.14 25.72
CA VAL B 125 -20.00 50.82 26.45
C VAL B 125 -19.39 51.45 27.68
N HIS B 126 -19.57 52.76 27.85
CA HIS B 126 -19.02 53.51 28.96
C HIS B 126 -20.16 54.12 29.76
N GLY B 127 -20.24 53.81 31.04
CA GLY B 127 -21.29 54.34 31.87
C GLY B 127 -21.17 53.86 33.30
N THR B 128 -22.29 53.92 34.01
CA THR B 128 -22.35 53.63 35.43
C THR B 128 -23.01 52.28 35.67
N VAL B 129 -22.50 51.54 36.67
CA VAL B 129 -23.01 50.21 37.00
C VAL B 129 -24.28 50.34 37.84
N ILE B 130 -25.38 49.79 37.32
CA ILE B 130 -26.67 49.79 38.00
C ILE B 130 -27.22 48.36 38.02
N SER B 131 -28.38 48.19 38.64
CA SER B 131 -29.11 46.94 38.62
C SER B 131 -30.53 47.25 38.15
N SER B 132 -30.94 46.63 37.05
CA SER B 132 -32.19 46.97 36.37
C SER B 132 -33.40 46.65 37.25
N ARG B 133 -34.57 47.08 36.77
CA ARG B 133 -35.81 46.77 37.47
C ARG B 133 -36.02 45.27 37.63
N ARG B 134 -35.49 44.46 36.71
CA ARG B 134 -35.52 43.01 36.83
C ARG B 134 -34.34 42.45 37.59
N GLY B 135 -33.55 43.29 38.25
CA GLY B 135 -32.41 42.79 38.99
C GLY B 135 -31.27 42.33 38.11
N GLU B 136 -31.26 42.74 36.84
CA GLU B 136 -30.21 42.37 35.90
C GLU B 136 -29.07 43.38 36.01
N LEU B 137 -27.88 42.89 36.35
CA LEU B 137 -26.71 43.77 36.46
C LEU B 137 -26.39 44.36 35.09
N SER B 138 -26.33 45.69 35.02
CA SER B 138 -26.22 46.38 33.74
C SER B 138 -25.25 47.54 33.84
N VAL B 139 -24.92 48.09 32.68
CA VAL B 139 -24.14 49.33 32.57
C VAL B 139 -25.05 50.37 31.93
N LEU B 140 -25.47 51.35 32.73
CA LEU B 140 -26.28 52.45 32.23
C LEU B 140 -25.38 53.39 31.45
N ALA B 141 -25.44 53.29 30.12
CA ALA B 141 -24.47 53.95 29.27
C ALA B 141 -24.66 55.45 29.24
N ASP B 142 -23.55 56.18 29.24
CA ASP B 142 -23.50 57.57 28.81
C ASP B 142 -22.80 57.74 27.48
N SER B 143 -22.03 56.74 27.05
CA SER B 143 -21.36 56.74 25.76
C SER B 143 -21.24 55.30 25.29
N TRP B 144 -21.33 55.12 23.98
CA TRP B 144 -21.08 53.82 23.37
C TRP B 144 -20.28 54.03 22.10
N ARG B 145 -19.60 52.98 21.67
CA ARG B 145 -18.69 53.11 20.54
C ARG B 145 -18.49 51.74 19.92
N MET B 146 -18.56 51.68 18.58
CA MET B 146 -18.27 50.44 17.89
C MET B 146 -16.80 50.07 18.06
N ALA B 147 -16.55 48.80 18.42
CA ALA B 147 -15.20 48.29 18.59
C ALA B 147 -14.76 47.36 17.48
N ALA B 148 -15.68 46.59 16.92
CA ALA B 148 -15.38 45.72 15.77
C ALA B 148 -16.69 45.37 15.11
N LYS B 149 -16.88 45.84 13.88
CA LYS B 149 -18.12 45.56 13.15
C LYS B 149 -18.09 44.12 12.62
N ALA B 150 -19.12 43.36 12.94
CA ALA B 150 -19.23 41.98 12.48
C ALA B 150 -20.00 41.95 11.17
N LEU B 151 -19.35 41.45 10.11
CA LEU B 151 -20.00 41.36 8.82
C LEU B 151 -20.87 40.12 8.68
N ARG B 152 -20.67 39.11 9.53
CA ARG B 152 -21.46 37.89 9.48
C ARG B 152 -22.17 37.66 10.82
N PRO B 153 -23.44 37.26 10.79
CA PRO B 153 -24.17 37.04 12.05
C PRO B 153 -23.76 35.73 12.72
N LEU B 154 -23.95 35.71 14.03
CA LEU B 154 -23.73 34.50 14.79
C LEU B 154 -24.89 33.52 14.56
N PRO B 155 -24.66 32.23 14.74
CA PRO B 155 -25.76 31.27 14.63
C PRO B 155 -26.81 31.50 15.71
N VAL B 156 -28.05 31.17 15.37
CA VAL B 156 -29.17 31.36 16.28
C VAL B 156 -29.07 30.34 17.43
N LYS B 159 -26.64 24.16 19.52
CA LYS B 159 -27.23 22.94 18.98
C LYS B 159 -27.45 23.05 17.48
N GLU B 160 -27.45 24.29 16.96
CA GLU B 160 -27.67 24.50 15.54
C GLU B 160 -26.44 24.22 14.70
N MET B 161 -25.25 24.14 15.30
CA MET B 161 -24.03 23.84 14.56
C MET B 161 -23.73 22.35 14.60
N SER B 162 -23.45 21.77 13.44
CA SER B 162 -23.04 20.38 13.37
C SER B 162 -21.60 20.24 13.88
N GLU B 163 -21.18 18.98 14.05
CA GLU B 163 -19.82 18.73 14.52
C GLU B 163 -18.80 19.16 13.46
N GLU B 164 -19.07 18.90 12.19
CA GLU B 164 -18.16 19.33 11.13
C GLU B 164 -18.12 20.85 11.00
N SER B 165 -19.20 21.54 11.39
CA SER B 165 -19.20 23.00 11.32
C SER B 165 -18.42 23.62 12.47
N ARG B 166 -18.47 23.00 13.66
CA ARG B 166 -17.66 23.48 14.78
C ARG B 166 -16.18 23.26 14.52
N VAL B 167 -15.83 22.18 13.83
CA VAL B 167 -14.42 21.90 13.52
C VAL B 167 -13.87 22.94 12.54
N ARG B 168 -14.63 23.24 11.48
CA ARG B 168 -14.15 24.23 10.50
C ARG B 168 -14.17 25.66 11.02
N GLN B 169 -15.01 25.97 12.02
CA GLN B 169 -15.14 27.33 12.54
C GLN B 169 -15.16 27.26 14.07
N ARG B 170 -14.01 26.92 14.66
CA ARG B 170 -13.92 26.80 16.11
C ARG B 170 -14.17 28.13 16.79
N TYR B 171 -13.80 29.24 16.14
CA TYR B 171 -14.02 30.56 16.74
C TYR B 171 -15.50 30.85 16.93
N VAL B 172 -16.33 30.45 15.96
CA VAL B 172 -17.77 30.58 16.14
C VAL B 172 -18.26 29.64 17.24
N ASP B 173 -17.72 28.42 17.29
CA ASP B 173 -18.12 27.45 18.30
C ASP B 173 -17.81 27.96 19.69
N LEU B 174 -16.61 28.55 19.88
CA LEU B 174 -16.22 29.08 21.19
C LEU B 174 -17.09 30.25 21.63
N ILE B 175 -17.74 30.95 20.71
CA ILE B 175 -18.58 32.07 21.09
C ILE B 175 -19.94 31.59 21.56
N VAL B 176 -20.55 30.67 20.82
CA VAL B 176 -21.95 30.31 21.04
C VAL B 176 -22.17 29.06 21.87
N ARG B 177 -21.15 28.20 22.02
CA ARG B 177 -21.32 26.95 22.74
C ARG B 177 -20.45 26.96 23.99
N PRO B 178 -21.04 27.03 25.19
CA PRO B 178 -20.21 27.12 26.41
C PRO B 178 -19.31 25.91 26.63
N GLN B 179 -19.73 24.70 26.26
CA GLN B 179 -18.87 23.54 26.48
C GLN B 179 -17.64 23.59 25.59
N ALA B 180 -17.73 24.18 24.41
CA ALA B 180 -16.55 24.37 23.57
C ALA B 180 -15.49 25.16 24.31
N ARG B 181 -15.91 26.18 25.06
CA ARG B 181 -14.97 26.90 25.91
C ARG B 181 -14.44 26.01 27.03
N GLU B 182 -15.33 25.22 27.64
CA GLU B 182 -14.93 24.35 28.75
C GLU B 182 -13.87 23.34 28.30
N VAL B 183 -14.09 22.68 27.16
CA VAL B 183 -13.14 21.69 26.67
C VAL B 183 -11.80 22.35 26.37
N ALA B 184 -11.82 23.56 25.82
CA ALA B 184 -10.57 24.26 25.51
C ALA B 184 -9.76 24.52 26.77
N ARG B 185 -10.41 25.05 27.81
CA ARG B 185 -9.70 25.26 29.08
C ARG B 185 -9.31 23.94 29.72
N GLN B 186 -10.08 22.89 29.48
CA GLN B 186 -9.76 21.58 30.06
C GLN B 186 -8.46 21.03 29.50
N ARG B 187 -8.24 21.14 28.18
CA ARG B 187 -7.01 20.65 27.59
C ARG B 187 -5.80 21.39 28.15
N ILE B 188 -5.89 22.71 28.23
CA ILE B 188 -4.79 23.50 28.77
C ILE B 188 -4.49 23.10 30.20
N ALA B 189 -5.53 22.78 30.99
CA ALA B 189 -5.31 22.41 32.37
C ALA B 189 -4.69 21.03 32.50
N VAL B 190 -5.12 20.07 31.67
CA VAL B 190 -4.57 18.72 31.74
C VAL B 190 -3.10 18.72 31.37
N ILE B 191 -2.76 19.41 30.26
CA ILE B 191 -1.36 19.52 29.85
C ILE B 191 -0.55 20.21 30.94
N ARG B 192 -1.12 21.23 31.57
CA ARG B 192 -0.43 21.90 32.67
C ARG B 192 -0.21 20.97 33.86
N ALA B 193 -1.19 20.10 34.13
CA ALA B 193 -1.05 19.18 35.24
C ALA B 193 -0.02 18.09 34.95
N VAL B 194 0.09 17.66 33.68
CA VAL B 194 1.09 16.66 33.31
C VAL B 194 2.49 17.18 33.60
N ARG B 195 2.76 18.44 33.25
CA ARG B 195 4.08 19.02 33.52
C ARG B 195 4.35 19.16 35.00
N ASN B 196 3.34 19.58 35.78
CA ASN B 196 3.53 19.72 37.21
C ASN B 196 3.82 18.37 37.87
N ALA B 197 3.18 17.31 37.38
CA ALA B 197 3.45 15.98 37.90
C ALA B 197 4.88 15.53 37.60
N LEU B 198 5.42 15.94 36.45
CA LEU B 198 6.78 15.55 36.08
C LEU B 198 7.83 16.41 36.74
N GLU B 199 7.52 17.70 36.98
CA GLU B 199 8.47 18.58 37.66
C GLU B 199 8.55 18.29 39.15
N ARG B 200 7.47 17.79 39.75
CA ARG B 200 7.56 17.29 41.12
C ARG B 200 8.52 16.12 41.24
N ARG B 201 8.78 15.41 40.14
CA ARG B 201 9.64 14.25 40.13
C ARG B 201 11.02 14.53 39.51
N GLY B 202 11.33 15.79 39.26
CA GLY B 202 12.66 16.15 38.82
C GLY B 202 12.94 15.98 37.34
N PHE B 203 11.90 15.90 36.52
CA PHE B 203 12.09 15.78 35.07
C PHE B 203 12.32 17.16 34.47
N LEU B 204 13.31 17.26 33.58
CA LEU B 204 13.59 18.49 32.85
C LEU B 204 13.01 18.37 31.44
N GLU B 205 12.50 19.48 30.92
CA GLU B 205 11.91 19.52 29.59
C GLU B 205 12.90 20.09 28.59
N VAL B 206 13.15 19.34 27.52
CA VAL B 206 14.09 19.74 26.47
C VAL B 206 13.34 19.82 25.15
N GLU B 207 14.03 20.40 24.16
CA GLU B 207 13.52 20.50 22.79
C GLU B 207 14.43 19.66 21.89
N THR B 208 13.85 18.68 21.22
CA THR B 208 14.55 17.87 20.23
C THR B 208 14.01 18.19 18.84
N PRO B 209 14.82 17.96 17.79
CA PRO B 209 14.42 18.43 16.46
C PRO B 209 13.18 17.74 15.93
N MET B 210 12.38 18.51 15.16
CA MET B 210 11.23 17.96 14.46
C MET B 210 11.51 17.66 13.00
N LEU B 211 12.42 18.39 12.37
CA LEU B 211 12.94 18.02 11.06
C LEU B 211 14.19 17.18 11.24
N GLN B 212 14.17 15.96 10.72
CA GLN B 212 15.24 15.00 10.92
C GLN B 212 15.68 14.42 9.59
N THR B 213 16.99 14.13 9.48
CA THR B 213 17.50 13.44 8.30
C THR B 213 17.12 11.97 8.28
N LEU B 214 16.75 11.41 9.43
CA LEU B 214 16.26 10.04 9.54
C LEU B 214 15.27 9.99 10.68
N ALA B 215 14.04 9.58 10.39
CA ALA B 215 12.95 9.61 11.37
C ALA B 215 12.80 8.22 11.98
N GLY B 216 13.37 8.04 13.17
CA GLY B 216 13.25 6.82 13.92
C GLY B 216 12.47 7.00 15.20
N GLY B 217 12.57 5.99 16.07
CA GLY B 217 11.96 6.04 17.37
C GLY B 217 10.59 5.40 17.46
N ALA B 218 10.03 4.97 16.34
CA ALA B 218 8.71 4.33 16.33
C ALA B 218 8.54 3.62 15.00
N ALA B 219 7.46 2.83 14.92
CA ALA B 219 7.10 2.13 13.69
C ALA B 219 5.96 2.90 13.05
N ALA B 220 6.30 3.86 12.20
CA ALA B 220 5.30 4.70 11.56
C ALA B 220 5.88 5.27 10.28
N ARG B 221 4.98 5.73 9.41
CA ARG B 221 5.37 6.29 8.13
C ARG B 221 5.57 7.80 8.30
N PRO B 222 6.73 8.33 7.98
CA PRO B 222 6.98 9.75 8.22
C PRO B 222 6.48 10.62 7.08
N PHE B 223 6.30 11.91 7.39
CA PHE B 223 6.10 12.92 6.36
C PHE B 223 7.44 13.27 5.74
N VAL B 224 7.46 13.41 4.42
CA VAL B 224 8.68 13.73 3.68
C VAL B 224 8.55 15.14 3.11
N THR B 225 9.60 15.95 3.31
CA THR B 225 9.63 17.30 2.77
C THR B 225 11.04 17.57 2.24
N HIS B 226 11.12 18.52 1.32
CA HIS B 226 12.37 18.88 0.66
C HIS B 226 12.94 20.16 1.27
N SER B 227 14.24 20.16 1.51
CA SER B 227 14.95 21.31 2.05
C SER B 227 15.67 22.04 0.92
N ASN B 228 15.44 23.35 0.83
CA ASN B 228 16.14 24.14 -0.18
C ASN B 228 17.55 24.50 0.26
N ALA B 229 17.79 24.58 1.57
CA ALA B 229 19.14 24.88 2.05
C ALA B 229 20.08 23.71 1.82
N LEU B 230 19.61 22.49 2.05
CA LEU B 230 20.46 21.31 1.97
C LEU B 230 20.24 20.47 0.72
N ASP B 231 19.19 20.76 -0.06
CA ASP B 231 18.90 20.05 -1.30
C ASP B 231 18.80 18.53 -1.05
N ILE B 232 18.15 18.16 0.04
CA ILE B 232 17.92 16.76 0.40
C ILE B 232 16.53 16.65 1.01
N ASP B 233 16.12 15.41 1.27
CA ASP B 233 14.83 15.13 1.88
C ASP B 233 14.95 15.12 3.39
N LEU B 234 14.13 15.93 4.04
CA LEU B 234 13.98 15.91 5.49
C LEU B 234 12.67 15.22 5.85
N TYR B 235 12.59 14.73 7.07
CA TYR B 235 11.43 13.99 7.54
C TYR B 235 10.92 14.63 8.81
N LEU B 236 9.61 14.85 8.88
CA LEU B 236 8.99 15.23 10.14
C LEU B 236 9.12 14.07 11.11
N ARG B 237 9.44 14.39 12.37
CA ARG B 237 9.71 13.35 13.34
C ARG B 237 8.46 12.53 13.63
N ILE B 238 8.65 11.22 13.75
CA ILE B 238 7.58 10.35 14.20
C ILE B 238 7.64 10.11 15.71
N ALA B 239 8.78 10.42 16.33
CA ALA B 239 8.99 10.27 17.77
C ALA B 239 10.27 10.98 18.17
N PRO B 240 10.35 11.54 19.38
CA PRO B 240 11.61 12.09 19.90
C PRO B 240 12.50 11.09 20.61
N GLU B 241 12.19 9.79 20.53
CA GLU B 241 12.85 8.79 21.37
C GLU B 241 14.36 8.77 21.14
N LEU B 242 14.80 8.71 19.88
CA LEU B 242 16.22 8.55 19.59
C LEU B 242 17.04 9.77 20.00
N PHE B 243 16.42 10.96 20.07
CA PHE B 243 17.14 12.14 20.52
C PHE B 243 17.07 12.33 22.03
N LEU B 244 15.99 11.89 22.66
CA LEU B 244 15.93 11.90 24.13
C LEU B 244 16.92 10.92 24.74
N LYS B 245 17.18 9.79 24.06
CA LYS B 245 18.20 8.86 24.55
C LYS B 245 19.59 9.43 24.41
N ARG B 246 19.84 10.22 23.35
CA ARG B 246 21.10 10.95 23.25
C ARG B 246 21.27 11.92 24.41
N CYS B 247 20.16 12.47 24.93
CA CYS B 247 20.23 13.31 26.12
C CYS B 247 20.61 12.49 27.35
N ILE B 248 20.13 11.25 27.45
CA ILE B 248 20.50 10.38 28.56
C ILE B 248 22.00 10.10 28.52
N VAL B 249 22.52 9.80 27.32
CA VAL B 249 23.97 9.65 27.15
C VAL B 249 24.68 10.93 27.55
N GLY B 250 24.10 12.08 27.19
CA GLY B 250 24.74 13.37 27.45
C GLY B 250 24.79 13.76 28.91
N GLY B 251 23.89 13.22 29.73
CA GLY B 251 23.94 13.50 31.14
C GLY B 251 22.63 13.96 31.78
N PHE B 252 21.58 14.07 30.98
CA PHE B 252 20.26 14.35 31.53
C PHE B 252 19.78 13.14 32.33
N ASP B 253 19.55 13.35 33.63
CA ASP B 253 19.15 12.24 34.49
C ASP B 253 17.67 11.90 34.33
N ARG B 254 16.82 12.92 34.37
CA ARG B 254 15.38 12.74 34.21
C ARG B 254 14.90 13.82 33.25
N VAL B 255 14.44 13.41 32.08
CA VAL B 255 14.17 14.34 30.99
C VAL B 255 12.86 13.93 30.31
N PHE B 256 12.15 14.92 29.79
CA PHE B 256 10.92 14.65 29.05
C PHE B 256 10.72 15.71 27.98
N GLU B 257 9.85 15.39 27.03
CA GLU B 257 9.46 16.34 25.99
C GLU B 257 7.98 16.13 25.69
N LEU B 258 7.20 17.19 25.83
CA LEU B 258 5.76 17.16 25.60
C LEU B 258 5.48 18.08 24.43
N ASN B 259 5.45 17.52 23.22
CA ASN B 259 5.33 18.33 22.03
C ASN B 259 4.73 17.50 20.91
N ARG B 260 4.82 18.02 19.69
N ARG B 260 4.82 18.01 19.69
CA ARG B 260 4.12 17.47 18.54
CA ARG B 260 4.10 17.47 18.55
C ARG B 260 4.95 16.40 17.85
C ARG B 260 4.94 16.43 17.81
N VAL B 261 4.27 15.38 17.33
CA VAL B 261 4.88 14.38 16.46
C VAL B 261 3.96 14.21 15.26
N PHE B 262 4.49 13.60 14.21
CA PHE B 262 3.81 13.57 12.92
C PHE B 262 3.92 12.17 12.32
N ARG B 263 2.77 11.57 12.01
CA ARG B 263 2.72 10.22 11.45
C ARG B 263 1.73 10.21 10.30
N ASN B 264 2.20 9.79 9.12
CA ASN B 264 1.45 9.92 7.88
C ASN B 264 0.57 8.69 7.65
N GLU B 265 -0.54 8.63 8.37
CA GLU B 265 -1.50 7.56 8.17
C GLU B 265 -2.35 7.88 6.94
N GLY B 266 -2.93 6.83 6.35
CA GLY B 266 -3.69 7.03 5.12
C GLY B 266 -5.08 6.45 5.12
N SER B 267 -6.09 7.32 5.17
CA SER B 267 -7.51 6.93 5.15
C SER B 267 -7.81 5.90 6.23
N ASP B 268 -7.33 6.18 7.43
CA ASP B 268 -7.54 5.33 8.60
C ASP B 268 -7.71 6.24 9.81
N SER B 269 -8.79 6.05 10.55
CA SER B 269 -9.19 6.96 11.61
C SER B 269 -8.63 6.52 12.96
N THR B 270 -9.02 7.25 14.00
CA THR B 270 -8.55 7.10 15.38
C THR B 270 -7.13 7.61 15.56
N HIS B 271 -6.39 7.73 14.46
CA HIS B 271 -5.06 8.34 14.46
C HIS B 271 -5.09 9.58 13.58
N SER B 272 -4.63 10.70 14.15
CA SER B 272 -4.54 11.97 13.43
C SER B 272 -3.13 12.15 12.89
N PRO B 273 -2.96 12.85 11.77
CA PRO B 273 -1.61 13.07 11.24
C PRO B 273 -0.71 13.87 12.16
N GLU B 274 -1.28 14.66 13.07
CA GLU B 274 -0.50 15.49 13.99
C GLU B 274 -1.12 15.42 15.37
N PHE B 275 -0.34 15.05 16.37
CA PHE B 275 -0.83 14.99 17.74
C PHE B 275 0.30 15.27 18.72
N SER B 276 -0.08 15.69 19.92
CA SER B 276 0.87 15.98 20.99
C SER B 276 1.18 14.70 21.75
N MET B 277 2.47 14.46 22.02
CA MET B 277 2.89 13.26 22.71
C MET B 277 3.85 13.61 23.84
N LEU B 278 3.75 12.88 24.93
CA LEU B 278 4.66 12.98 26.07
C LEU B 278 5.60 11.79 26.07
N GLU B 279 6.91 12.05 26.11
CA GLU B 279 7.89 11.01 26.34
C GLU B 279 8.78 11.42 27.51
N THR B 280 8.96 10.51 28.47
CA THR B 280 9.78 10.75 29.64
C THR B 280 10.87 9.69 29.72
N TYR B 281 12.03 10.08 30.22
CA TYR B 281 13.13 9.14 30.41
C TYR B 281 13.78 9.39 31.76
N GLN B 282 14.03 8.31 32.49
CA GLN B 282 14.49 8.37 33.87
C GLN B 282 15.58 7.31 34.05
N THR B 283 16.77 7.73 34.46
CA THR B 283 17.87 6.81 34.60
C THR B 283 17.75 5.99 35.88
N TYR B 284 18.33 4.79 35.85
CA TYR B 284 18.36 3.89 37.01
C TYR B 284 16.95 3.58 37.50
N GLY B 285 16.04 3.40 36.55
CA GLY B 285 14.75 2.81 36.83
C GLY B 285 14.40 1.84 35.72
N THR B 286 13.55 0.87 36.06
CA THR B 286 13.09 -0.13 35.11
C THR B 286 11.66 0.17 34.70
N TYR B 287 11.10 -0.70 33.85
CA TYR B 287 9.72 -0.52 33.42
C TYR B 287 8.73 -0.72 34.56
N ASP B 288 9.16 -1.33 35.67
CA ASP B 288 8.31 -1.37 36.86
C ASP B 288 8.19 0.00 37.51
N ASP B 289 9.29 0.77 37.52
CA ASP B 289 9.25 2.09 38.16
C ASP B 289 8.46 3.08 37.34
N SER B 290 8.53 2.99 36.00
CA SER B 290 7.80 3.92 35.16
C SER B 290 6.32 3.60 35.12
N ALA B 291 5.94 2.33 35.33
CA ALA B 291 4.53 1.99 35.43
C ALA B 291 3.89 2.60 36.67
N LEU B 292 4.63 2.62 37.79
CA LEU B 292 4.13 3.25 39.00
C LEU B 292 4.00 4.76 38.82
N ILE B 293 5.00 5.39 38.21
CA ILE B 293 4.95 6.84 38.00
C ILE B 293 3.82 7.19 37.04
N THR B 294 3.63 6.39 35.99
CA THR B 294 2.58 6.68 35.02
C THR B 294 1.20 6.62 35.66
N ARG B 295 0.97 5.62 36.52
CA ARG B 295 -0.32 5.53 37.21
C ARG B 295 -0.52 6.72 38.15
N GLU B 296 0.51 7.04 38.94
CA GLU B 296 0.40 8.16 39.86
C GLU B 296 0.24 9.48 39.10
N LEU B 297 0.92 9.62 37.97
CA LEU B 297 0.80 10.85 37.18
C LEU B 297 -0.62 11.01 36.65
N ILE B 298 -1.18 9.95 36.06
CA ILE B 298 -2.54 10.00 35.54
C ILE B 298 -3.53 10.30 36.66
N GLN B 299 -3.33 9.68 37.82
CA GLN B 299 -4.21 9.94 38.95
C GLN B 299 -4.02 11.36 39.47
N GLU B 300 -2.79 11.86 39.46
CA GLU B 300 -2.55 13.24 39.90
C GLU B 300 -3.09 14.24 38.89
N VAL B 301 -2.98 13.95 37.59
CA VAL B 301 -3.52 14.84 36.58
C VAL B 301 -5.04 14.92 36.69
N ALA B 302 -5.68 13.79 37.00
CA ALA B 302 -7.13 13.80 37.21
C ALA B 302 -7.50 14.66 38.42
N ASP B 303 -6.72 14.59 39.50
CA ASP B 303 -7.03 15.37 40.69
C ASP B 303 -6.92 16.86 40.42
N GLU B 304 -5.88 17.27 39.69
CA GLU B 304 -5.63 18.70 39.49
C GLU B 304 -6.53 19.31 38.43
N ALA B 305 -6.73 18.60 37.32
CA ALA B 305 -7.42 19.17 36.17
C ALA B 305 -8.88 18.78 36.07
N ILE B 306 -9.26 17.58 36.53
CA ILE B 306 -10.64 17.13 36.46
C ILE B 306 -11.35 17.33 37.79
N GLY B 307 -10.65 17.16 38.90
CA GLY B 307 -11.22 17.34 40.21
C GLY B 307 -11.70 16.08 40.89
N THR B 308 -11.63 14.93 40.22
CA THR B 308 -12.08 13.67 40.79
C THR B 308 -11.43 12.53 40.03
N ARG B 309 -11.39 11.36 40.68
CA ARG B 309 -10.98 10.13 40.03
C ARG B 309 -12.17 9.26 39.64
N GLN B 310 -13.39 9.75 39.84
CA GLN B 310 -14.62 9.10 39.36
C GLN B 310 -15.07 9.90 38.12
N LEU B 311 -14.51 9.54 36.97
CA LEU B 311 -14.61 10.37 35.77
C LEU B 311 -15.98 10.22 35.15
N SER B 312 -16.69 11.35 35.01
CA SER B 312 -17.97 11.36 34.32
C SER B 312 -17.75 11.27 32.82
N MET B 313 -18.53 10.42 32.17
CA MET B 313 -18.42 10.19 30.73
C MET B 313 -19.64 10.76 30.01
N PRO B 314 -19.51 11.07 28.71
CA PRO B 314 -20.64 11.66 27.99
C PRO B 314 -21.90 10.82 28.02
N ASP B 315 -21.78 9.49 28.07
CA ASP B 315 -22.95 8.62 28.11
C ASP B 315 -23.62 8.59 29.48
N GLY B 316 -23.11 9.33 30.46
CA GLY B 316 -23.67 9.35 31.79
C GLY B 316 -23.00 8.41 32.77
N SER B 317 -22.19 7.47 32.29
CA SER B 317 -21.52 6.52 33.18
C SER B 317 -20.39 7.21 33.94
N VAL B 318 -19.85 6.50 34.92
CA VAL B 318 -18.76 6.98 35.75
C VAL B 318 -17.63 5.96 35.68
N TYR B 319 -16.45 6.40 35.27
CA TYR B 319 -15.30 5.53 35.13
C TYR B 319 -14.34 5.76 36.30
N ASP B 320 -13.90 4.66 36.92
CA ASP B 320 -13.07 4.71 38.12
C ASP B 320 -11.62 4.43 37.75
N ILE B 321 -10.76 5.42 37.95
CA ILE B 321 -9.31 5.26 37.74
C ILE B 321 -8.56 5.33 39.06
N ASP B 322 -9.25 5.33 40.19
CA ASP B 322 -8.58 5.44 41.47
C ASP B 322 -8.01 4.09 41.90
N GLY B 323 -7.13 4.13 42.89
CA GLY B 323 -6.54 2.93 43.43
C GLY B 323 -5.43 2.36 42.56
N GLU B 324 -5.03 1.15 42.89
CA GLU B 324 -4.01 0.45 42.13
C GLU B 324 -4.65 -0.32 40.97
N TRP B 325 -3.87 -0.51 39.91
CA TRP B 325 -4.37 -1.08 38.67
C TRP B 325 -3.81 -2.48 38.46
N ALA B 326 -4.60 -3.32 37.80
CA ALA B 326 -4.22 -4.70 37.56
C ALA B 326 -3.07 -4.79 36.56
N THR B 327 -2.27 -5.85 36.69
CA THR B 327 -1.16 -6.13 35.81
C THR B 327 -1.23 -7.58 35.34
N MET B 328 -0.93 -7.80 34.06
CA MET B 328 -0.93 -9.14 33.48
C MET B 328 0.21 -9.27 32.50
N GLU B 329 0.66 -10.51 32.29
CA GLU B 329 1.66 -10.80 31.28
C GLU B 329 0.97 -11.21 29.99
N MET B 330 1.57 -10.83 28.86
CA MET B 330 0.94 -11.06 27.57
C MET B 330 0.83 -12.55 27.28
N TYR B 331 1.94 -13.28 27.35
CA TYR B 331 1.92 -14.70 27.06
C TYR B 331 1.06 -15.46 28.07
N SER B 332 1.13 -15.09 29.34
CA SER B 332 0.39 -15.79 30.37
C SER B 332 -1.12 -15.57 30.22
N SER B 333 -1.55 -14.31 30.06
CA SER B 333 -2.97 -14.02 29.98
C SER B 333 -3.59 -14.48 28.66
N LEU B 334 -2.83 -14.43 27.57
CA LEU B 334 -3.34 -14.93 26.29
C LEU B 334 -3.63 -16.42 26.36
N SER B 335 -2.80 -17.17 27.09
CA SER B 335 -3.02 -18.62 27.21
C SER B 335 -4.33 -18.91 27.94
N GLU B 336 -4.65 -18.12 28.97
CA GLU B 336 -5.89 -18.32 29.69
C GLU B 336 -7.11 -18.02 28.81
N ALA B 337 -7.05 -16.94 28.03
CA ALA B 337 -8.19 -16.56 27.20
C ALA B 337 -8.43 -17.54 26.06
N LEU B 338 -7.40 -18.27 25.62
CA LEU B 338 -7.56 -19.24 24.55
C LEU B 338 -7.73 -20.66 25.04
N GLY B 339 -7.33 -20.96 26.28
CA GLY B 339 -7.32 -22.32 26.77
C GLY B 339 -6.12 -23.13 26.32
N GLU B 340 -5.23 -22.56 25.51
CA GLU B 340 -4.04 -23.21 25.01
C GLU B 340 -2.82 -22.41 25.46
N GLN B 341 -1.82 -23.11 26.00
CA GLN B 341 -0.62 -22.42 26.49
C GLN B 341 0.20 -21.90 25.31
N ILE B 342 0.45 -20.59 25.29
CA ILE B 342 1.24 -19.94 24.25
C ILE B 342 2.54 -19.45 24.88
N THR B 343 3.66 -19.79 24.26
CA THR B 343 4.99 -19.46 24.72
C THR B 343 5.76 -18.81 23.58
N PRO B 344 6.88 -18.13 23.89
CA PRO B 344 7.72 -17.58 22.81
C PRO B 344 8.17 -18.62 21.79
N GLU B 345 8.18 -19.90 22.17
CA GLU B 345 8.59 -20.98 21.28
C GLU B 345 7.46 -21.50 20.40
N THR B 346 6.24 -20.97 20.54
CA THR B 346 5.12 -21.39 19.71
C THR B 346 5.39 -21.02 18.25
N THR B 347 5.15 -21.98 17.36
CA THR B 347 5.45 -21.78 15.95
C THR B 347 4.51 -20.75 15.33
N VAL B 348 4.97 -20.09 14.27
CA VAL B 348 4.13 -19.15 13.55
C VAL B 348 2.96 -19.85 12.88
N ALA B 349 3.17 -21.08 12.42
CA ALA B 349 2.09 -21.85 11.82
C ALA B 349 1.01 -22.16 12.83
N ARG B 350 1.41 -22.54 14.05
CA ARG B 350 0.43 -22.83 15.09
C ARG B 350 -0.37 -21.59 15.45
N LEU B 351 0.29 -20.44 15.51
CA LEU B 351 -0.40 -19.19 15.80
C LEU B 351 -1.35 -18.81 14.66
N ARG B 352 -0.93 -19.05 13.41
CA ARG B 352 -1.80 -18.74 12.28
C ARG B 352 -3.01 -19.65 12.22
N ASP B 353 -2.89 -20.89 12.72
CA ASP B 353 -4.03 -21.78 12.78
C ASP B 353 -5.03 -21.31 13.84
N ILE B 354 -4.53 -20.78 14.96
CA ILE B 354 -5.40 -20.20 15.97
C ILE B 354 -6.13 -18.98 15.41
N ALA B 355 -5.43 -18.20 14.59
CA ALA B 355 -6.04 -17.01 13.99
C ALA B 355 -7.15 -17.41 13.02
N SER B 356 -6.93 -18.43 12.20
CA SER B 356 -7.97 -18.89 11.29
C SER B 356 -9.17 -19.43 12.05
N GLY B 357 -8.93 -20.14 13.16
CA GLY B 357 -10.01 -20.66 13.97
C GLY B 357 -10.78 -19.58 14.73
N LEU B 358 -10.15 -18.44 14.99
CA LEU B 358 -10.79 -17.33 15.68
C LEU B 358 -11.34 -16.27 14.73
N ASP B 359 -11.23 -16.49 13.41
CA ASP B 359 -11.70 -15.54 12.40
C ASP B 359 -10.99 -14.21 12.53
N VAL B 360 -9.68 -14.26 12.77
CA VAL B 360 -8.82 -13.08 12.87
C VAL B 360 -8.07 -12.93 11.56
N GLU B 361 -7.94 -11.69 11.09
CA GLU B 361 -7.32 -11.41 9.80
C GLU B 361 -5.81 -11.27 9.97
N ILE B 362 -5.05 -11.98 9.15
CA ILE B 362 -3.61 -12.06 9.28
C ILE B 362 -2.93 -11.61 7.98
N ASP B 363 -1.61 -11.77 7.91
CA ASP B 363 -0.84 -11.40 6.73
C ASP B 363 0.26 -12.42 6.53
N ASN B 364 0.45 -12.87 5.30
CA ASN B 364 1.51 -13.84 5.00
C ASN B 364 2.86 -13.16 4.82
N SER B 365 2.87 -11.97 4.22
CA SER B 365 4.08 -11.22 3.96
C SER B 365 4.79 -10.81 5.25
N VAL B 366 4.19 -9.88 6.00
CA VAL B 366 4.77 -9.39 7.25
C VAL B 366 4.89 -10.56 8.21
N PHE B 367 3.76 -11.01 8.77
CA PHE B 367 3.70 -12.21 9.60
C PHE B 367 4.71 -12.09 10.75
N GLY B 368 5.23 -13.24 11.18
CA GLY B 368 6.21 -13.35 12.24
C GLY B 368 5.58 -13.77 13.57
N HIS B 369 6.43 -14.29 14.45
CA HIS B 369 5.97 -14.75 15.75
C HIS B 369 5.44 -13.60 16.59
N GLY B 370 6.19 -12.50 16.68
CA GLY B 370 5.82 -11.42 17.57
C GLY B 370 4.52 -10.74 17.19
N LYS B 371 4.41 -10.34 15.92
CA LYS B 371 3.20 -9.64 15.48
C LYS B 371 1.97 -10.52 15.61
N LEU B 372 2.10 -11.83 15.39
CA LEU B 372 0.96 -12.73 15.51
C LEU B 372 0.52 -12.88 16.96
N VAL B 373 1.47 -12.97 17.90
CA VAL B 373 1.12 -13.03 19.32
C VAL B 373 0.42 -11.75 19.75
N GLU B 374 0.91 -10.60 19.28
CA GLU B 374 0.29 -9.33 19.63
C GLU B 374 -1.11 -9.21 19.05
N GLU B 375 -1.27 -9.60 17.78
CA GLU B 375 -2.59 -9.52 17.14
C GLU B 375 -3.60 -10.39 17.86
N LEU B 376 -3.19 -11.58 18.31
CA LEU B 376 -4.08 -12.47 19.03
C LEU B 376 -4.44 -11.92 20.41
N TRP B 377 -3.49 -11.28 21.09
CA TRP B 377 -3.77 -10.79 22.45
C TRP B 377 -4.82 -9.69 22.44
N GLU B 378 -4.78 -8.81 21.44
CA GLU B 378 -5.74 -7.71 21.38
C GLU B 378 -7.17 -8.22 21.20
N HIS B 379 -7.35 -9.25 20.36
CA HIS B 379 -8.69 -9.75 20.09
C HIS B 379 -9.25 -10.55 21.26
N ALA B 380 -8.41 -11.32 21.94
CA ALA B 380 -8.87 -12.24 22.98
C ALA B 380 -8.85 -11.63 24.38
N VAL B 381 -8.02 -10.61 24.61
CA VAL B 381 -7.86 -10.06 25.96
C VAL B 381 -8.05 -8.55 25.95
N GLY B 382 -7.37 -7.87 25.02
CA GLY B 382 -7.27 -6.42 25.09
C GLY B 382 -8.60 -5.72 24.91
N ASN B 383 -9.38 -6.14 23.91
CA ASN B 383 -10.63 -5.47 23.60
C ASN B 383 -11.69 -5.65 24.69
N LYS B 384 -11.58 -6.71 25.49
CA LYS B 384 -12.54 -6.96 26.56
C LYS B 384 -12.21 -6.25 27.87
N LEU B 385 -11.10 -5.51 27.92
CA LEU B 385 -10.71 -4.84 29.15
C LEU B 385 -11.60 -3.62 29.42
N THR B 386 -11.87 -3.38 30.70
CA THR B 386 -12.65 -2.23 31.13
C THR B 386 -11.89 -1.38 32.15
N ALA B 387 -11.39 -1.98 33.23
CA ALA B 387 -10.64 -1.26 34.23
C ALA B 387 -9.24 -0.94 33.70
N PRO B 388 -8.55 0.04 34.30
CA PRO B 388 -7.17 0.31 33.90
C PRO B 388 -6.30 -0.91 34.11
N THR B 389 -5.56 -1.31 33.07
CA THR B 389 -4.83 -2.56 33.08
C THR B 389 -3.46 -2.39 32.43
N PHE B 390 -2.44 -2.96 33.07
CA PHE B 390 -1.12 -3.08 32.48
C PHE B 390 -0.95 -4.47 31.87
N VAL B 391 -0.37 -4.53 30.68
CA VAL B 391 0.06 -5.78 30.06
C VAL B 391 1.56 -5.67 29.78
N LYS B 392 2.34 -6.61 30.31
CA LYS B 392 3.79 -6.51 30.25
C LYS B 392 4.40 -7.74 29.59
N ASP B 393 5.71 -7.65 29.35
CA ASP B 393 6.52 -8.71 28.75
C ASP B 393 6.05 -9.05 27.34
N PHE B 394 6.59 -8.31 26.35
CA PHE B 394 6.22 -8.36 24.94
C PHE B 394 7.21 -9.21 24.16
N PRO B 395 6.81 -9.74 23.00
CA PRO B 395 7.76 -10.46 22.15
C PRO B 395 8.89 -9.56 21.67
N VAL B 396 10.07 -10.16 21.50
CA VAL B 396 11.25 -9.39 21.11
C VAL B 396 11.13 -8.89 19.68
N GLU B 397 10.42 -9.62 18.81
CA GLU B 397 10.38 -9.27 17.39
C GLU B 397 9.75 -7.90 17.16
N THR B 398 8.82 -7.49 18.02
CA THR B 398 8.05 -6.28 17.80
C THR B 398 8.41 -5.16 18.77
N THR B 399 9.54 -5.27 19.48
CA THR B 399 9.98 -4.25 20.43
C THR B 399 11.48 -4.04 20.24
N PRO B 400 11.87 -3.41 19.14
CA PRO B 400 13.32 -3.33 18.80
C PRO B 400 14.13 -2.46 19.75
N LEU B 401 13.52 -1.47 20.39
CA LEU B 401 14.24 -0.55 21.27
C LEU B 401 14.10 -0.94 22.74
N THR B 402 13.53 -2.10 23.03
CA THR B 402 13.25 -2.52 24.40
C THR B 402 14.26 -3.57 24.84
N ARG B 403 14.73 -3.45 26.08
CA ARG B 403 15.68 -4.42 26.63
C ARG B 403 14.99 -5.76 26.84
N GLN B 404 15.76 -6.82 26.65
CA GLN B 404 15.25 -8.17 26.89
C GLN B 404 15.01 -8.39 28.39
N HIS B 405 14.12 -9.31 28.70
CA HIS B 405 13.76 -9.57 30.08
C HIS B 405 14.94 -10.14 30.85
N ARG B 406 14.94 -9.92 32.17
CA ARG B 406 16.02 -10.42 33.02
C ARG B 406 16.15 -11.93 32.93
N SER B 407 15.03 -12.64 33.04
CA SER B 407 15.05 -14.09 33.17
C SER B 407 14.33 -14.81 32.04
N ILE B 408 13.11 -14.39 31.72
CA ILE B 408 12.32 -15.09 30.69
C ILE B 408 12.91 -14.78 29.31
N PRO B 409 13.28 -15.79 28.53
CA PRO B 409 13.80 -15.55 27.19
C PRO B 409 12.67 -15.28 26.20
N GLY B 410 13.02 -14.57 25.13
CA GLY B 410 12.09 -14.28 24.07
C GLY B 410 11.12 -13.17 24.35
N VAL B 411 11.17 -12.52 25.51
CA VAL B 411 10.29 -11.41 25.83
C VAL B 411 11.13 -10.22 26.26
N THR B 412 10.54 -9.03 26.13
CA THR B 412 11.20 -7.78 26.47
C THR B 412 10.40 -7.06 27.56
N GLU B 413 11.10 -6.18 28.28
CA GLU B 413 10.49 -5.49 29.43
C GLU B 413 9.77 -4.24 28.94
N LYS B 414 8.57 -4.46 28.40
CA LYS B 414 7.68 -3.41 27.94
C LYS B 414 6.29 -3.63 28.51
N TRP B 415 5.62 -2.54 28.89
CA TRP B 415 4.22 -2.60 29.28
C TRP B 415 3.40 -1.65 28.41
N ASP B 416 2.15 -2.05 28.17
CA ASP B 416 1.16 -1.19 27.55
C ASP B 416 0.05 -0.94 28.56
N LEU B 417 -0.35 0.32 28.68
CA LEU B 417 -1.39 0.72 29.63
C LEU B 417 -2.69 0.92 28.86
N TYR B 418 -3.74 0.19 29.26
CA TYR B 418 -5.05 0.29 28.67
C TYR B 418 -6.00 0.92 29.69
N VAL B 419 -6.58 2.06 29.33
CA VAL B 419 -7.57 2.75 30.15
C VAL B 419 -8.83 2.90 29.31
N ARG B 420 -9.96 2.47 29.87
CA ARG B 420 -11.24 2.44 29.14
C ARG B 420 -11.11 1.67 27.82
N GLY B 421 -10.40 0.54 27.87
CA GLY B 421 -10.24 -0.30 26.70
C GLY B 421 -9.38 0.29 25.61
N VAL B 422 -8.76 1.44 25.85
CA VAL B 422 -7.95 2.13 24.85
C VAL B 422 -6.50 2.16 25.31
N GLU B 423 -5.59 1.91 24.37
CA GLU B 423 -4.16 2.00 24.65
C GLU B 423 -3.78 3.45 24.94
N LEU B 424 -3.30 3.70 26.15
CA LEU B 424 -3.01 5.05 26.60
C LEU B 424 -1.52 5.36 26.69
N ALA B 425 -0.75 4.51 27.36
CA ALA B 425 0.67 4.77 27.57
C ALA B 425 1.45 3.47 27.41
N THR B 426 2.76 3.63 27.19
CA THR B 426 3.67 2.51 27.04
C THR B 426 4.98 2.86 27.72
N GLY B 427 5.65 1.83 28.26
CA GLY B 427 6.92 2.04 28.93
C GLY B 427 7.89 0.91 28.71
N TYR B 428 9.18 1.24 28.56
CA TYR B 428 10.22 0.24 28.31
C TYR B 428 11.23 0.26 29.45
N SER B 429 11.89 -0.88 29.62
CA SER B 429 13.25 -0.92 30.16
C SER B 429 14.16 -0.74 28.96
N GLU B 430 14.83 0.41 28.88
CA GLU B 430 15.48 0.80 27.64
C GLU B 430 16.65 -0.12 27.30
N LEU B 431 16.77 -0.45 26.03
CA LEU B 431 17.89 -1.23 25.53
C LEU B 431 19.09 -0.31 25.35
N ASN B 432 20.11 -0.48 26.20
CA ASN B 432 21.32 0.34 26.12
C ASN B 432 22.52 -0.41 25.55
N ASP B 433 22.44 -1.72 25.39
CA ASP B 433 23.52 -2.49 24.79
C ASP B 433 23.64 -2.13 23.31
N PRO B 434 24.73 -1.47 22.89
CA PRO B 434 24.81 -1.03 21.48
C PRO B 434 24.98 -2.19 20.51
N VAL B 435 25.61 -3.29 20.94
CA VAL B 435 25.77 -4.43 20.05
C VAL B 435 24.43 -5.14 19.84
N VAL B 436 23.66 -5.31 20.91
CA VAL B 436 22.34 -5.92 20.78
C VAL B 436 21.41 -5.00 20.00
N GLN B 437 21.51 -3.70 20.22
CA GLN B 437 20.65 -2.75 19.51
C GLN B 437 20.89 -2.81 18.00
N ARG B 438 22.14 -3.00 17.59
CA ARG B 438 22.44 -3.14 16.17
C ARG B 438 21.84 -4.42 15.60
N ASP B 439 21.78 -5.48 16.41
CA ASP B 439 21.15 -6.72 15.96
C ASP B 439 19.65 -6.53 15.78
N ARG B 440 19.01 -5.76 16.66
CA ARG B 440 17.58 -5.47 16.50
C ARG B 440 17.32 -4.72 15.20
N PHE B 441 18.19 -3.76 14.85
CA PHE B 441 18.03 -3.04 13.60
C PHE B 441 18.24 -3.94 12.40
N ALA B 442 19.12 -4.94 12.51
CA ALA B 442 19.26 -5.91 11.43
C ALA B 442 17.99 -6.76 11.27
N ASP B 443 17.31 -7.04 12.37
CA ASP B 443 16.03 -7.74 12.29
C ASP B 443 14.94 -6.84 11.72
N GLN B 444 14.99 -5.54 12.04
CA GLN B 444 14.06 -4.61 11.41
C GLN B 444 14.33 -4.47 9.92
N ALA B 445 15.59 -4.57 9.50
CA ALA B 445 15.89 -4.56 8.07
C ALA B 445 15.33 -5.80 7.39
N ARG B 446 15.31 -6.93 8.11
CA ARG B 446 14.70 -8.14 7.58
CA ARG B 446 14.69 -8.15 7.58
C ARG B 446 13.22 -7.90 7.28
N ALA B 447 12.51 -7.21 8.17
CA ALA B 447 11.09 -6.94 7.96
C ALA B 447 10.88 -5.95 6.82
N ALA B 448 11.75 -4.94 6.72
CA ALA B 448 11.63 -3.96 5.63
C ALA B 448 11.83 -4.62 4.27
N ALA B 449 12.71 -5.63 4.19
CA ALA B 449 12.90 -6.34 2.94
C ALA B 449 11.70 -7.20 2.58
N ALA B 450 10.87 -7.56 3.56
CA ALA B 450 9.67 -8.35 3.31
C ALA B 450 8.46 -7.50 2.92
N GLY B 451 8.58 -6.18 2.97
CA GLY B 451 7.50 -5.28 2.59
C GLY B 451 7.01 -4.36 3.70
N ASP B 452 7.61 -4.38 4.88
CA ASP B 452 7.18 -3.53 5.98
C ASP B 452 7.87 -2.18 5.83
N ASP B 453 7.17 -1.21 5.28
CA ASP B 453 7.73 0.13 5.13
C ASP B 453 7.65 0.95 6.42
N GLU B 454 7.17 0.37 7.51
CA GLU B 454 7.17 1.02 8.82
C GLU B 454 8.28 0.50 9.73
N ALA B 455 9.07 -0.46 9.26
CA ALA B 455 10.17 -0.98 10.07
C ALA B 455 11.20 0.12 10.32
N MET B 456 11.93 -0.01 11.42
CA MET B 456 12.89 1.01 11.81
C MET B 456 14.16 0.89 10.99
N GLN B 457 14.58 2.01 10.40
CA GLN B 457 15.85 2.06 9.68
C GLN B 457 17.02 2.22 10.64
N LEU B 458 18.17 1.68 10.22
CA LEU B 458 19.38 1.77 11.02
C LEU B 458 19.88 3.20 11.11
N ASP B 459 19.87 3.77 12.30
CA ASP B 459 20.38 5.11 12.56
C ASP B 459 21.77 4.95 13.17
N GLU B 460 22.81 5.15 12.35
CA GLU B 460 24.16 4.89 12.83
C GLU B 460 24.57 5.88 13.92
N ASP B 461 24.14 7.15 13.80
CA ASP B 461 24.48 8.12 14.83
C ASP B 461 23.86 7.77 16.17
N PHE B 462 22.66 7.17 16.16
CA PHE B 462 22.06 6.71 17.41
C PHE B 462 22.87 5.56 18.01
N LEU B 463 23.33 4.63 17.17
CA LEU B 463 24.19 3.55 17.64
C LEU B 463 25.52 4.09 18.14
N THR B 464 26.04 5.13 17.49
CA THR B 464 27.29 5.75 17.95
C THR B 464 27.11 6.34 19.35
N ALA B 465 25.95 6.93 19.62
CA ALA B 465 25.70 7.48 20.95
C ALA B 465 25.64 6.37 22.00
N LEU B 466 25.02 5.24 21.66
CA LEU B 466 24.99 4.11 22.59
C LEU B 466 26.38 3.54 22.83
N GLU B 467 27.28 3.65 21.84
CA GLU B 467 28.62 3.11 21.96
C GLU B 467 29.51 3.93 22.89
N TYR B 468 29.09 5.14 23.26
CA TYR B 468 29.74 5.90 24.31
C TYR B 468 29.22 5.56 25.70
N GLY B 469 28.21 4.70 25.79
CA GLY B 469 27.68 4.29 27.07
C GLY B 469 26.46 5.06 27.52
N MET B 470 25.30 4.42 27.50
CA MET B 470 24.08 5.01 28.01
C MET B 470 23.71 4.36 29.33
N PRO B 471 23.50 5.15 30.39
CA PRO B 471 23.11 4.55 31.67
C PRO B 471 21.79 3.83 31.54
N PRO B 472 21.55 2.83 32.37
CA PRO B 472 20.24 2.16 32.35
C PRO B 472 19.13 3.15 32.69
N CYS B 473 18.02 3.03 31.96
CA CYS B 473 16.94 3.99 32.11
C CYS B 473 15.63 3.35 31.68
N THR B 474 14.54 4.00 32.04
CA THR B 474 13.19 3.60 31.64
C THR B 474 12.49 4.78 30.99
N GLY B 475 11.79 4.52 29.90
CA GLY B 475 11.11 5.56 29.15
C GLY B 475 9.64 5.25 28.98
N THR B 476 8.84 6.32 28.98
CA THR B 476 7.41 6.22 28.79
C THR B 476 6.99 7.03 27.57
N GLY B 477 5.82 6.68 27.05
CA GLY B 477 5.20 7.42 25.98
C GLY B 477 3.70 7.47 26.17
N MET B 478 3.07 8.61 25.90
CA MET B 478 1.64 8.77 26.10
C MET B 478 1.14 9.91 25.25
N GLY B 479 0.10 9.65 24.45
CA GLY B 479 -0.51 10.69 23.66
C GLY B 479 -1.42 11.55 24.52
N ILE B 480 -1.26 12.87 24.40
CA ILE B 480 -2.10 13.79 25.17
C ILE B 480 -3.55 13.69 24.74
N ASP B 481 -3.79 13.61 23.43
CA ASP B 481 -5.16 13.44 22.96
CA ASP B 481 -5.15 13.43 22.93
C ASP B 481 -5.76 12.14 23.46
N ARG B 482 -4.94 11.10 23.63
CA ARG B 482 -5.43 9.85 24.19
C ARG B 482 -5.72 10.01 25.68
N LEU B 483 -4.89 10.78 26.39
CA LEU B 483 -5.12 11.02 27.82
C LEU B 483 -6.41 11.78 28.04
N LEU B 484 -6.66 12.82 27.25
CA LEU B 484 -7.93 13.53 27.34
C LEU B 484 -9.10 12.62 27.01
N MET B 485 -8.91 11.68 26.09
CA MET B 485 -9.96 10.72 25.76
C MET B 485 -10.33 9.86 26.97
N CYS B 486 -9.33 9.44 27.75
CA CYS B 486 -9.59 8.59 28.90
C CYS B 486 -10.22 9.38 30.05
N LEU B 487 -9.79 10.63 30.24
CA LEU B 487 -10.25 11.42 31.37
C LEU B 487 -11.62 12.04 31.14
N THR B 488 -11.93 12.41 29.90
CA THR B 488 -13.18 13.12 29.60
C THR B 488 -14.09 12.40 28.62
N GLY B 489 -13.61 11.36 27.94
CA GLY B 489 -14.42 10.65 26.97
C GLY B 489 -14.67 11.39 25.68
N LEU B 490 -13.94 12.47 25.41
CA LEU B 490 -14.14 13.29 24.23
C LEU B 490 -13.15 12.91 23.13
N SER B 491 -13.61 12.95 21.89
CA SER B 491 -12.80 12.56 20.75
C SER B 491 -11.73 13.61 20.46
N ILE B 492 -10.81 13.24 19.57
CA ILE B 492 -9.72 14.14 19.19
C ILE B 492 -10.25 15.38 18.48
N ARG B 493 -11.35 15.24 17.73
CA ARG B 493 -11.93 16.38 17.02
CA ARG B 493 -11.94 16.38 17.02
C ARG B 493 -12.72 17.31 17.93
N GLU B 494 -12.76 17.06 19.23
CA GLU B 494 -13.39 17.94 20.19
C GLU B 494 -12.41 18.58 21.16
N THR B 495 -11.32 17.88 21.51
CA THR B 495 -10.35 18.39 22.47
C THR B 495 -9.23 19.20 21.82
N VAL B 496 -9.15 19.21 20.49
CA VAL B 496 -8.15 19.99 19.76
C VAL B 496 -8.85 21.20 19.16
N LEU B 497 -8.23 22.38 19.33
CA LEU B 497 -8.86 23.62 18.91
C LEU B 497 -9.14 23.62 17.41
N PHE B 498 -8.13 23.31 16.60
CA PHE B 498 -8.23 23.37 15.14
C PHE B 498 -7.78 22.04 14.54
N PRO B 499 -8.65 21.03 14.56
CA PRO B 499 -8.29 19.77 13.89
C PRO B 499 -8.22 19.96 12.38
N ILE B 500 -7.37 19.16 11.75
CA ILE B 500 -7.10 19.37 10.33
C ILE B 500 -8.31 18.98 9.50
N VAL B 501 -8.62 19.79 8.50
CA VAL B 501 -9.80 19.58 7.67
C VAL B 501 -9.50 20.02 6.25
N ARG B 502 -10.18 19.40 5.31
CA ARG B 502 -10.00 19.68 3.88
C ARG B 502 -10.49 21.08 3.51
N ILE C 16 -11.51 7.37 0.92
CA ILE C 16 -12.57 8.17 1.52
C ILE C 16 -13.53 8.65 0.43
N PRO C 17 -14.83 8.70 0.77
CA PRO C 17 -15.81 9.21 -0.20
C PRO C 17 -15.64 10.68 -0.52
N GLU C 18 -14.86 11.42 0.26
CA GLU C 18 -14.56 12.81 -0.04
C GLU C 18 -13.34 12.96 -0.94
N GLN C 19 -12.36 12.06 -0.83
CA GLN C 19 -11.25 12.05 -1.77
C GLN C 19 -11.72 11.79 -3.18
N PHE C 20 -12.73 10.91 -3.32
CA PHE C 20 -13.29 10.63 -4.64
C PHE C 20 -13.94 11.87 -5.24
N ARG C 21 -14.57 12.70 -4.40
CA ARG C 21 -15.28 13.88 -4.90
C ARG C 21 -14.34 14.90 -5.52
N ILE C 22 -13.16 15.11 -4.93
CA ILE C 22 -12.23 16.10 -5.48
C ILE C 22 -11.71 15.64 -6.85
N ARG C 23 -11.33 14.37 -6.97
CA ARG C 23 -10.78 13.88 -8.22
C ARG C 23 -11.84 13.84 -9.32
N ARG C 24 -13.08 13.52 -8.95
CA ARG C 24 -14.16 13.52 -9.94
C ARG C 24 -14.44 14.95 -10.44
N ASP C 25 -14.40 15.93 -9.54
CA ASP C 25 -14.58 17.32 -9.97
C ASP C 25 -13.44 17.79 -10.87
N LYS C 26 -12.22 17.30 -10.63
CA LYS C 26 -11.11 17.66 -11.50
C LYS C 26 -11.31 17.09 -12.90
N ARG C 27 -11.77 15.84 -13.00
CA ARG C 27 -12.01 15.24 -14.31
C ARG C 27 -13.06 16.02 -15.10
N ALA C 28 -14.20 16.31 -14.48
CA ALA C 28 -15.24 17.06 -15.17
C ALA C 28 -14.76 18.47 -15.53
N ARG C 29 -13.92 19.07 -14.70
CA ARG C 29 -13.39 20.40 -15.00
CA ARG C 29 -13.40 20.40 -15.01
C ARG C 29 -12.46 20.36 -16.20
N LEU C 30 -11.56 19.37 -16.25
CA LEU C 30 -10.65 19.25 -17.38
C LEU C 30 -11.41 19.00 -18.68
N LEU C 31 -12.44 18.16 -18.63
CA LEU C 31 -13.21 17.85 -19.83
C LEU C 31 -13.94 19.09 -20.34
N ALA C 32 -14.43 19.94 -19.43
CA ALA C 32 -15.13 21.15 -19.84
C ALA C 32 -14.17 22.21 -20.36
N GLU C 33 -12.96 22.28 -19.81
CA GLU C 33 -11.97 23.26 -20.24
C GLU C 33 -11.29 22.88 -21.55
N GLY C 34 -11.60 21.72 -22.11
CA GLY C 34 -11.00 21.28 -23.35
C GLY C 34 -9.77 20.41 -23.20
N TYR C 35 -9.27 20.21 -21.98
CA TYR C 35 -8.12 19.34 -21.74
C TYR C 35 -8.64 17.93 -21.49
N ASP C 36 -8.56 17.09 -22.51
CA ASP C 36 -9.08 15.73 -22.45
C ASP C 36 -8.41 14.93 -21.35
N PRO C 37 -9.14 14.50 -20.31
CA PRO C 37 -8.51 13.72 -19.24
C PRO C 37 -8.29 12.26 -19.60
N TYR C 38 -8.92 11.75 -20.66
CA TYR C 38 -8.73 10.38 -21.14
C TYR C 38 -8.52 10.41 -22.64
N PRO C 39 -7.39 10.93 -23.09
CA PRO C 39 -7.20 11.16 -24.53
C PRO C 39 -6.87 9.87 -25.27
N VAL C 40 -6.99 9.94 -26.59
CA VAL C 40 -6.68 8.85 -27.50
C VAL C 40 -5.55 9.31 -28.42
N ALA C 41 -4.77 8.34 -28.91
CA ALA C 41 -3.69 8.56 -29.88
C ALA C 41 -2.46 9.18 -29.24
N ILE C 42 -2.26 8.95 -27.94
CA ILE C 42 -0.99 9.31 -27.31
C ILE C 42 0.09 8.38 -27.84
N GLU C 43 1.15 8.95 -28.41
CA GLU C 43 2.25 8.18 -28.97
C GLU C 43 3.39 8.12 -27.96
N ARG C 44 3.75 6.91 -27.56
CA ARG C 44 4.83 6.71 -26.59
C ARG C 44 6.05 6.19 -27.33
N THR C 45 7.14 6.96 -27.28
CA THR C 45 8.35 6.60 -28.04
C THR C 45 9.14 5.50 -27.35
N HIS C 46 9.18 5.51 -26.01
CA HIS C 46 9.93 4.52 -25.25
C HIS C 46 9.13 4.11 -24.02
N THR C 47 9.31 2.86 -23.61
CA THR C 47 8.89 2.47 -22.28
C THR C 47 9.96 2.89 -21.28
N LEU C 48 9.54 3.03 -20.01
CA LEU C 48 10.48 3.48 -18.99
C LEU C 48 11.64 2.51 -18.82
N ALA C 49 11.41 1.22 -19.05
CA ALA C 49 12.51 0.26 -19.00
C ALA C 49 13.50 0.49 -20.13
N GLU C 50 13.03 0.91 -21.32
CA GLU C 50 13.95 1.24 -22.41
C GLU C 50 14.79 2.46 -22.07
N ILE C 51 14.20 3.45 -21.38
CA ILE C 51 14.95 4.64 -21.02
C ILE C 51 16.05 4.30 -20.01
N ARG C 52 15.71 3.50 -19.00
CA ARG C 52 16.71 3.15 -17.98
C ARG C 52 17.82 2.26 -18.55
N ALA C 53 17.49 1.40 -19.51
CA ALA C 53 18.51 0.54 -20.10
C ALA C 53 19.42 1.31 -21.03
N THR C 54 18.86 2.23 -21.82
CA THR C 54 19.66 2.97 -22.79
C THR C 54 20.63 3.93 -22.12
N TYR C 55 20.17 4.67 -21.11
CA TYR C 55 20.97 5.70 -20.46
C TYR C 55 21.47 5.26 -19.09
N ALA C 56 21.71 3.96 -18.92
CA ALA C 56 22.24 3.46 -17.65
C ALA C 56 23.62 4.02 -17.36
N ASP C 57 24.46 4.15 -18.39
CA ASP C 57 25.83 4.66 -18.23
C ASP C 57 25.90 6.15 -18.52
N LEU C 58 24.99 6.92 -17.93
CA LEU C 58 24.94 8.35 -18.11
C LEU C 58 25.57 9.06 -16.91
N PRO C 59 26.40 10.08 -17.15
CA PRO C 59 27.05 10.80 -16.05
C PRO C 59 26.04 11.44 -15.11
N THR C 60 26.55 11.94 -13.99
CA THR C 60 25.69 12.35 -12.88
C THR C 60 24.89 13.60 -13.22
N ASP C 61 25.56 14.67 -13.65
CA ASP C 61 24.91 15.94 -13.92
C ASP C 61 24.76 16.21 -15.42
N SER C 62 24.91 15.18 -16.25
CA SER C 62 24.89 15.39 -17.69
C SER C 62 23.46 15.52 -18.20
N ALA C 63 23.36 15.99 -19.44
CA ALA C 63 22.08 16.13 -20.14
C ALA C 63 22.30 15.80 -21.61
N THR C 64 21.45 14.93 -22.15
CA THR C 64 21.56 14.56 -23.56
C THR C 64 20.70 15.50 -24.40
N GLU C 65 20.74 15.29 -25.72
CA GLU C 65 19.89 16.01 -26.66
C GLU C 65 18.85 15.09 -27.28
N ASP C 66 18.60 13.94 -26.66
CA ASP C 66 17.67 12.95 -27.19
C ASP C 66 16.26 13.27 -26.71
N ILE C 67 15.33 13.34 -27.66
CA ILE C 67 13.93 13.63 -27.36
C ILE C 67 13.19 12.31 -27.21
N VAL C 68 12.46 12.16 -26.10
CA VAL C 68 11.68 10.97 -25.83
C VAL C 68 10.27 11.37 -25.41
N GLY C 69 9.32 10.48 -25.67
CA GLY C 69 7.96 10.63 -25.18
C GLY C 69 7.57 9.46 -24.30
N VAL C 70 7.49 9.68 -22.99
CA VAL C 70 7.26 8.60 -22.04
C VAL C 70 5.91 8.79 -21.39
N ALA C 71 5.41 7.70 -20.81
CA ALA C 71 4.15 7.72 -20.08
C ALA C 71 4.27 6.78 -18.88
N GLY C 72 3.64 7.17 -17.78
CA GLY C 72 3.73 6.38 -16.57
C GLY C 72 2.77 6.91 -15.52
N ARG C 73 2.70 6.19 -14.41
CA ARG C 73 1.79 6.51 -13.31
CA ARG C 73 1.79 6.51 -13.31
C ARG C 73 2.53 7.28 -12.24
N VAL C 74 1.96 8.42 -11.84
CA VAL C 74 2.58 9.29 -10.82
C VAL C 74 2.42 8.62 -9.46
N VAL C 75 3.53 8.17 -8.88
CA VAL C 75 3.50 7.54 -7.57
C VAL C 75 4.13 8.41 -6.47
N PHE C 76 4.92 9.41 -6.83
CA PHE C 76 5.46 10.37 -5.87
C PHE C 76 5.60 11.71 -6.57
N ALA C 77 5.29 12.79 -5.85
CA ALA C 77 5.36 14.12 -6.42
C ALA C 77 5.76 15.13 -5.35
N ARG C 78 6.57 16.11 -5.73
CA ARG C 78 6.95 17.20 -4.84
C ARG C 78 7.09 18.46 -5.69
N ASN C 79 6.43 19.53 -5.25
CA ASN C 79 6.35 20.77 -6.00
C ASN C 79 7.14 21.86 -5.29
N THR C 80 8.02 22.52 -6.05
CA THR C 80 8.73 23.71 -5.60
C THR C 80 8.20 24.93 -6.38
N GLY C 81 8.86 26.07 -6.19
CA GLY C 81 8.41 27.30 -6.79
C GLY C 81 8.39 27.28 -8.31
N LYS C 82 9.55 27.03 -8.92
CA LYS C 82 9.70 27.05 -10.37
C LYS C 82 9.90 25.67 -10.98
N LEU C 83 10.02 24.63 -10.17
CA LEU C 83 10.42 23.31 -10.66
C LEU C 83 9.67 22.24 -9.90
N CYS C 84 8.99 21.35 -10.63
CA CYS C 84 8.23 20.26 -10.04
C CYS C 84 8.85 18.92 -10.42
N PHE C 85 8.93 18.02 -9.44
CA PHE C 85 9.45 16.67 -9.63
C PHE C 85 8.32 15.66 -9.44
N ALA C 86 8.43 14.55 -10.16
CA ALA C 86 7.45 13.47 -10.05
C ALA C 86 8.11 12.15 -10.42
N THR C 87 7.81 11.11 -9.65
CA THR C 87 8.28 9.76 -9.94
C THR C 87 7.21 9.03 -10.73
N LEU C 88 7.52 8.73 -11.99
CA LEU C 88 6.62 7.96 -12.84
C LEU C 88 6.94 6.48 -12.73
N GLN C 89 5.89 5.66 -12.68
CA GLN C 89 6.03 4.20 -12.63
C GLN C 89 5.33 3.63 -13.84
N ASP C 90 6.07 2.82 -14.61
CA ASP C 90 5.47 2.15 -15.76
C ASP C 90 4.69 0.93 -15.27
N GLY C 91 4.05 0.24 -16.21
CA GLY C 91 3.24 -0.91 -15.85
C GLY C 91 4.07 -2.02 -15.24
N ASP C 92 5.25 -2.28 -15.81
CA ASP C 92 6.13 -3.32 -15.29
C ASP C 92 6.71 -2.97 -13.93
N GLY C 93 6.70 -1.69 -13.55
CA GLY C 93 7.26 -1.24 -12.29
C GLY C 93 8.48 -0.36 -12.42
N THR C 94 9.05 -0.23 -13.62
CA THR C 94 10.20 0.64 -13.81
C THR C 94 9.84 2.08 -13.48
N GLN C 95 10.71 2.76 -12.75
CA GLN C 95 10.48 4.12 -12.31
C GLN C 95 11.46 5.07 -12.98
N LEU C 96 11.00 6.31 -13.17
CA LEU C 96 11.78 7.36 -13.79
C LEU C 96 11.26 8.69 -13.30
N GLN C 97 12.16 9.66 -13.14
CA GLN C 97 11.78 10.96 -12.65
C GLN C 97 11.33 11.85 -13.81
N ALA C 98 10.33 12.68 -13.55
CA ALA C 98 9.90 13.70 -14.49
C ALA C 98 10.14 15.06 -13.87
N MET C 99 10.74 15.97 -14.64
CA MET C 99 11.07 17.31 -14.17
C MET C 99 10.30 18.31 -15.02
N ILE C 100 9.29 18.94 -14.41
CA ILE C 100 8.47 19.95 -15.06
C ILE C 100 9.04 21.30 -14.63
N SER C 101 9.80 21.94 -15.52
CA SER C 101 10.46 23.20 -15.19
C SER C 101 9.71 24.38 -15.78
N LEU C 102 9.68 25.47 -15.01
CA LEU C 102 9.03 26.69 -15.48
C LEU C 102 9.72 27.23 -16.73
N ASP C 103 11.05 27.19 -16.75
CA ASP C 103 11.78 27.70 -17.90
C ASP C 103 11.51 26.89 -19.16
N GLU C 104 11.11 25.62 -19.00
CA GLU C 104 10.97 24.71 -20.13
C GLU C 104 9.55 24.56 -20.66
N VAL C 105 8.54 24.63 -19.79
CA VAL C 105 7.16 24.41 -20.22
C VAL C 105 6.30 25.67 -20.14
N GLY C 106 6.77 26.74 -19.50
CA GLY C 106 5.99 27.95 -19.38
C GLY C 106 5.14 27.97 -18.12
N ARG C 107 4.62 29.16 -17.82
CA ARG C 107 3.84 29.36 -16.60
C ARG C 107 2.50 28.64 -16.67
N GLU C 108 1.81 28.72 -17.80
CA GLU C 108 0.49 28.10 -17.92
C GLU C 108 0.58 26.58 -17.77
N SER C 109 1.61 25.97 -18.35
CA SER C 109 1.75 24.51 -18.26
C SER C 109 2.11 24.09 -16.84
N LEU C 110 3.01 24.81 -16.18
CA LEU C 110 3.42 24.44 -14.82
C LEU C 110 2.27 24.61 -13.83
N ASP C 111 1.45 25.66 -14.02
CA ASP C 111 0.34 25.88 -13.10
C ASP C 111 -0.69 24.76 -13.20
N ARG C 112 -0.94 24.25 -14.40
CA ARG C 112 -1.86 23.14 -14.55
C ARG C 112 -1.33 21.88 -13.88
N TRP C 113 0.00 21.68 -13.89
CA TRP C 113 0.58 20.51 -13.25
C TRP C 113 0.28 20.47 -11.76
N LYS C 114 0.37 21.62 -11.08
CA LYS C 114 0.14 21.65 -9.64
C LYS C 114 -1.33 21.44 -9.30
N ALA C 115 -2.24 21.87 -10.18
CA ALA C 115 -3.66 21.78 -9.90
C ALA C 115 -4.31 20.49 -10.38
N ASP C 116 -3.78 19.87 -11.44
CA ASP C 116 -4.48 18.77 -12.11
C ASP C 116 -3.94 17.39 -11.75
N VAL C 117 -2.63 17.24 -11.53
CA VAL C 117 -2.03 15.92 -11.38
C VAL C 117 -2.06 15.51 -9.91
N ASP C 118 -2.60 14.32 -9.65
CA ASP C 118 -2.61 13.71 -8.33
C ASP C 118 -1.90 12.36 -8.40
N ILE C 119 -1.62 11.79 -7.23
CA ILE C 119 -0.97 10.49 -7.16
C ILE C 119 -1.92 9.44 -7.73
N GLY C 120 -1.39 8.59 -8.61
CA GLY C 120 -2.17 7.57 -9.28
C GLY C 120 -2.53 7.90 -10.71
N ASP C 121 -2.49 9.19 -11.07
CA ASP C 121 -2.77 9.59 -12.44
C ASP C 121 -1.73 9.04 -13.40
N VAL C 122 -2.16 8.77 -14.62
CA VAL C 122 -1.28 8.38 -15.72
C VAL C 122 -1.02 9.62 -16.56
N VAL C 123 0.25 10.01 -16.68
CA VAL C 123 0.61 11.24 -17.39
C VAL C 123 1.59 10.91 -18.50
N TYR C 124 1.59 11.75 -19.53
CA TYR C 124 2.53 11.68 -20.63
C TYR C 124 3.49 12.85 -20.55
N VAL C 125 4.79 12.57 -20.60
CA VAL C 125 5.84 13.58 -20.47
C VAL C 125 6.73 13.51 -21.70
N HIS C 126 6.89 14.64 -22.38
CA HIS C 126 7.70 14.73 -23.59
C HIS C 126 8.83 15.72 -23.35
N GLY C 127 10.07 15.26 -23.52
CA GLY C 127 11.21 16.11 -23.30
C GLY C 127 12.51 15.39 -23.57
N THR C 128 13.58 15.93 -22.99
CA THR C 128 14.93 15.43 -23.24
C THR C 128 15.42 14.65 -22.02
N VAL C 129 16.16 13.58 -22.27
CA VAL C 129 16.66 12.72 -21.21
C VAL C 129 17.90 13.38 -20.58
N ILE C 130 17.81 13.65 -19.29
CA ILE C 130 18.91 14.24 -18.53
C ILE C 130 19.15 13.39 -17.29
N SER C 131 20.16 13.78 -16.51
CA SER C 131 20.44 13.18 -15.21
C SER C 131 20.50 14.30 -14.20
N SER C 132 19.65 14.23 -13.18
CA SER C 132 19.49 15.35 -12.26
C SER C 132 20.79 15.63 -11.49
N ARG C 133 20.81 16.78 -10.82
CA ARG C 133 21.95 17.12 -9.98
C ARG C 133 22.16 16.09 -8.87
N ARG C 134 21.10 15.42 -8.45
CA ARG C 134 21.16 14.37 -7.44
C ARG C 134 21.42 13.00 -8.03
N GLY C 135 21.81 12.93 -9.31
CA GLY C 135 22.12 11.68 -9.96
C GLY C 135 20.93 10.80 -10.30
N GLU C 136 19.74 11.38 -10.39
CA GLU C 136 18.52 10.63 -10.69
C GLU C 136 18.20 10.77 -12.17
N LEU C 137 18.08 9.63 -12.86
CA LEU C 137 17.70 9.65 -14.27
C LEU C 137 16.31 10.24 -14.45
N SER C 138 16.21 11.29 -15.26
CA SER C 138 14.98 12.05 -15.37
C SER C 138 14.71 12.41 -16.83
N VAL C 139 13.50 12.91 -17.07
CA VAL C 139 13.11 13.46 -18.37
C VAL C 139 12.83 14.94 -18.15
N LEU C 140 13.70 15.80 -18.70
CA LEU C 140 13.50 17.24 -18.61
C LEU C 140 12.40 17.64 -19.57
N ALA C 141 11.19 17.83 -19.04
CA ALA C 141 10.02 18.01 -19.89
C ALA C 141 10.02 19.38 -20.56
N ASP C 142 9.60 19.39 -21.83
CA ASP C 142 9.16 20.60 -22.50
C ASP C 142 7.66 20.64 -22.71
N SER C 143 6.99 19.49 -22.61
CA SER C 143 5.55 19.39 -22.72
C SER C 143 5.08 18.21 -21.88
N TRP C 144 3.89 18.35 -21.29
CA TRP C 144 3.26 17.27 -20.56
C TRP C 144 1.79 17.24 -20.90
N ARG C 145 1.13 16.15 -20.51
CA ARG C 145 -0.26 15.93 -20.90
C ARG C 145 -0.86 14.86 -20.02
N MET C 146 -2.13 15.02 -19.66
CA MET C 146 -2.84 14.00 -18.91
C MET C 146 -3.18 12.83 -19.82
N ALA C 147 -2.87 11.62 -19.38
CA ALA C 147 -3.16 10.41 -20.15
C ALA C 147 -4.31 9.59 -19.60
N ALA C 148 -4.49 9.56 -18.27
CA ALA C 148 -5.62 8.86 -17.66
C ALA C 148 -5.78 9.38 -16.24
N LYS C 149 -6.88 10.08 -15.98
CA LYS C 149 -7.15 10.64 -14.66
C LYS C 149 -7.64 9.54 -13.72
N ALA C 150 -6.99 9.42 -12.57
CA ALA C 150 -7.36 8.45 -11.55
C ALA C 150 -8.34 9.08 -10.58
N LEU C 151 -9.54 8.50 -10.48
CA LEU C 151 -10.54 9.01 -9.56
C LEU C 151 -10.33 8.49 -8.13
N ARG C 152 -9.57 7.42 -7.96
CA ARG C 152 -9.30 6.87 -6.63
C ARG C 152 -7.81 6.87 -6.36
N PRO C 153 -7.40 7.25 -5.15
CA PRO C 153 -5.97 7.26 -4.83
C PRO C 153 -5.46 5.86 -4.57
N LEU C 154 -4.16 5.68 -4.80
CA LEU C 154 -3.52 4.41 -4.50
C LEU C 154 -3.33 4.27 -2.99
N PRO C 155 -3.21 3.04 -2.50
CA PRO C 155 -2.89 2.84 -1.09
C PRO C 155 -1.52 3.44 -0.78
N VAL C 156 -1.35 3.84 0.48
CA VAL C 156 -0.10 4.49 0.87
C VAL C 156 1.07 3.50 0.79
N ALA C 157 0.82 2.24 1.15
CA ALA C 157 1.81 1.19 1.05
C ALA C 157 1.09 -0.13 0.85
N HIS C 158 1.74 -1.05 0.13
CA HIS C 158 1.12 -2.34 -0.12
C HIS C 158 0.94 -3.16 1.15
N LYS C 159 1.68 -2.83 2.22
CA LYS C 159 1.48 -3.49 3.50
C LYS C 159 0.10 -3.19 4.09
N GLU C 160 -0.54 -2.09 3.66
CA GLU C 160 -1.84 -1.71 4.17
C GLU C 160 -2.98 -2.53 3.57
N MET C 161 -2.73 -3.28 2.49
CA MET C 161 -3.77 -4.10 1.88
C MET C 161 -3.74 -5.50 2.48
N SER C 162 -4.91 -5.99 2.89
CA SER C 162 -5.05 -7.35 3.38
C SER C 162 -5.00 -8.34 2.22
N GLU C 163 -4.95 -9.62 2.56
CA GLU C 163 -4.95 -10.66 1.52
C GLU C 163 -6.27 -10.64 0.74
N GLU C 164 -7.39 -10.46 1.44
CA GLU C 164 -8.68 -10.39 0.77
C GLU C 164 -8.78 -9.16 -0.12
N SER C 165 -8.05 -8.09 0.20
CA SER C 165 -8.07 -6.90 -0.64
C SER C 165 -7.26 -7.09 -1.91
N ARG C 166 -6.16 -7.83 -1.84
CA ARG C 166 -5.37 -8.14 -3.04
C ARG C 166 -6.16 -9.04 -3.98
N VAL C 167 -6.93 -9.97 -3.43
CA VAL C 167 -7.74 -10.87 -4.24
C VAL C 167 -8.88 -10.12 -4.90
N ARG C 168 -9.56 -9.27 -4.14
CA ARG C 168 -10.71 -8.55 -4.67
C ARG C 168 -10.28 -7.45 -5.64
N GLN C 169 -9.04 -6.95 -5.51
CA GLN C 169 -8.55 -5.85 -6.33
C GLN C 169 -7.11 -6.15 -6.75
N ARG C 170 -6.93 -7.15 -7.61
CA ARG C 170 -5.59 -7.53 -8.06
C ARG C 170 -4.95 -6.40 -8.86
N TYR C 171 -5.75 -5.60 -9.55
CA TYR C 171 -5.20 -4.49 -10.33
C TYR C 171 -4.49 -3.48 -9.45
N VAL C 172 -5.07 -3.17 -8.27
CA VAL C 172 -4.38 -2.31 -7.32
C VAL C 172 -3.15 -2.99 -6.75
N ASP C 173 -3.25 -4.30 -6.48
CA ASP C 173 -2.13 -5.03 -5.90
C ASP C 173 -0.92 -5.02 -6.82
N LEU C 174 -1.14 -5.22 -8.13
CA LEU C 174 -0.04 -5.23 -9.09
C LEU C 174 0.63 -3.87 -9.21
N ILE C 175 -0.05 -2.79 -8.85
CA ILE C 175 0.55 -1.47 -8.94
C ILE C 175 1.45 -1.20 -7.75
N VAL C 176 0.99 -1.51 -6.53
CA VAL C 176 1.67 -1.07 -5.32
C VAL C 176 2.59 -2.14 -4.71
N ARG C 177 2.42 -3.41 -5.07
CA ARG C 177 3.22 -4.48 -4.47
C ARG C 177 4.11 -5.12 -5.53
N PRO C 178 5.44 -4.91 -5.47
CA PRO C 178 6.31 -5.49 -6.49
C PRO C 178 6.28 -7.01 -6.54
N GLN C 179 6.10 -7.67 -5.39
CA GLN C 179 6.07 -9.12 -5.39
C GLN C 179 4.84 -9.65 -6.12
N ALA C 180 3.74 -8.91 -6.10
CA ALA C 180 2.57 -9.31 -6.88
C ALA C 180 2.90 -9.38 -8.37
N ARG C 181 3.70 -8.41 -8.85
CA ARG C 181 4.16 -8.48 -10.23
C ARG C 181 5.08 -9.68 -10.45
N GLU C 182 6.00 -9.93 -9.51
CA GLU C 182 6.94 -11.05 -9.67
C GLU C 182 6.21 -12.37 -9.75
N VAL C 183 5.25 -12.61 -8.85
CA VAL C 183 4.50 -13.86 -8.85
C VAL C 183 3.72 -14.01 -10.16
N ALA C 184 3.18 -12.91 -10.68
CA ALA C 184 2.44 -12.98 -11.94
C ALA C 184 3.36 -13.44 -13.08
N ARG C 185 4.55 -12.84 -13.19
CA ARG C 185 5.51 -13.31 -14.19
C ARG C 185 5.98 -14.72 -13.90
N GLN C 186 6.04 -15.09 -12.62
CA GLN C 186 6.52 -16.42 -12.24
C GLN C 186 5.57 -17.50 -12.75
N ARG C 187 4.25 -17.30 -12.58
CA ARG C 187 3.28 -18.27 -13.08
C ARG C 187 3.36 -18.38 -14.60
N ILE C 188 3.43 -17.24 -15.29
CA ILE C 188 3.52 -17.26 -16.74
C ILE C 188 4.77 -18.00 -17.19
N ALA C 189 5.87 -17.84 -16.46
CA ALA C 189 7.11 -18.50 -16.84
C ALA C 189 7.07 -20.00 -16.54
N VAL C 190 6.48 -20.38 -15.39
CA VAL C 190 6.42 -21.79 -15.03
C VAL C 190 5.58 -22.57 -16.03
N ILE C 191 4.41 -22.03 -16.39
CA ILE C 191 3.57 -22.68 -17.40
C ILE C 191 4.30 -22.76 -18.73
N ARG C 192 5.04 -21.70 -19.08
CA ARG C 192 5.82 -21.71 -20.30
C ARG C 192 6.91 -22.79 -20.25
N ALA C 193 7.51 -22.99 -19.07
CA ALA C 193 8.55 -24.01 -18.94
C ALA C 193 7.96 -25.42 -19.00
N VAL C 194 6.76 -25.61 -18.48
CA VAL C 194 6.11 -26.92 -18.56
C VAL C 194 5.88 -27.30 -20.01
N ARG C 195 5.42 -26.36 -20.83
CA ARG C 195 5.19 -26.66 -22.25
C ARG C 195 6.49 -26.93 -22.98
N ASN C 196 7.55 -26.19 -22.67
CA ASN C 196 8.85 -26.42 -23.30
C ASN C 196 9.39 -27.80 -22.95
N ALA C 197 9.19 -28.24 -21.70
CA ALA C 197 9.64 -29.56 -21.29
C ALA C 197 8.91 -30.67 -22.04
N LEU C 198 7.63 -30.47 -22.35
CA LEU C 198 6.84 -31.49 -23.05
C LEU C 198 7.09 -31.48 -24.55
N GLU C 199 7.37 -30.31 -25.12
CA GLU C 199 7.63 -30.24 -26.55
C GLU C 199 9.01 -30.80 -26.90
N ARG C 200 9.96 -30.71 -25.97
CA ARG C 200 11.25 -31.38 -26.15
C ARG C 200 11.09 -32.89 -26.24
N ARG C 201 10.00 -33.44 -25.70
CA ARG C 201 9.77 -34.87 -25.66
C ARG C 201 8.72 -35.31 -26.67
N GLY C 202 8.32 -34.43 -27.59
CA GLY C 202 7.42 -34.80 -28.67
C GLY C 202 5.95 -34.79 -28.33
N PHE C 203 5.54 -34.13 -27.25
CA PHE C 203 4.14 -34.05 -26.90
C PHE C 203 3.46 -32.93 -27.69
N LEU C 204 2.29 -33.23 -28.24
CA LEU C 204 1.47 -32.24 -28.93
C LEU C 204 0.34 -31.78 -28.02
N GLU C 205 0.00 -30.50 -28.10
CA GLU C 205 -1.07 -29.93 -27.28
C GLU C 205 -2.35 -29.82 -28.11
N VAL C 206 -3.42 -30.40 -27.59
CA VAL C 206 -4.72 -30.40 -28.25
C VAL C 206 -5.74 -29.72 -27.35
N GLU C 207 -6.89 -29.41 -27.92
CA GLU C 207 -8.02 -28.84 -27.19
C GLU C 207 -9.16 -29.87 -27.18
N THR C 208 -9.56 -30.28 -25.99
CA THR C 208 -10.71 -31.14 -25.81
C THR C 208 -11.84 -30.36 -25.15
N PRO C 209 -13.09 -30.78 -25.36
CA PRO C 209 -14.23 -29.94 -24.92
C PRO C 209 -14.27 -29.76 -23.41
N MET C 210 -14.73 -28.57 -23.01
CA MET C 210 -14.96 -28.27 -21.60
C MET C 210 -16.40 -28.44 -21.18
N LEU C 211 -17.34 -28.23 -22.10
CA LEU C 211 -18.74 -28.59 -21.88
C LEU C 211 -18.95 -30.01 -22.40
N GLN C 212 -19.40 -30.90 -21.51
CA GLN C 212 -19.56 -32.31 -21.82
C GLN C 212 -20.97 -32.76 -21.43
N THR C 213 -21.52 -33.69 -22.21
CA THR C 213 -22.82 -34.26 -21.87
C THR C 213 -22.73 -35.22 -20.69
N LEU C 214 -21.52 -35.71 -20.39
CA LEU C 214 -21.28 -36.54 -19.21
C LEU C 214 -19.85 -36.27 -18.78
N ALA C 215 -19.67 -35.83 -17.53
CA ALA C 215 -18.37 -35.37 -17.03
C ALA C 215 -17.70 -36.50 -16.27
N GLY C 216 -16.77 -37.18 -16.93
CA GLY C 216 -15.98 -38.22 -16.32
C GLY C 216 -14.52 -37.85 -16.20
N GLY C 217 -13.71 -38.86 -15.90
CA GLY C 217 -12.27 -38.70 -15.83
C GLY C 217 -11.72 -38.45 -14.44
N ALA C 218 -12.58 -38.29 -13.45
CA ALA C 218 -12.14 -38.04 -12.07
C ALA C 218 -13.32 -38.30 -11.14
N ALA C 219 -13.01 -38.30 -9.84
CA ALA C 219 -14.02 -38.45 -8.79
C ALA C 219 -14.27 -37.08 -8.19
N ALA C 220 -15.24 -36.37 -8.74
CA ALA C 220 -15.56 -35.02 -8.29
C ALA C 220 -16.98 -34.69 -8.70
N ARG C 221 -17.57 -33.75 -7.97
CA ARG C 221 -18.90 -33.25 -8.31
CA ARG C 221 -18.90 -33.25 -8.31
C ARG C 221 -18.78 -32.19 -9.39
N PRO C 222 -19.58 -32.26 -10.45
CA PRO C 222 -19.46 -31.30 -11.55
C PRO C 222 -20.37 -30.10 -11.39
N PHE C 223 -20.02 -29.04 -12.11
CA PHE C 223 -20.94 -27.94 -12.33
C PHE C 223 -21.92 -28.31 -13.44
N VAL C 224 -23.19 -28.02 -13.23
CA VAL C 224 -24.25 -28.36 -14.18
C VAL C 224 -24.84 -27.06 -14.73
N THR C 225 -24.99 -27.01 -16.06
CA THR C 225 -25.60 -25.86 -16.71
C THR C 225 -26.53 -26.37 -17.81
N HIS C 226 -27.51 -25.55 -18.17
CA HIS C 226 -28.52 -25.92 -19.15
C HIS C 226 -28.21 -25.25 -20.49
N SER C 227 -28.29 -26.03 -21.57
CA SER C 227 -28.05 -25.53 -22.91
C SER C 227 -29.39 -25.36 -23.63
N ASN C 228 -29.62 -24.16 -24.15
CA ASN C 228 -30.82 -23.92 -24.93
C ASN C 228 -30.66 -24.36 -26.38
N ALA C 229 -29.43 -24.41 -26.88
CA ALA C 229 -29.20 -24.88 -28.24
C ALA C 229 -29.48 -26.38 -28.36
N LEU C 230 -29.09 -27.15 -27.35
CA LEU C 230 -29.22 -28.60 -27.37
C LEU C 230 -30.37 -29.12 -26.51
N ASP C 231 -31.00 -28.26 -25.72
CA ASP C 231 -32.15 -28.62 -24.88
C ASP C 231 -31.84 -29.78 -23.93
N ILE C 232 -30.65 -29.77 -23.34
CA ILE C 232 -30.26 -30.73 -22.32
C ILE C 232 -29.30 -30.06 -21.35
N ASP C 233 -28.96 -30.77 -20.28
CA ASP C 233 -28.03 -30.26 -19.28
C ASP C 233 -26.62 -30.66 -19.66
N LEU C 234 -25.73 -29.68 -19.72
CA LEU C 234 -24.31 -29.90 -19.96
C LEU C 234 -23.53 -29.75 -18.66
N TYR C 235 -22.35 -30.36 -18.65
CA TYR C 235 -21.49 -30.39 -17.46
C TYR C 235 -20.14 -29.81 -17.81
N LEU C 236 -19.64 -28.91 -16.97
CA LEU C 236 -18.27 -28.48 -17.07
C LEU C 236 -17.35 -29.65 -16.73
N ARG C 237 -16.28 -29.80 -17.51
CA ARG C 237 -15.43 -30.96 -17.36
C ARG C 237 -14.70 -30.95 -16.02
N ILE C 238 -14.62 -32.12 -15.39
CA ILE C 238 -13.79 -32.29 -14.21
C ILE C 238 -12.41 -32.79 -14.56
N ALA C 239 -12.23 -33.29 -15.78
CA ALA C 239 -10.95 -33.80 -16.27
C ALA C 239 -11.03 -34.00 -17.78
N PRO C 240 -9.93 -33.78 -18.51
CA PRO C 240 -9.90 -34.12 -19.94
C PRO C 240 -9.51 -35.57 -20.23
N GLU C 241 -9.45 -36.42 -19.20
CA GLU C 241 -8.86 -37.75 -19.35
C GLU C 241 -9.57 -38.58 -20.42
N LEU C 242 -10.90 -38.66 -20.35
CA LEU C 242 -11.61 -39.55 -21.25
C LEU C 242 -11.55 -39.08 -22.70
N PHE C 243 -11.34 -37.79 -22.93
CA PHE C 243 -11.19 -37.32 -24.31
C PHE C 243 -9.75 -37.38 -24.80
N LEU C 244 -8.78 -37.21 -23.90
CA LEU C 244 -7.39 -37.42 -24.30
C LEU C 244 -7.11 -38.89 -24.63
N LYS C 245 -7.80 -39.82 -23.96
CA LYS C 245 -7.66 -41.23 -24.31
C LYS C 245 -8.26 -41.53 -25.68
N ARG C 246 -9.36 -40.86 -26.03
CA ARG C 246 -9.88 -40.97 -27.39
C ARG C 246 -8.87 -40.46 -28.41
N CYS C 247 -8.05 -39.48 -28.03
CA CYS C 247 -6.98 -39.02 -28.91
C CYS C 247 -5.92 -40.10 -29.09
N ILE C 248 -5.65 -40.87 -28.02
CA ILE C 248 -4.71 -41.98 -28.12
C ILE C 248 -5.24 -43.05 -29.07
N VAL C 249 -6.53 -43.37 -28.95
CA VAL C 249 -7.17 -44.28 -29.91
C VAL C 249 -7.07 -43.72 -31.31
N GLY C 250 -7.25 -42.40 -31.46
CA GLY C 250 -7.25 -41.78 -32.77
C GLY C 250 -5.89 -41.73 -33.44
N GLY C 251 -4.81 -41.79 -32.68
CA GLY C 251 -3.49 -41.81 -33.28
C GLY C 251 -2.49 -40.81 -32.72
N PHE C 252 -2.90 -40.01 -31.76
CA PHE C 252 -1.95 -39.14 -31.08
C PHE C 252 -1.01 -40.01 -30.24
N ASP C 253 0.28 -39.97 -30.58
CA ASP C 253 1.25 -40.83 -29.89
C ASP C 253 1.64 -40.23 -28.54
N ARG C 254 1.94 -38.94 -28.51
CA ARG C 254 2.28 -38.22 -27.29
C ARG C 254 1.48 -36.92 -27.31
N VAL C 255 0.53 -36.81 -26.38
CA VAL C 255 -0.44 -35.71 -26.41
C VAL C 255 -0.62 -35.20 -24.99
N PHE C 256 -0.91 -33.90 -24.87
CA PHE C 256 -1.18 -33.30 -23.57
C PHE C 256 -2.14 -32.13 -23.75
N GLU C 257 -2.74 -31.72 -22.64
CA GLU C 257 -3.61 -30.54 -22.61
C GLU C 257 -3.41 -29.85 -21.28
N LEU C 258 -3.06 -28.56 -21.33
CA LEU C 258 -2.80 -27.74 -20.15
C LEU C 258 -3.86 -26.64 -20.14
N ASN C 259 -4.98 -26.90 -19.47
CA ASN C 259 -6.10 -25.98 -19.52
C ASN C 259 -6.97 -26.17 -18.28
N ARG C 260 -8.05 -25.40 -18.22
CA ARG C 260 -8.89 -25.30 -17.04
C ARG C 260 -9.73 -26.55 -16.84
N VAL C 261 -9.98 -26.88 -15.56
CA VAL C 261 -10.96 -27.88 -15.17
C VAL C 261 -11.79 -27.31 -14.03
N PHE C 262 -12.93 -27.93 -13.77
CA PHE C 262 -13.92 -27.40 -12.85
C PHE C 262 -14.45 -28.51 -11.96
N ARG C 263 -14.36 -28.31 -10.65
CA ARG C 263 -14.81 -29.30 -9.68
C ARG C 263 -15.59 -28.58 -8.59
N ASN C 264 -16.84 -28.99 -8.39
CA ASN C 264 -17.78 -28.27 -7.53
C ASN C 264 -17.65 -28.76 -6.09
N GLU C 265 -16.57 -28.31 -5.45
CA GLU C 265 -16.34 -28.63 -4.05
C GLU C 265 -17.17 -27.71 -3.16
N GLY C 266 -17.44 -28.19 -1.95
CA GLY C 266 -18.29 -27.44 -1.04
C GLY C 266 -17.71 -27.24 0.36
N SER C 267 -17.33 -26.00 0.66
CA SER C 267 -16.80 -25.62 1.96
C SER C 267 -15.57 -26.46 2.35
N ASP C 268 -14.66 -26.60 1.40
CA ASP C 268 -13.39 -27.28 1.63
C ASP C 268 -12.32 -26.51 0.87
N SER C 269 -11.29 -26.07 1.58
CA SER C 269 -10.30 -25.16 1.04
C SER C 269 -9.09 -25.93 0.54
N THR C 270 -8.08 -25.18 0.07
CA THR C 270 -6.87 -25.69 -0.57
C THR C 270 -7.18 -26.25 -1.95
N HIS C 271 -8.46 -26.53 -2.22
CA HIS C 271 -8.93 -26.91 -3.54
C HIS C 271 -9.90 -25.84 -4.03
N SER C 272 -9.62 -25.30 -5.21
CA SER C 272 -10.52 -24.30 -5.78
C SER C 272 -11.47 -24.94 -6.78
N PRO C 273 -12.66 -24.36 -6.96
CA PRO C 273 -13.60 -24.90 -7.95
C PRO C 273 -13.09 -24.83 -9.39
N GLU C 274 -12.14 -23.96 -9.69
CA GLU C 274 -11.60 -23.81 -11.03
C GLU C 274 -10.10 -23.69 -10.94
N PHE C 275 -9.38 -24.57 -11.65
CA PHE C 275 -7.92 -24.53 -11.67
C PHE C 275 -7.40 -25.10 -12.97
N SER C 276 -6.17 -24.72 -13.30
CA SER C 276 -5.49 -25.22 -14.49
C SER C 276 -4.80 -26.55 -14.17
N MET C 277 -4.97 -27.53 -15.05
CA MET C 277 -4.40 -28.85 -14.84
C MET C 277 -3.67 -29.29 -16.10
N LEU C 278 -2.56 -30.00 -15.91
CA LEU C 278 -1.83 -30.62 -17.00
C LEU C 278 -2.11 -32.12 -17.00
N GLU C 279 -2.54 -32.64 -18.14
CA GLU C 279 -2.65 -34.07 -18.34
C GLU C 279 -1.87 -34.45 -19.59
N THR C 280 -1.03 -35.47 -19.47
CA THR C 280 -0.22 -35.95 -20.58
C THR C 280 -0.49 -37.44 -20.79
N TYR C 281 -0.44 -37.89 -22.04
CA TYR C 281 -0.59 -39.29 -22.37
C TYR C 281 0.46 -39.69 -23.39
N GLN C 282 1.11 -40.82 -23.15
CA GLN C 282 2.25 -41.28 -23.95
C GLN C 282 2.10 -42.78 -24.18
N THR C 283 2.09 -43.17 -25.45
CA THR C 283 1.88 -44.59 -25.78
C THR C 283 3.14 -45.40 -25.52
N TYR C 284 2.94 -46.69 -25.25
CA TYR C 284 4.03 -47.65 -25.02
C TYR C 284 4.96 -47.21 -23.90
N GLY C 285 4.36 -46.67 -22.84
CA GLY C 285 5.07 -46.46 -21.59
C GLY C 285 4.19 -46.85 -20.43
N THR C 286 4.83 -47.19 -19.32
CA THR C 286 4.14 -47.55 -18.09
C THR C 286 4.25 -46.42 -17.09
N TYR C 287 3.69 -46.64 -15.90
CA TYR C 287 3.78 -45.61 -14.87
C TYR C 287 5.21 -45.43 -14.36
N ASP C 288 6.10 -46.39 -14.63
CA ASP C 288 7.52 -46.18 -14.33
C ASP C 288 8.12 -45.14 -15.27
N ASP C 289 7.72 -45.15 -16.54
CA ASP C 289 8.27 -44.19 -17.50
C ASP C 289 7.72 -42.80 -17.25
N SER C 290 6.45 -42.70 -16.85
CA SER C 290 5.88 -41.39 -16.56
C SER C 290 6.38 -40.83 -15.23
N ALA C 291 6.76 -41.70 -14.29
CA ALA C 291 7.37 -41.22 -13.06
C ALA C 291 8.72 -40.59 -13.33
N LEU C 292 9.49 -41.15 -14.27
CA LEU C 292 10.77 -40.55 -14.64
C LEU C 292 10.59 -39.22 -15.35
N ILE C 293 9.66 -39.15 -16.30
CA ILE C 293 9.45 -37.92 -17.05
C ILE C 293 8.93 -36.81 -16.14
N THR C 294 8.02 -37.14 -15.22
CA THR C 294 7.46 -36.12 -14.33
C THR C 294 8.54 -35.52 -13.44
N ARG C 295 9.44 -36.35 -12.92
CA ARG C 295 10.53 -35.82 -12.10
C ARG C 295 11.46 -34.94 -12.91
N GLU C 296 11.82 -35.38 -14.12
CA GLU C 296 12.70 -34.58 -14.96
C GLU C 296 12.02 -33.28 -15.39
N LEU C 297 10.71 -33.34 -15.65
CA LEU C 297 9.98 -32.14 -16.05
C LEU C 297 9.96 -31.11 -14.92
N ILE C 298 9.63 -31.56 -13.71
CA ILE C 298 9.60 -30.64 -12.58
C ILE C 298 10.98 -30.04 -12.34
N GLN C 299 12.02 -30.86 -12.44
CA GLN C 299 13.38 -30.35 -12.24
C GLN C 299 13.79 -29.42 -13.36
N GLU C 300 13.36 -29.70 -14.60
CA GLU C 300 13.67 -28.80 -15.70
C GLU C 300 12.91 -27.49 -15.58
N VAL C 301 11.64 -27.56 -15.14
CA VAL C 301 10.85 -26.34 -14.94
C VAL C 301 11.47 -25.50 -13.83
N ALA C 302 12.00 -26.13 -12.79
CA ALA C 302 12.68 -25.39 -11.73
C ALA C 302 13.88 -24.63 -12.29
N ASP C 303 14.67 -25.25 -13.16
CA ASP C 303 15.83 -24.58 -13.74
C ASP C 303 15.41 -23.42 -14.63
N GLU C 304 14.36 -23.61 -15.44
CA GLU C 304 14.01 -22.62 -16.45
C GLU C 304 13.27 -21.42 -15.84
N ALA C 305 12.33 -21.67 -14.94
CA ALA C 305 11.46 -20.61 -14.44
C ALA C 305 11.88 -20.07 -13.08
N ILE C 306 12.47 -20.89 -12.21
CA ILE C 306 12.88 -20.44 -10.88
C ILE C 306 14.36 -20.13 -10.88
N GLY C 307 15.14 -20.90 -11.63
CA GLY C 307 16.57 -20.68 -11.74
C GLY C 307 17.42 -21.56 -10.84
N THR C 308 16.80 -22.42 -10.03
CA THR C 308 17.55 -23.29 -9.13
C THR C 308 16.66 -24.45 -8.73
N ARG C 309 17.32 -25.53 -8.29
CA ARG C 309 16.64 -26.65 -7.66
C ARG C 309 16.75 -26.60 -6.14
N GLN C 310 17.34 -25.52 -5.61
CA GLN C 310 17.35 -25.24 -4.17
C GLN C 310 16.33 -24.12 -3.95
N LEU C 311 15.08 -24.52 -3.78
CA LEU C 311 13.96 -23.58 -3.84
C LEU C 311 13.86 -22.77 -2.56
N SER C 312 13.89 -21.44 -2.69
CA SER C 312 13.70 -20.58 -1.54
C SER C 312 12.23 -20.57 -1.14
N MET C 313 11.97 -20.71 0.15
CA MET C 313 10.62 -20.76 0.69
C MET C 313 10.29 -19.50 1.49
N PRO C 314 9.01 -19.15 1.61
CA PRO C 314 8.66 -17.92 2.33
C PRO C 314 9.13 -17.89 3.77
N ASP C 315 9.19 -19.04 4.45
CA ASP C 315 9.65 -19.09 5.83
C ASP C 315 11.16 -18.98 5.95
N GLY C 316 11.88 -18.83 4.85
CA GLY C 316 13.33 -18.72 4.85
C GLY C 316 14.07 -20.01 4.59
N SER C 317 13.39 -21.16 4.67
CA SER C 317 14.05 -22.43 4.43
C SER C 317 14.32 -22.61 2.94
N VAL C 318 15.12 -23.63 2.63
CA VAL C 318 15.49 -23.97 1.26
C VAL C 318 15.16 -25.44 1.05
N TYR C 319 14.35 -25.73 0.04
CA TYR C 319 13.90 -27.08 -0.25
C TYR C 319 14.66 -27.63 -1.46
N ASP C 320 15.14 -28.86 -1.33
CA ASP C 320 15.97 -29.50 -2.35
C ASP C 320 15.11 -30.45 -3.17
N ILE C 321 14.96 -30.15 -4.47
CA ILE C 321 14.24 -31.05 -5.37
C ILE C 321 15.17 -31.69 -6.39
N ASP C 322 16.48 -31.56 -6.22
CA ASP C 322 17.43 -32.12 -7.15
C ASP C 322 17.62 -33.61 -6.91
N GLY C 323 18.23 -34.29 -7.88
CA GLY C 323 18.56 -35.69 -7.73
C GLY C 323 17.38 -36.61 -7.97
N GLU C 324 17.60 -37.87 -7.60
CA GLU C 324 16.57 -38.89 -7.71
C GLU C 324 15.71 -38.89 -6.46
N TRP C 325 14.45 -39.32 -6.63
CA TRP C 325 13.46 -39.27 -5.57
C TRP C 325 13.13 -40.69 -5.12
N ALA C 326 12.80 -40.80 -3.84
CA ALA C 326 12.47 -42.10 -3.25
C ALA C 326 11.14 -42.62 -3.78
N THR C 327 11.01 -43.94 -3.80
CA THR C 327 9.78 -44.62 -4.21
C THR C 327 9.41 -45.64 -3.14
N MET C 328 8.12 -45.72 -2.84
CA MET C 328 7.61 -46.67 -1.86
C MET C 328 6.26 -47.19 -2.33
N GLU C 329 5.91 -48.39 -1.86
CA GLU C 329 4.61 -49.00 -2.14
C GLU C 329 3.65 -48.65 -1.02
N MET C 330 2.38 -48.46 -1.38
CA MET C 330 1.39 -48.01 -0.40
C MET C 330 1.15 -49.06 0.67
N TYR C 331 0.81 -50.29 0.27
CA TYR C 331 0.54 -51.33 1.25
C TYR C 331 1.78 -51.65 2.08
N SER C 332 2.95 -51.70 1.43
CA SER C 332 4.18 -52.05 2.14
C SER C 332 4.56 -50.97 3.14
N SER C 333 4.56 -49.70 2.72
CA SER C 333 4.99 -48.62 3.60
C SER C 333 3.99 -48.36 4.73
N LEU C 334 2.69 -48.55 4.46
CA LEU C 334 1.70 -48.45 5.52
C LEU C 334 1.89 -49.54 6.55
N SER C 335 2.24 -50.75 6.10
CA SER C 335 2.45 -51.86 7.02
C SER C 335 3.65 -51.61 7.93
N GLU C 336 4.72 -51.02 7.41
CA GLU C 336 5.89 -50.73 8.23
C GLU C 336 5.57 -49.69 9.30
N ALA C 337 4.84 -48.64 8.92
CA ALA C 337 4.52 -47.59 9.87
C ALA C 337 3.56 -48.06 10.96
N LEU C 338 2.77 -49.10 10.69
CA LEU C 338 1.83 -49.62 11.66
C LEU C 338 2.35 -50.82 12.44
N GLY C 339 3.35 -51.53 11.92
CA GLY C 339 3.78 -52.77 12.51
C GLY C 339 2.90 -53.96 12.19
N GLU C 340 1.83 -53.76 11.44
CA GLU C 340 0.91 -54.83 11.06
C GLU C 340 0.85 -54.93 9.55
N GLN C 341 0.91 -56.16 9.03
CA GLN C 341 0.87 -56.37 7.60
C GLN C 341 -0.52 -56.05 7.07
N ILE C 342 -0.61 -55.14 6.11
CA ILE C 342 -1.87 -54.76 5.49
C ILE C 342 -1.85 -55.24 4.05
N THR C 343 -2.90 -55.94 3.65
CA THR C 343 -3.05 -56.55 2.33
C THR C 343 -4.38 -56.13 1.75
N PRO C 344 -4.57 -56.29 0.42
CA PRO C 344 -5.88 -56.03 -0.18
C PRO C 344 -7.01 -56.80 0.48
N GLU C 345 -6.69 -57.89 1.18
CA GLU C 345 -7.68 -58.72 1.85
C GLU C 345 -8.01 -58.24 3.27
N THR C 346 -7.37 -57.17 3.75
CA THR C 346 -7.68 -56.67 5.08
C THR C 346 -9.11 -56.15 5.11
N THR C 347 -9.87 -56.57 6.13
CA THR C 347 -11.28 -56.22 6.22
C THR C 347 -11.47 -54.74 6.54
N VAL C 348 -12.64 -54.23 6.15
CA VAL C 348 -12.99 -52.84 6.45
C VAL C 348 -13.13 -52.64 7.95
N ALA C 349 -13.62 -53.66 8.67
CA ALA C 349 -13.72 -53.56 10.12
C ALA C 349 -12.34 -53.40 10.76
N ARG C 350 -11.37 -54.16 10.29
CA ARG C 350 -10.01 -54.05 10.82
C ARG C 350 -9.42 -52.68 10.55
N LEU C 351 -9.67 -52.13 9.35
CA LEU C 351 -9.13 -50.80 9.03
C LEU C 351 -9.75 -49.73 9.90
N ARG C 352 -11.06 -49.81 10.18
CA ARG C 352 -11.69 -48.82 11.04
C ARG C 352 -11.22 -48.94 12.48
N ASP C 353 -10.87 -50.14 12.93
CA ASP C 353 -10.34 -50.30 14.28
C ASP C 353 -8.92 -49.76 14.38
N ILE C 354 -8.11 -49.94 13.33
CA ILE C 354 -6.77 -49.36 13.34
C ILE C 354 -6.86 -47.83 13.37
N ALA C 355 -7.81 -47.27 12.63
CA ALA C 355 -7.99 -45.82 12.61
C ALA C 355 -8.48 -45.30 13.97
N SER C 356 -9.39 -46.03 14.61
CA SER C 356 -9.90 -45.61 15.91
C SER C 356 -8.78 -45.59 16.95
N GLY C 357 -7.86 -46.55 16.89
CA GLY C 357 -6.73 -46.57 17.80
C GLY C 357 -5.71 -45.49 17.54
N LEU C 358 -5.65 -44.98 16.29
CA LEU C 358 -4.73 -43.93 15.91
C LEU C 358 -5.36 -42.54 15.93
N ASP C 359 -6.61 -42.43 16.37
CA ASP C 359 -7.32 -41.15 16.43
C ASP C 359 -7.45 -40.52 15.04
N VAL C 360 -7.79 -41.34 14.05
CA VAL C 360 -8.03 -40.89 12.69
C VAL C 360 -9.53 -40.79 12.47
N GLU C 361 -9.97 -39.67 11.90
CA GLU C 361 -11.40 -39.42 11.70
C GLU C 361 -11.82 -39.92 10.32
N ILE C 362 -12.48 -41.07 10.28
CA ILE C 362 -13.13 -41.52 9.06
C ILE C 362 -14.33 -40.62 8.82
N ASP C 363 -14.22 -39.70 7.86
CA ASP C 363 -15.15 -38.58 7.71
C ASP C 363 -16.44 -39.03 7.02
N ASN C 364 -17.19 -39.89 7.72
CA ASN C 364 -18.54 -40.28 7.33
C ASN C 364 -18.60 -40.85 5.92
N SER C 365 -18.28 -40.02 4.93
CA SER C 365 -18.34 -40.47 3.53
C SER C 365 -17.26 -41.49 3.22
N VAL C 366 -16.11 -41.41 3.88
CA VAL C 366 -15.03 -42.36 3.62
C VAL C 366 -15.48 -43.75 4.05
N PHE C 367 -15.68 -44.64 3.06
CA PHE C 367 -15.99 -46.04 3.33
C PHE C 367 -15.37 -46.88 2.24
N GLY C 368 -15.24 -48.17 2.53
CA GLY C 368 -14.66 -49.12 1.62
C GLY C 368 -13.20 -49.40 1.95
N HIS C 369 -12.71 -50.53 1.42
CA HIS C 369 -11.34 -50.94 1.69
C HIS C 369 -10.33 -49.94 1.13
N GLY C 370 -10.52 -49.53 -0.12
CA GLY C 370 -9.52 -48.68 -0.76
C GLY C 370 -9.40 -47.32 -0.11
N LYS C 371 -10.53 -46.64 0.10
CA LYS C 371 -10.49 -45.31 0.70
C LYS C 371 -9.92 -45.35 2.10
N LEU C 372 -10.18 -46.42 2.85
CA LEU C 372 -9.66 -46.53 4.21
C LEU C 372 -8.14 -46.76 4.20
N VAL C 373 -7.64 -47.57 3.26
CA VAL C 373 -6.19 -47.78 3.15
C VAL C 373 -5.49 -46.48 2.80
N GLU C 374 -6.07 -45.69 1.89
CA GLU C 374 -5.46 -44.42 1.52
C GLU C 374 -5.45 -43.44 2.68
N GLU C 375 -6.56 -43.34 3.41
CA GLU C 375 -6.61 -42.44 4.56
C GLU C 375 -5.62 -42.86 5.63
N LEU C 376 -5.47 -44.16 5.86
CA LEU C 376 -4.49 -44.63 6.84
C LEU C 376 -3.06 -44.37 6.37
N TRP C 377 -2.81 -44.53 5.07
CA TRP C 377 -1.47 -44.27 4.56
C TRP C 377 -1.13 -42.79 4.65
N GLU C 378 -2.09 -41.91 4.38
CA GLU C 378 -1.82 -40.48 4.46
C GLU C 378 -1.49 -40.06 5.90
N HIS C 379 -2.19 -40.64 6.86
CA HIS C 379 -1.96 -40.27 8.26
C HIS C 379 -0.66 -40.87 8.78
N ALA C 380 -0.32 -42.09 8.37
CA ALA C 380 0.83 -42.79 8.93
C ALA C 380 2.12 -42.58 8.14
N VAL C 381 2.03 -42.26 6.84
CA VAL C 381 3.24 -42.12 6.03
C VAL C 381 3.24 -40.81 5.25
N GLY C 382 2.12 -40.50 4.59
CA GLY C 382 2.12 -39.41 3.63
C GLY C 382 2.34 -38.05 4.27
N ASN C 383 1.62 -37.76 5.36
CA ASN C 383 1.76 -36.45 5.99
C ASN C 383 3.11 -36.25 6.65
N LYS C 384 3.81 -37.33 6.98
CA LYS C 384 5.13 -37.24 7.59
C LYS C 384 6.25 -37.12 6.56
N LEU C 385 5.93 -37.17 5.27
CA LEU C 385 6.94 -37.07 4.24
C LEU C 385 7.43 -35.64 4.11
N THR C 386 8.72 -35.49 3.80
CA THR C 386 9.34 -34.21 3.57
C THR C 386 10.02 -34.12 2.21
N ALA C 387 10.89 -35.06 1.88
CA ALA C 387 11.55 -35.06 0.59
C ALA C 387 10.57 -35.50 -0.51
N PRO C 388 10.89 -35.20 -1.78
CA PRO C 388 10.04 -35.68 -2.88
C PRO C 388 9.95 -37.20 -2.88
N THR C 389 8.73 -37.71 -2.91
CA THR C 389 8.50 -39.14 -2.76
C THR C 389 7.38 -39.60 -3.70
N PHE C 390 7.61 -40.74 -4.35
CA PHE C 390 6.58 -41.44 -5.10
C PHE C 390 5.99 -42.55 -4.23
N VAL C 391 4.67 -42.67 -4.26
CA VAL C 391 3.96 -43.81 -3.66
C VAL C 391 3.16 -44.48 -4.75
N LYS C 392 3.40 -45.77 -4.96
CA LYS C 392 2.84 -46.49 -6.09
C LYS C 392 2.04 -47.71 -5.63
N ASP C 393 1.33 -48.30 -6.59
CA ASP C 393 0.53 -49.51 -6.39
C ASP C 393 -0.61 -49.26 -5.41
N PHE C 394 -1.74 -48.76 -5.93
CA PHE C 394 -2.91 -48.33 -5.19
C PHE C 394 -3.98 -49.40 -5.14
N PRO C 395 -4.91 -49.33 -4.18
CA PRO C 395 -6.02 -50.28 -4.16
C PRO C 395 -6.91 -50.15 -5.39
N VAL C 396 -7.48 -51.28 -5.81
CA VAL C 396 -8.28 -51.30 -7.02
C VAL C 396 -9.59 -50.54 -6.85
N GLU C 397 -10.12 -50.47 -5.62
CA GLU C 397 -11.43 -49.83 -5.42
C GLU C 397 -11.42 -48.36 -5.79
N THR C 398 -10.27 -47.70 -5.65
CA THR C 398 -10.18 -46.25 -5.82
C THR C 398 -9.44 -45.84 -7.10
N THR C 399 -9.22 -46.76 -8.04
CA THR C 399 -8.52 -46.46 -9.28
C THR C 399 -9.26 -47.11 -10.45
N PRO C 400 -10.43 -46.60 -10.80
CA PRO C 400 -11.24 -47.28 -11.83
C PRO C 400 -10.64 -47.22 -13.22
N LEU C 401 -9.85 -46.18 -13.52
CA LEU C 401 -9.28 -46.01 -14.85
C LEU C 401 -7.83 -46.48 -14.94
N THR C 402 -7.31 -47.13 -13.90
CA THR C 402 -5.92 -47.54 -13.85
C THR C 402 -5.80 -49.05 -14.08
N ARG C 403 -4.81 -49.44 -14.87
CA ARG C 403 -4.59 -50.84 -15.18
C ARG C 403 -4.14 -51.62 -13.94
N GLN C 404 -4.55 -52.88 -13.87
CA GLN C 404 -4.13 -53.75 -12.78
C GLN C 404 -2.64 -54.06 -12.87
N HIS C 405 -2.05 -54.36 -11.72
CA HIS C 405 -0.61 -54.61 -11.63
C HIS C 405 -0.23 -55.86 -12.42
N ARG C 406 1.03 -55.90 -12.87
CA ARG C 406 1.53 -57.05 -13.63
C ARG C 406 1.43 -58.33 -12.82
N SER C 407 1.88 -58.29 -11.56
CA SER C 407 1.99 -59.48 -10.73
C SER C 407 1.17 -59.39 -9.45
N ILE C 408 1.25 -58.27 -8.74
CA ILE C 408 0.60 -58.12 -7.44
C ILE C 408 -0.91 -58.03 -7.62
N PRO C 409 -1.68 -58.90 -6.98
CA PRO C 409 -3.14 -58.83 -7.13
C PRO C 409 -3.75 -57.76 -6.23
N GLY C 410 -4.90 -57.26 -6.67
CA GLY C 410 -5.66 -56.29 -5.90
C GLY C 410 -5.14 -54.87 -5.93
N VAL C 411 -4.04 -54.59 -6.65
CA VAL C 411 -3.49 -53.25 -6.76
C VAL C 411 -3.35 -52.88 -8.24
N THR C 412 -3.30 -51.57 -8.48
CA THR C 412 -3.20 -51.02 -9.83
C THR C 412 -1.91 -50.21 -9.97
N GLU C 413 -1.48 -50.02 -11.21
CA GLU C 413 -0.23 -49.35 -11.49
C GLU C 413 -0.46 -47.83 -11.54
N LYS C 414 -0.54 -47.24 -10.36
CA LYS C 414 -0.69 -45.81 -10.19
C LYS C 414 0.35 -45.33 -9.18
N TRP C 415 0.91 -44.14 -9.43
CA TRP C 415 1.76 -43.49 -8.45
C TRP C 415 1.23 -42.10 -8.15
N ASP C 416 1.44 -41.66 -6.91
CA ASP C 416 1.20 -40.30 -6.47
C ASP C 416 2.53 -39.68 -6.07
N LEU C 417 2.76 -38.45 -6.52
CA LEU C 417 4.00 -37.74 -6.20
C LEU C 417 3.71 -36.72 -5.10
N TYR C 418 4.43 -36.83 -3.99
CA TYR C 418 4.31 -35.91 -2.86
C TYR C 418 5.57 -35.06 -2.77
N VAL C 419 5.38 -33.74 -2.83
CA VAL C 419 6.46 -32.77 -2.67
C VAL C 419 6.09 -31.89 -1.48
N ARG C 420 6.92 -31.94 -0.44
CA ARG C 420 6.68 -31.20 0.82
CA ARG C 420 6.68 -31.20 0.81
C ARG C 420 5.36 -31.64 1.45
N GLY C 421 5.09 -32.94 1.42
CA GLY C 421 3.89 -33.47 2.03
C GLY C 421 2.59 -33.20 1.31
N VAL C 422 2.63 -32.61 0.12
CA VAL C 422 1.43 -32.26 -0.64
C VAL C 422 1.38 -33.11 -1.91
N GLU C 423 0.20 -33.62 -2.22
CA GLU C 423 0.00 -34.37 -3.46
C GLU C 423 0.14 -33.44 -4.66
N LEU C 424 1.12 -33.72 -5.52
CA LEU C 424 1.45 -32.85 -6.64
C LEU C 424 1.05 -33.42 -7.98
N ALA C 425 1.43 -34.66 -8.26
CA ALA C 425 1.17 -35.26 -9.55
C ALA C 425 0.79 -36.72 -9.36
N THR C 426 0.19 -37.28 -10.41
CA THR C 426 -0.23 -38.67 -10.42
C THR C 426 0.02 -39.24 -11.80
N GLY C 427 0.31 -40.54 -11.86
CA GLY C 427 0.51 -41.20 -13.13
C GLY C 427 -0.02 -42.61 -13.13
N TYR C 428 -0.63 -43.03 -14.25
CA TYR C 428 -1.21 -44.36 -14.37
C TYR C 428 -0.50 -45.14 -15.47
N SER C 429 -0.55 -46.46 -15.35
CA SER C 429 -0.53 -47.35 -16.51
C SER C 429 -1.99 -47.46 -16.94
N GLU C 430 -2.30 -46.90 -18.10
CA GLU C 430 -3.71 -46.73 -18.45
C GLU C 430 -4.40 -48.07 -18.69
N LEU C 431 -5.63 -48.17 -18.22
CA LEU C 431 -6.46 -49.34 -18.45
C LEU C 431 -7.02 -49.25 -19.86
N ASN C 432 -6.56 -50.14 -20.75
CA ASN C 432 -7.04 -50.16 -22.12
C ASN C 432 -7.97 -51.32 -22.43
N ASP C 433 -8.08 -52.30 -21.55
CA ASP C 433 -9.00 -53.41 -21.74
C ASP C 433 -10.43 -52.90 -21.60
N PRO C 434 -11.23 -52.90 -22.68
CA PRO C 434 -12.58 -52.33 -22.57
C PRO C 434 -13.52 -53.17 -21.72
N VAL C 435 -13.34 -54.50 -21.67
CA VAL C 435 -14.21 -55.33 -20.86
C VAL C 435 -13.94 -55.12 -19.38
N VAL C 436 -12.67 -55.04 -19.00
CA VAL C 436 -12.32 -54.77 -17.60
C VAL C 436 -12.75 -53.35 -17.21
N GLN C 437 -12.61 -52.39 -18.13
CA GLN C 437 -13.02 -51.02 -17.83
C GLN C 437 -14.51 -50.95 -17.55
N ARG C 438 -15.31 -51.73 -18.27
CA ARG C 438 -16.75 -51.76 -18.01
C ARG C 438 -17.06 -52.36 -16.64
N ASP C 439 -16.25 -53.31 -16.19
CA ASP C 439 -16.42 -53.87 -14.85
C ASP C 439 -16.09 -52.83 -13.79
N ARG C 440 -15.08 -51.99 -14.03
CA ARG C 440 -14.76 -50.92 -13.09
C ARG C 440 -15.91 -49.94 -12.96
N PHE C 441 -16.56 -49.59 -14.08
CA PHE C 441 -17.71 -48.70 -14.02
C PHE C 441 -18.89 -49.33 -13.31
N ALA C 442 -19.06 -50.65 -13.43
CA ALA C 442 -20.10 -51.33 -12.67
C ALA C 442 -19.83 -51.28 -11.18
N ASP C 443 -18.56 -51.34 -10.78
CA ASP C 443 -18.23 -51.19 -9.36
C ASP C 443 -18.41 -49.75 -8.90
N GLN C 444 -18.14 -48.77 -9.78
CA GLN C 444 -18.43 -47.39 -9.44
C GLN C 444 -19.93 -47.17 -9.29
N ALA C 445 -20.74 -47.84 -10.11
CA ALA C 445 -22.18 -47.76 -9.94
C ALA C 445 -22.63 -48.39 -8.64
N ARG C 446 -21.92 -49.44 -8.19
CA ARG C 446 -22.19 -50.02 -6.89
C ARG C 446 -21.89 -49.03 -5.77
N ALA C 447 -20.81 -48.25 -5.92
CA ALA C 447 -20.48 -47.26 -4.91
C ALA C 447 -21.45 -46.09 -4.92
N ALA C 448 -21.89 -45.67 -6.11
CA ALA C 448 -22.85 -44.58 -6.20
C ALA C 448 -24.19 -44.94 -5.56
N ALA C 449 -24.58 -46.22 -5.64
CA ALA C 449 -25.81 -46.66 -4.99
C ALA C 449 -25.68 -46.67 -3.47
N ALA C 450 -24.45 -46.70 -2.94
CA ALA C 450 -24.23 -46.67 -1.51
C ALA C 450 -24.19 -45.26 -0.93
N GLY C 451 -24.23 -44.23 -1.77
CA GLY C 451 -24.23 -42.85 -1.31
C GLY C 451 -23.07 -42.01 -1.79
N ASP C 452 -22.16 -42.53 -2.62
CA ASP C 452 -21.00 -41.79 -3.08
C ASP C 452 -21.41 -40.93 -4.28
N ASP C 453 -21.64 -39.64 -4.04
CA ASP C 453 -22.02 -38.72 -5.09
C ASP C 453 -20.84 -38.29 -5.96
N GLU C 454 -19.64 -38.82 -5.70
CA GLU C 454 -18.48 -38.55 -6.53
C GLU C 454 -18.11 -39.73 -7.43
N ALA C 455 -18.85 -40.84 -7.36
CA ALA C 455 -18.55 -41.99 -8.19
C ALA C 455 -18.75 -41.67 -9.67
N MET C 456 -18.01 -42.38 -10.51
CA MET C 456 -18.02 -42.16 -11.94
C MET C 456 -19.22 -42.86 -12.60
N GLN C 457 -19.95 -42.12 -13.43
CA GLN C 457 -21.01 -42.73 -14.22
C GLN C 457 -20.41 -43.44 -15.42
N LEU C 458 -21.10 -44.49 -15.87
CA LEU C 458 -20.65 -45.27 -17.02
C LEU C 458 -20.77 -44.41 -18.28
N ASP C 459 -19.63 -44.15 -18.92
CA ASP C 459 -19.56 -43.36 -20.15
C ASP C 459 -19.49 -44.33 -21.33
N GLU C 460 -20.64 -44.58 -21.95
CA GLU C 460 -20.72 -45.59 -23.01
C GLU C 460 -19.82 -45.22 -24.19
N ASP C 461 -19.81 -43.95 -24.58
CA ASP C 461 -19.01 -43.56 -25.75
C ASP C 461 -17.52 -43.75 -25.48
N PHE C 462 -17.08 -43.54 -24.25
CA PHE C 462 -15.68 -43.81 -23.91
C PHE C 462 -15.36 -45.30 -24.03
N LEU C 463 -16.25 -46.16 -23.54
CA LEU C 463 -16.05 -47.60 -23.70
C LEU C 463 -16.05 -47.99 -25.17
N THR C 464 -16.88 -47.33 -25.98
CA THR C 464 -16.88 -47.60 -27.42
C THR C 464 -15.52 -47.29 -28.04
N ALA C 465 -14.87 -46.21 -27.57
CA ALA C 465 -13.54 -45.89 -28.06
C ALA C 465 -12.52 -46.95 -27.67
N LEU C 466 -12.60 -47.45 -26.43
CA LEU C 466 -11.70 -48.52 -26.00
C LEU C 466 -11.95 -49.80 -26.79
N GLU C 467 -13.19 -50.02 -27.25
CA GLU C 467 -13.53 -51.23 -27.98
C GLU C 467 -13.00 -51.24 -29.41
N TYR C 468 -12.51 -50.11 -29.91
CA TYR C 468 -11.78 -50.08 -31.16
C TYR C 468 -10.30 -50.36 -30.96
N GLY C 469 -9.85 -50.52 -29.72
CA GLY C 469 -8.47 -50.83 -29.43
C GLY C 469 -7.64 -49.60 -29.13
N MET C 470 -7.25 -49.44 -27.86
CA MET C 470 -6.38 -48.35 -27.48
C MET C 470 -4.99 -48.90 -27.18
N PRO C 471 -3.95 -48.35 -27.82
CA PRO C 471 -2.60 -48.84 -27.54
C PRO C 471 -2.26 -48.65 -26.08
N PRO C 472 -1.35 -49.47 -25.54
CA PRO C 472 -0.92 -49.25 -24.16
C PRO C 472 -0.26 -47.89 -24.02
N CYS C 473 -0.54 -47.22 -22.91
CA CYS C 473 -0.07 -45.87 -22.71
C CYS C 473 -0.02 -45.58 -21.22
N THR C 474 0.67 -44.50 -20.87
CA THR C 474 0.73 -44.00 -19.50
C THR C 474 0.33 -42.54 -19.48
N GLY C 475 -0.47 -42.17 -18.49
CA GLY C 475 -0.97 -40.81 -18.40
C GLY C 475 -0.67 -40.19 -17.05
N THR C 476 -0.41 -38.89 -17.08
CA THR C 476 -0.11 -38.14 -15.87
C THR C 476 -1.10 -37.00 -15.70
N GLY C 477 -1.19 -36.51 -14.46
CA GLY C 477 -1.96 -35.34 -14.13
C GLY C 477 -1.27 -34.51 -13.08
N MET C 478 -1.32 -33.19 -13.21
CA MET C 478 -0.67 -32.30 -12.25
C MET C 478 -1.29 -30.93 -12.34
N GLY C 479 -1.76 -30.42 -11.21
CA GLY C 479 -2.31 -29.06 -11.17
C GLY C 479 -1.18 -28.04 -11.16
N ILE C 480 -1.31 -27.02 -12.02
CA ILE C 480 -0.27 -25.99 -12.10
C ILE C 480 -0.20 -25.22 -10.79
N ASP C 481 -1.35 -25.00 -10.15
CA ASP C 481 -1.35 -24.35 -8.85
CA ASP C 481 -1.39 -24.38 -8.84
C ASP C 481 -0.56 -25.16 -7.83
N ARG C 482 -0.75 -26.48 -7.82
CA ARG C 482 0.02 -27.33 -6.92
C ARG C 482 1.51 -27.25 -7.25
N LEU C 483 1.84 -27.18 -8.53
CA LEU C 483 3.25 -27.06 -8.94
C LEU C 483 3.84 -25.74 -8.45
N LEU C 484 3.10 -24.64 -8.63
CA LEU C 484 3.56 -23.35 -8.11
C LEU C 484 3.68 -23.38 -6.59
N MET C 485 2.80 -24.11 -5.92
CA MET C 485 2.90 -24.24 -4.47
C MET C 485 4.21 -24.93 -4.07
N CYS C 486 4.62 -25.95 -4.82
CA CYS C 486 5.84 -26.67 -4.47
C CYS C 486 7.08 -25.85 -4.81
N LEU C 487 7.04 -25.09 -5.90
CA LEU C 487 8.23 -24.36 -6.35
C LEU C 487 8.45 -23.07 -5.58
N THR C 488 7.38 -22.39 -5.17
CA THR C 488 7.48 -21.09 -4.52
C THR C 488 6.90 -21.03 -3.12
N GLY C 489 6.16 -22.06 -2.69
CA GLY C 489 5.54 -22.03 -1.39
C GLY C 489 4.33 -21.13 -1.27
N LEU C 490 3.81 -20.62 -2.38
CA LEU C 490 2.68 -19.70 -2.36
C LEU C 490 1.39 -20.45 -2.65
N SER C 491 0.33 -20.04 -1.97
CA SER C 491 -0.96 -20.69 -2.12
C SER C 491 -1.61 -20.29 -3.44
N ILE C 492 -2.69 -20.98 -3.79
CA ILE C 492 -3.43 -20.69 -5.01
C ILE C 492 -4.03 -19.29 -4.96
N ARG C 493 -4.24 -18.75 -3.77
CA ARG C 493 -4.83 -17.43 -3.60
C ARG C 493 -3.89 -16.29 -3.97
N GLU C 494 -2.60 -16.56 -4.18
CA GLU C 494 -1.66 -15.54 -4.62
C GLU C 494 -1.11 -15.77 -6.02
N THR C 495 -1.04 -17.02 -6.47
CA THR C 495 -0.46 -17.33 -7.77
C THR C 495 -1.47 -17.23 -8.91
N VAL C 496 -2.76 -17.07 -8.60
CA VAL C 496 -3.79 -16.88 -9.61
C VAL C 496 -4.18 -15.40 -9.61
N LEU C 497 -4.24 -14.80 -10.80
CA LEU C 497 -4.47 -13.36 -10.90
C LEU C 497 -5.78 -12.95 -10.24
N PHE C 498 -6.88 -13.62 -10.60
CA PHE C 498 -8.20 -13.26 -10.11
C PHE C 498 -8.86 -14.48 -9.50
N PRO C 499 -8.50 -14.84 -8.28
CA PRO C 499 -9.16 -15.96 -7.59
C PRO C 499 -10.60 -15.62 -7.24
N ILE C 500 -11.42 -16.67 -7.12
CA ILE C 500 -12.85 -16.49 -6.94
C ILE C 500 -13.15 -15.93 -5.55
N VAL C 501 -14.12 -15.01 -5.49
CA VAL C 501 -14.50 -14.36 -4.24
C VAL C 501 -15.99 -14.07 -4.28
N ARG C 502 -16.62 -14.03 -3.11
CA ARG C 502 -18.05 -13.77 -3.01
C ARG C 502 -18.39 -12.35 -3.46
N ASN D 15 -24.74 -58.60 -38.60
CA ASN D 15 -23.50 -58.52 -39.36
C ASN D 15 -22.37 -57.94 -38.51
N ILE D 16 -22.48 -56.65 -38.19
CA ILE D 16 -21.49 -55.96 -37.36
C ILE D 16 -21.64 -56.35 -35.88
N PRO D 17 -22.86 -56.46 -35.32
CA PRO D 17 -22.98 -57.01 -33.97
C PRO D 17 -22.50 -58.46 -33.85
N GLU D 18 -22.29 -59.15 -34.97
CA GLU D 18 -21.75 -60.50 -34.94
C GLU D 18 -20.23 -60.51 -34.96
N GLN D 19 -19.60 -59.55 -35.64
CA GLN D 19 -18.16 -59.41 -35.56
C GLN D 19 -17.74 -59.06 -34.13
N PHE D 20 -18.53 -58.22 -33.45
CA PHE D 20 -18.23 -57.87 -32.08
C PHE D 20 -18.26 -59.09 -31.16
N ARG D 21 -19.22 -59.98 -31.39
CA ARG D 21 -19.30 -61.18 -30.57
C ARG D 21 -18.10 -62.09 -30.82
N ILE D 22 -17.65 -62.18 -32.08
CA ILE D 22 -16.50 -63.02 -32.41
C ILE D 22 -15.24 -62.45 -31.79
N ARG D 23 -15.04 -61.14 -31.88
CA ARG D 23 -13.83 -60.54 -31.34
C ARG D 23 -13.84 -60.55 -29.81
N ARG D 24 -15.01 -60.36 -29.20
CA ARG D 24 -15.09 -60.43 -27.75
C ARG D 24 -14.77 -61.84 -27.25
N ASP D 25 -15.24 -62.86 -27.98
CA ASP D 25 -14.89 -64.23 -27.62
C ASP D 25 -13.41 -64.49 -27.80
N LYS D 26 -12.79 -63.87 -28.82
CA LYS D 26 -11.34 -64.01 -29.00
C LYS D 26 -10.59 -63.37 -27.85
N ARG D 27 -11.01 -62.18 -27.42
CA ARG D 27 -10.35 -61.53 -26.29
C ARG D 27 -10.41 -62.40 -25.04
N ALA D 28 -11.61 -62.90 -24.72
CA ALA D 28 -11.76 -63.76 -23.56
C ALA D 28 -10.95 -65.03 -23.70
N ARG D 29 -10.85 -65.56 -24.92
CA ARG D 29 -10.09 -66.78 -25.15
CA ARG D 29 -10.09 -66.78 -25.15
C ARG D 29 -8.60 -66.53 -24.96
N LEU D 30 -8.09 -65.45 -25.54
CA LEU D 30 -6.67 -65.12 -25.38
C LEU D 30 -6.31 -64.91 -23.92
N LEU D 31 -7.19 -64.23 -23.17
CA LEU D 31 -6.91 -63.97 -21.76
C LEU D 31 -6.85 -65.26 -20.96
N ALA D 32 -7.68 -66.24 -21.29
CA ALA D 32 -7.68 -67.51 -20.58
C ALA D 32 -6.48 -68.37 -20.96
N GLU D 33 -6.03 -68.30 -22.21
CA GLU D 33 -4.89 -69.08 -22.67
C GLU D 33 -3.56 -68.54 -22.20
N GLY D 34 -3.54 -67.40 -21.51
CA GLY D 34 -2.31 -66.81 -21.03
C GLY D 34 -1.70 -65.77 -21.95
N TYR D 35 -2.27 -65.55 -23.13
CA TYR D 35 -1.78 -64.52 -24.05
C TYR D 35 -2.51 -63.23 -23.74
N ASP D 36 -1.84 -62.33 -23.03
CA ASP D 36 -2.43 -61.05 -22.60
C ASP D 36 -2.87 -60.24 -23.81
N PRO D 37 -4.17 -60.00 -24.00
CA PRO D 37 -4.61 -59.20 -25.14
C PRO D 37 -4.43 -57.70 -24.95
N TYR D 38 -4.20 -57.24 -23.72
CA TYR D 38 -3.92 -55.83 -23.43
C TYR D 38 -2.73 -55.76 -22.50
N PRO D 39 -1.54 -56.12 -22.99
CA PRO D 39 -0.37 -56.20 -22.11
C PRO D 39 0.20 -54.83 -21.79
N VAL D 40 1.06 -54.82 -20.77
CA VAL D 40 1.74 -53.61 -20.32
C VAL D 40 3.24 -53.83 -20.48
N ALA D 41 3.97 -52.73 -20.67
CA ALA D 41 5.43 -52.68 -20.72
C ALA D 41 5.99 -53.23 -22.03
N ILE D 42 5.21 -53.16 -23.12
CA ILE D 42 5.75 -53.43 -24.43
C ILE D 42 6.72 -52.31 -24.81
N GLU D 43 7.95 -52.69 -25.15
CA GLU D 43 8.99 -51.72 -25.49
C GLU D 43 9.06 -51.55 -27.00
N ARG D 44 8.83 -50.33 -27.47
CA ARG D 44 8.85 -50.02 -28.89
C ARG D 44 10.16 -49.30 -29.21
N THR D 45 10.98 -49.93 -30.05
CA THR D 45 12.30 -49.37 -30.33
C THR D 45 12.23 -48.20 -31.32
N HIS D 46 11.34 -48.28 -32.29
CA HIS D 46 11.21 -47.24 -33.30
C HIS D 46 9.76 -46.95 -33.59
N THR D 47 9.49 -45.71 -33.97
CA THR D 47 8.22 -45.35 -34.60
C THR D 47 8.29 -45.71 -36.08
N LEU D 48 7.12 -45.95 -36.68
CA LEU D 48 7.09 -46.36 -38.08
C LEU D 48 7.66 -45.27 -39.00
N ALA D 49 7.46 -44.00 -38.64
CA ALA D 49 8.06 -42.91 -39.40
C ALA D 49 9.58 -42.92 -39.30
N GLU D 50 10.11 -43.35 -38.15
CA GLU D 50 11.55 -43.48 -37.97
C GLU D 50 12.11 -44.56 -38.88
N ILE D 51 11.36 -45.65 -39.05
CA ILE D 51 11.80 -46.72 -39.94
C ILE D 51 11.82 -46.26 -41.39
N ARG D 52 10.76 -45.56 -41.82
CA ARG D 52 10.68 -45.11 -43.20
C ARG D 52 11.74 -44.05 -43.51
N ALA D 53 12.07 -43.21 -42.53
CA ALA D 53 13.09 -42.19 -42.77
C ALA D 53 14.48 -42.80 -42.82
N THR D 54 14.77 -43.78 -41.96
CA THR D 54 16.09 -44.37 -41.92
C THR D 54 16.38 -45.18 -43.17
N TYR D 55 15.42 -46.00 -43.61
CA TYR D 55 15.62 -46.91 -44.74
C TYR D 55 14.89 -46.42 -45.99
N ALA D 56 14.79 -45.10 -46.16
CA ALA D 56 14.17 -44.55 -47.37
C ALA D 56 14.97 -44.93 -48.61
N ASP D 57 16.30 -44.93 -48.50
CA ASP D 57 17.18 -45.25 -49.62
C ASP D 57 17.65 -46.70 -49.56
N LEU D 58 16.72 -47.63 -49.33
CA LEU D 58 17.08 -49.03 -49.28
C LEU D 58 16.75 -49.72 -50.59
N PRO D 59 17.66 -50.55 -51.12
CA PRO D 59 17.42 -51.23 -52.40
C PRO D 59 16.15 -52.09 -52.36
N THR D 60 15.77 -52.55 -53.56
CA THR D 60 14.45 -53.16 -53.74
C THR D 60 14.34 -54.50 -53.05
N ASP D 61 15.25 -55.43 -53.33
CA ASP D 61 15.18 -56.78 -52.78
C ASP D 61 16.20 -57.00 -51.67
N SER D 62 16.78 -55.93 -51.13
CA SER D 62 17.83 -56.07 -50.14
C SER D 62 17.23 -56.39 -48.77
N ALA D 63 18.10 -56.83 -47.85
CA ALA D 63 17.71 -57.14 -46.49
C ALA D 63 18.83 -56.71 -45.55
N THR D 64 18.47 -55.99 -44.50
CA THR D 64 19.44 -55.53 -43.52
C THR D 64 19.57 -56.58 -42.41
N GLU D 65 20.45 -56.30 -41.45
CA GLU D 65 20.58 -57.12 -40.25
C GLU D 65 20.13 -56.37 -39.00
N ASP D 66 19.39 -55.27 -39.18
CA ASP D 66 18.98 -54.42 -38.07
C ASP D 66 17.68 -54.94 -37.46
N ILE D 67 17.69 -55.17 -36.15
CA ILE D 67 16.54 -55.65 -35.42
C ILE D 67 15.80 -54.47 -34.83
N VAL D 68 14.48 -54.42 -35.06
CA VAL D 68 13.64 -53.36 -34.52
C VAL D 68 12.42 -53.99 -33.86
N GLY D 69 11.86 -53.26 -32.90
CA GLY D 69 10.61 -53.65 -32.29
C GLY D 69 9.57 -52.57 -32.51
N VAL D 70 8.63 -52.85 -33.42
CA VAL D 70 7.67 -51.85 -33.85
C VAL D 70 6.27 -52.26 -33.40
N ALA D 71 5.38 -51.29 -33.39
CA ALA D 71 3.98 -51.52 -33.03
C ALA D 71 3.09 -50.63 -33.87
N GLY D 72 1.93 -51.15 -34.25
CA GLY D 72 1.01 -50.41 -35.09
C GLY D 72 -0.31 -51.13 -35.19
N ARG D 73 -1.25 -50.47 -35.88
CA ARG D 73 -2.59 -51.00 -36.05
C ARG D 73 -2.70 -51.73 -37.38
N VAL D 74 -3.26 -52.94 -37.35
CA VAL D 74 -3.43 -53.73 -38.56
C VAL D 74 -4.58 -53.13 -39.37
N VAL D 75 -4.26 -52.53 -40.51
CA VAL D 75 -5.27 -51.93 -41.38
C VAL D 75 -5.49 -52.72 -42.66
N PHE D 76 -4.57 -53.62 -43.03
CA PHE D 76 -4.74 -54.52 -44.16
C PHE D 76 -4.04 -55.81 -43.83
N ALA D 77 -4.63 -56.93 -44.25
CA ALA D 77 -4.06 -58.24 -43.96
C ALA D 77 -4.33 -59.17 -45.13
N ARG D 78 -3.34 -60.02 -45.44
CA ARG D 78 -3.49 -61.03 -46.48
C ARG D 78 -2.69 -62.25 -46.05
N ASN D 79 -3.36 -63.41 -46.03
CA ASN D 79 -2.75 -64.64 -45.53
C ASN D 79 -2.54 -65.62 -46.67
N THR D 80 -1.32 -66.13 -46.79
CA THR D 80 -1.00 -67.24 -47.68
C THR D 80 -0.64 -68.46 -46.84
N GLY D 81 -0.19 -69.51 -47.50
CA GLY D 81 0.10 -70.77 -46.83
C GLY D 81 1.17 -70.68 -45.77
N LYS D 82 2.36 -70.23 -46.15
CA LYS D 82 3.50 -70.18 -45.24
C LYS D 82 3.88 -68.76 -44.85
N LEU D 83 3.21 -67.75 -45.40
CA LEU D 83 3.62 -66.37 -45.24
C LEU D 83 2.40 -65.48 -45.12
N CYS D 84 2.34 -64.68 -44.05
CA CYS D 84 1.24 -63.76 -43.82
C CYS D 84 1.72 -62.32 -43.92
N PHE D 85 0.93 -61.48 -44.57
CA PHE D 85 1.25 -60.07 -44.73
C PHE D 85 0.27 -59.22 -43.94
N ALA D 86 0.76 -58.08 -43.46
CA ALA D 86 -0.07 -57.14 -42.73
C ALA D 86 0.53 -55.75 -42.86
N THR D 87 -0.33 -54.76 -43.11
CA THR D 87 0.07 -53.36 -43.15
C THR D 87 -0.19 -52.74 -41.78
N LEU D 88 0.87 -52.37 -41.08
CA LEU D 88 0.75 -51.68 -39.81
C LEU D 88 0.70 -50.18 -40.05
N GLN D 89 -0.18 -49.50 -39.32
CA GLN D 89 -0.30 -48.05 -39.40
C GLN D 89 -0.02 -47.48 -38.02
N ASP D 90 0.94 -46.55 -37.96
CA ASP D 90 1.26 -45.88 -36.71
C ASP D 90 0.23 -44.79 -36.45
N GLY D 91 0.38 -44.10 -35.32
CA GLY D 91 -0.59 -43.10 -34.95
C GLY D 91 -0.68 -41.94 -35.93
N ASP D 92 0.48 -41.45 -36.40
CA ASP D 92 0.51 -40.35 -37.34
C ASP D 92 -0.05 -40.72 -38.71
N GLY D 93 -0.12 -42.02 -39.02
CA GLY D 93 -0.58 -42.49 -40.31
C GLY D 93 0.49 -43.18 -41.12
N THR D 94 1.75 -43.13 -40.69
CA THR D 94 2.82 -43.83 -41.40
C THR D 94 2.55 -45.32 -41.42
N GLN D 95 2.76 -45.94 -42.59
CA GLN D 95 2.48 -47.35 -42.77
C GLN D 95 3.76 -48.13 -43.03
N LEU D 96 3.76 -49.39 -42.61
CA LEU D 96 4.89 -50.29 -42.78
C LEU D 96 4.35 -51.72 -42.82
N GLN D 97 4.97 -52.56 -43.63
CA GLN D 97 4.51 -53.93 -43.79
C GLN D 97 5.14 -54.85 -42.76
N ALA D 98 4.36 -55.82 -42.29
CA ALA D 98 4.86 -56.87 -41.41
C ALA D 98 4.73 -58.20 -42.14
N MET D 99 5.79 -59.00 -42.10
CA MET D 99 5.84 -60.30 -42.78
C MET D 99 6.00 -61.38 -41.72
N ILE D 100 4.95 -62.16 -41.50
CA ILE D 100 4.95 -63.26 -40.55
C ILE D 100 5.22 -64.53 -41.37
N SER D 101 6.46 -65.01 -41.32
CA SER D 101 6.89 -66.16 -42.11
C SER D 101 6.95 -67.41 -41.26
N LEU D 102 6.59 -68.55 -41.86
CA LEU D 102 6.64 -69.82 -41.14
C LEU D 102 8.07 -70.16 -40.72
N ASP D 103 9.03 -69.95 -41.62
CA ASP D 103 10.43 -70.26 -41.32
C ASP D 103 11.00 -69.37 -40.22
N GLU D 104 10.43 -68.18 -40.01
CA GLU D 104 11.01 -67.19 -39.11
C GLU D 104 10.42 -67.21 -37.71
N VAL D 105 9.13 -67.49 -37.56
CA VAL D 105 8.47 -67.46 -36.25
C VAL D 105 8.00 -68.83 -35.80
N GLY D 106 8.02 -69.85 -36.67
CA GLY D 106 7.57 -71.17 -36.30
C GLY D 106 6.09 -71.41 -36.58
N ARG D 107 5.72 -72.68 -36.53
CA ARG D 107 4.35 -73.08 -36.86
C ARG D 107 3.35 -72.58 -35.82
N GLU D 108 3.66 -72.73 -34.53
CA GLU D 108 2.70 -72.34 -33.50
C GLU D 108 2.40 -70.85 -33.56
N SER D 109 3.43 -70.02 -33.79
CA SER D 109 3.22 -68.58 -33.86
C SER D 109 2.45 -68.19 -35.11
N LEU D 110 2.76 -68.81 -36.25
CA LEU D 110 2.08 -68.44 -37.49
C LEU D 110 0.61 -68.79 -37.46
N ASP D 111 0.25 -69.93 -36.87
CA ASP D 111 -1.15 -70.29 -36.76
C ASP D 111 -1.90 -69.34 -35.83
N ARG D 112 -1.23 -68.90 -34.75
CA ARG D 112 -1.83 -67.92 -33.86
C ARG D 112 -2.05 -66.58 -34.56
N TRP D 113 -1.16 -66.20 -35.48
CA TRP D 113 -1.37 -64.96 -36.23
C TRP D 113 -2.65 -65.02 -37.04
N LYS D 114 -2.90 -66.15 -37.72
CA LYS D 114 -4.10 -66.25 -38.55
C LYS D 114 -5.37 -66.33 -37.72
N ALA D 115 -5.28 -66.93 -36.52
CA ALA D 115 -6.46 -67.13 -35.70
C ALA D 115 -6.77 -65.97 -34.78
N ASP D 116 -5.75 -65.21 -34.35
CA ASP D 116 -5.94 -64.21 -33.31
C ASP D 116 -6.03 -62.78 -33.83
N VAL D 117 -5.31 -62.44 -34.90
CA VAL D 117 -5.19 -61.05 -35.36
C VAL D 117 -6.31 -60.74 -36.34
N ASP D 118 -7.05 -59.66 -36.07
CA ASP D 118 -8.08 -59.14 -36.94
C ASP D 118 -7.75 -57.68 -37.31
N ILE D 119 -8.48 -57.18 -38.31
CA ILE D 119 -8.29 -55.80 -38.74
C ILE D 119 -8.69 -54.84 -37.62
N GLY D 120 -7.82 -53.87 -37.35
CA GLY D 120 -8.02 -52.92 -36.28
C GLY D 120 -7.22 -53.19 -35.03
N ASP D 121 -6.76 -54.42 -34.85
CA ASP D 121 -5.95 -54.77 -33.68
C ASP D 121 -4.64 -54.00 -33.70
N VAL D 122 -4.15 -53.69 -32.50
CA VAL D 122 -2.82 -53.11 -32.32
C VAL D 122 -1.89 -54.25 -31.94
N VAL D 123 -0.86 -54.47 -32.76
CA VAL D 123 0.06 -55.59 -32.57
C VAL D 123 1.49 -55.07 -32.48
N TYR D 124 2.33 -55.86 -31.80
CA TYR D 124 3.76 -55.60 -31.70
C TYR D 124 4.50 -56.64 -32.52
N VAL D 125 5.39 -56.18 -33.40
CA VAL D 125 6.13 -57.04 -34.32
C VAL D 125 7.62 -56.79 -34.10
N HIS D 126 8.36 -57.86 -33.82
CA HIS D 126 9.79 -57.80 -33.56
C HIS D 126 10.51 -58.62 -34.61
N GLY D 127 11.43 -57.98 -35.35
CA GLY D 127 12.13 -58.70 -36.40
C GLY D 127 13.12 -57.81 -37.11
N THR D 128 13.45 -58.20 -38.34
CA THR D 128 14.50 -57.56 -39.12
C THR D 128 13.88 -56.69 -40.21
N VAL D 129 14.50 -55.54 -40.46
CA VAL D 129 14.03 -54.61 -41.48
C VAL D 129 14.54 -55.09 -42.84
N ILE D 130 13.61 -55.42 -43.74
CA ILE D 130 13.95 -55.86 -45.08
C ILE D 130 13.14 -55.05 -46.09
N SER D 131 13.38 -55.32 -47.37
CA SER D 131 12.61 -54.75 -48.46
C SER D 131 12.15 -55.91 -49.33
N SER D 132 10.84 -56.05 -49.49
CA SER D 132 10.25 -57.22 -50.14
C SER D 132 10.65 -57.28 -51.62
N ARG D 133 10.33 -58.41 -52.25
CA ARG D 133 10.56 -58.54 -53.68
C ARG D 133 9.81 -57.47 -54.46
N ARG D 134 8.69 -56.98 -53.93
CA ARG D 134 7.92 -55.91 -54.54
C ARG D 134 8.37 -54.52 -54.09
N GLY D 135 9.52 -54.42 -53.43
CA GLY D 135 10.02 -53.12 -53.01
C GLY D 135 9.28 -52.49 -51.86
N GLU D 136 8.57 -53.27 -51.06
CA GLU D 136 7.82 -52.75 -49.92
CA GLU D 136 7.82 -52.75 -49.92
C GLU D 136 8.67 -52.86 -48.67
N LEU D 137 8.91 -51.74 -48.00
CA LEU D 137 9.67 -51.75 -46.76
C LEU D 137 8.89 -52.52 -45.70
N SER D 138 9.51 -53.55 -45.13
CA SER D 138 8.80 -54.47 -44.24
C SER D 138 9.68 -54.82 -43.06
N VAL D 139 9.06 -55.46 -42.07
CA VAL D 139 9.76 -56.03 -40.93
C VAL D 139 9.56 -57.54 -40.98
N LEU D 140 10.62 -58.27 -41.30
CA LEU D 140 10.57 -59.73 -41.34
C LEU D 140 10.58 -60.24 -39.91
N ALA D 141 9.40 -60.60 -39.40
CA ALA D 141 9.23 -60.88 -37.99
C ALA D 141 9.90 -62.20 -37.58
N ASP D 142 10.51 -62.19 -36.40
CA ASP D 142 10.84 -63.42 -35.69
C ASP D 142 9.97 -63.64 -34.47
N SER D 143 9.28 -62.60 -33.99
CA SER D 143 8.35 -62.69 -32.88
C SER D 143 7.29 -61.62 -33.05
N TRP D 144 6.06 -61.94 -32.62
CA TRP D 144 4.99 -60.96 -32.62
C TRP D 144 4.18 -61.09 -31.34
N ARG D 145 3.52 -60.01 -30.97
CA ARG D 145 2.72 -59.96 -29.75
CA ARG D 145 2.73 -59.96 -29.75
C ARG D 145 1.50 -59.10 -29.98
N MET D 146 0.39 -59.49 -29.36
CA MET D 146 -0.80 -58.66 -29.34
C MET D 146 -0.57 -57.51 -28.37
N ALA D 147 -0.86 -56.28 -28.82
CA ALA D 147 -0.70 -55.10 -27.98
C ALA D 147 -2.00 -54.51 -27.48
N ALA D 148 -3.07 -54.60 -28.28
CA ALA D 148 -4.39 -54.14 -27.86
C ALA D 148 -5.41 -54.80 -28.78
N LYS D 149 -6.23 -55.69 -28.24
CA LYS D 149 -7.23 -56.38 -29.05
C LYS D 149 -8.40 -55.44 -29.34
N ALA D 150 -8.72 -55.27 -30.61
CA ALA D 150 -9.82 -54.42 -31.03
C ALA D 150 -11.09 -55.24 -31.12
N LEU D 151 -12.10 -54.87 -30.33
CA LEU D 151 -13.38 -55.56 -30.33
C LEU D 151 -14.29 -55.12 -31.47
N ARG D 152 -14.02 -53.95 -32.07
CA ARG D 152 -14.85 -53.45 -33.16
C ARG D 152 -14.00 -53.22 -34.42
N PRO D 153 -14.50 -53.61 -35.59
CA PRO D 153 -13.73 -53.41 -36.82
C PRO D 153 -13.75 -51.97 -37.30
N LEU D 154 -12.70 -51.60 -38.03
CA LEU D 154 -12.64 -50.30 -38.67
C LEU D 154 -13.58 -50.27 -39.87
N PRO D 155 -14.01 -49.08 -40.29
CA PRO D 155 -14.82 -48.99 -41.52
C PRO D 155 -14.04 -49.45 -42.75
N VAL D 156 -14.78 -49.98 -43.71
CA VAL D 156 -14.18 -50.51 -44.94
C VAL D 156 -13.66 -49.35 -45.81
N LYS D 159 -14.90 -42.79 -46.80
CA LYS D 159 -16.11 -42.43 -47.52
C LYS D 159 -17.33 -43.12 -46.92
N GLU D 160 -17.09 -44.19 -46.17
CA GLU D 160 -18.18 -44.95 -45.55
C GLU D 160 -18.74 -44.25 -44.32
N MET D 161 -18.04 -43.27 -43.77
CA MET D 161 -18.52 -42.53 -42.61
C MET D 161 -19.25 -41.26 -43.05
N SER D 162 -20.43 -41.04 -42.51
CA SER D 162 -21.16 -39.81 -42.77
C SER D 162 -20.53 -38.65 -42.01
N GLU D 163 -21.03 -37.44 -42.28
CA GLU D 163 -20.54 -36.27 -41.57
C GLU D 163 -20.86 -36.35 -40.08
N GLU D 164 -22.07 -36.80 -39.75
CA GLU D 164 -22.45 -36.96 -38.35
C GLU D 164 -21.64 -38.07 -37.69
N SER D 165 -21.16 -39.05 -38.46
CA SER D 165 -20.37 -40.14 -37.89
C SER D 165 -18.94 -39.72 -37.57
N ARG D 166 -18.36 -38.83 -38.37
CA ARG D 166 -17.01 -38.34 -38.05
C ARG D 166 -17.01 -37.53 -36.76
N VAL D 167 -18.06 -36.74 -36.54
CA VAL D 167 -18.15 -35.92 -35.35
C VAL D 167 -18.36 -36.76 -34.11
N ARG D 168 -19.25 -37.75 -34.19
CA ARG D 168 -19.56 -38.57 -33.02
C ARG D 168 -18.43 -39.53 -32.66
N GLN D 169 -17.58 -39.89 -33.63
CA GLN D 169 -16.48 -40.84 -33.40
C GLN D 169 -15.22 -40.34 -34.11
N ARG D 170 -14.65 -39.25 -33.60
CA ARG D 170 -13.46 -38.67 -34.23
C ARG D 170 -12.27 -39.61 -34.18
N TYR D 171 -12.17 -40.46 -33.15
CA TYR D 171 -11.03 -41.36 -33.05
C TYR D 171 -10.98 -42.35 -34.22
N VAL D 172 -12.15 -42.86 -34.64
CA VAL D 172 -12.19 -43.71 -35.83
C VAL D 172 -11.86 -42.88 -37.06
N ASP D 173 -12.36 -41.65 -37.14
CA ASP D 173 -12.12 -40.79 -38.29
C ASP D 173 -10.63 -40.53 -38.48
N LEU D 174 -9.91 -40.28 -37.37
CA LEU D 174 -8.47 -40.02 -37.45
C LEU D 174 -7.69 -41.24 -37.91
N ILE D 175 -8.24 -42.45 -37.74
CA ILE D 175 -7.54 -43.67 -38.16
C ILE D 175 -7.70 -43.90 -39.66
N VAL D 176 -8.93 -43.76 -40.17
CA VAL D 176 -9.24 -44.20 -41.52
C VAL D 176 -9.22 -43.07 -42.55
N ARG D 177 -9.30 -41.82 -42.13
CA ARG D 177 -9.35 -40.69 -43.07
C ARG D 177 -8.12 -39.83 -42.90
N PRO D 178 -7.19 -39.82 -43.86
CA PRO D 178 -5.96 -39.01 -43.69
C PRO D 178 -6.24 -37.53 -43.55
N GLN D 179 -7.28 -37.01 -44.20
CA GLN D 179 -7.58 -35.59 -44.10
C GLN D 179 -8.02 -35.22 -42.69
N ALA D 180 -8.66 -36.14 -41.96
CA ALA D 180 -8.99 -35.87 -40.57
C ALA D 180 -7.74 -35.60 -39.74
N ARG D 181 -6.66 -36.35 -40.01
CA ARG D 181 -5.39 -36.08 -39.35
C ARG D 181 -4.82 -34.74 -39.78
N GLU D 182 -4.89 -34.43 -41.08
CA GLU D 182 -4.33 -33.17 -41.59
C GLU D 182 -4.99 -31.96 -40.93
N VAL D 183 -6.33 -31.96 -40.87
CA VAL D 183 -7.03 -30.84 -40.26
C VAL D 183 -6.67 -30.70 -38.78
N ALA D 184 -6.52 -31.83 -38.10
CA ALA D 184 -6.17 -31.79 -36.67
C ALA D 184 -4.81 -31.14 -36.46
N ARG D 185 -3.79 -31.55 -37.23
CA ARG D 185 -2.48 -30.92 -37.12
C ARG D 185 -2.53 -29.47 -37.59
N GLN D 186 -3.43 -29.16 -38.52
CA GLN D 186 -3.54 -27.80 -39.04
C GLN D 186 -4.02 -26.83 -37.96
N ARG D 187 -5.02 -27.24 -37.17
CA ARG D 187 -5.51 -26.37 -36.09
C ARG D 187 -4.41 -26.08 -35.08
N ILE D 188 -3.68 -27.12 -34.68
CA ILE D 188 -2.59 -26.96 -33.72
C ILE D 188 -1.54 -25.99 -34.26
N ALA D 189 -1.27 -26.05 -35.57
CA ALA D 189 -0.25 -25.19 -36.16
C ALA D 189 -0.73 -23.74 -36.23
N VAL D 190 -2.00 -23.53 -36.60
CA VAL D 190 -2.53 -22.18 -36.70
C VAL D 190 -2.54 -21.50 -35.34
N ILE D 191 -3.03 -22.22 -34.32
CA ILE D 191 -3.03 -21.68 -32.96
C ILE D 191 -1.60 -21.39 -32.51
N ARG D 192 -0.67 -22.28 -32.86
CA ARG D 192 0.73 -22.07 -32.52
C ARG D 192 1.29 -20.85 -33.25
N ALA D 193 0.85 -20.62 -34.49
CA ALA D 193 1.33 -19.46 -35.23
C ALA D 193 0.74 -18.16 -34.69
N VAL D 194 -0.50 -18.19 -34.19
CA VAL D 194 -1.10 -16.99 -33.61
C VAL D 194 -0.30 -16.54 -32.39
N ARG D 195 0.11 -17.49 -31.54
CA ARG D 195 0.90 -17.13 -30.37
C ARG D 195 2.27 -16.59 -30.76
N ASN D 196 2.90 -17.19 -31.76
CA ASN D 196 4.21 -16.69 -32.21
C ASN D 196 4.11 -15.27 -32.75
N ALA D 197 3.02 -14.96 -33.47
CA ALA D 197 2.84 -13.61 -33.98
C ALA D 197 2.68 -12.60 -32.86
N LEU D 198 2.05 -13.01 -31.76
CA LEU D 198 1.84 -12.10 -30.64
C LEU D 198 3.09 -12.00 -29.76
N GLU D 199 3.88 -13.06 -29.67
CA GLU D 199 5.10 -13.01 -28.88
C GLU D 199 6.18 -12.19 -29.59
N ARG D 200 6.17 -12.17 -30.93
CA ARG D 200 7.05 -11.27 -31.66
C ARG D 200 6.76 -9.81 -31.36
N ARG D 201 5.55 -9.51 -30.89
CA ARG D 201 5.13 -8.14 -30.63
C ARG D 201 5.09 -7.82 -29.13
N GLY D 202 5.62 -8.70 -28.28
CA GLY D 202 5.74 -8.41 -26.87
C GLY D 202 4.51 -8.67 -26.04
N PHE D 203 3.56 -9.44 -26.54
CA PHE D 203 2.35 -9.76 -25.78
C PHE D 203 2.60 -10.91 -24.82
N LEU D 204 2.12 -10.77 -23.59
CA LEU D 204 2.15 -11.81 -22.59
C LEU D 204 0.78 -12.48 -22.48
N GLU D 205 0.78 -13.79 -22.26
CA GLU D 205 -0.46 -14.55 -22.13
C GLU D 205 -0.75 -14.80 -20.66
N VAL D 206 -1.96 -14.44 -20.24
CA VAL D 206 -2.40 -14.59 -18.85
C VAL D 206 -3.63 -15.49 -18.81
N GLU D 207 -4.00 -15.89 -17.59
CA GLU D 207 -5.19 -16.68 -17.35
C GLU D 207 -6.18 -15.85 -16.53
N THR D 208 -7.37 -15.63 -17.08
CA THR D 208 -8.45 -14.96 -16.36
C THR D 208 -9.56 -15.96 -16.06
N PRO D 209 -10.35 -15.72 -15.01
CA PRO D 209 -11.33 -16.74 -14.57
C PRO D 209 -12.40 -17.01 -15.62
N MET D 210 -12.83 -18.26 -15.67
CA MET D 210 -13.93 -18.69 -16.53
C MET D 210 -15.26 -18.78 -15.79
N LEU D 211 -15.24 -19.07 -14.49
CA LEU D 211 -16.41 -18.94 -13.64
C LEU D 211 -16.41 -17.55 -13.02
N GLN D 212 -17.48 -16.79 -13.26
CA GLN D 212 -17.57 -15.41 -12.83
C GLN D 212 -18.87 -15.18 -12.08
N THR D 213 -18.82 -14.27 -11.10
CA THR D 213 -20.05 -13.86 -10.40
C THR D 213 -20.89 -12.93 -11.27
N LEU D 214 -20.29 -12.33 -12.30
CA LEU D 214 -21.00 -11.52 -13.27
C LEU D 214 -20.28 -11.65 -14.60
N ALA D 215 -20.97 -12.12 -15.63
CA ALA D 215 -20.37 -12.45 -16.91
C ALA D 215 -20.59 -11.28 -17.86
N GLY D 216 -19.59 -10.42 -17.98
CA GLY D 216 -19.61 -9.30 -18.89
C GLY D 216 -18.62 -9.44 -20.02
N GLY D 217 -18.39 -8.31 -20.71
CA GLY D 217 -17.42 -8.25 -21.78
C GLY D 217 -17.96 -8.45 -23.18
N ALA D 218 -19.24 -8.76 -23.31
CA ALA D 218 -19.86 -8.96 -24.62
C ALA D 218 -21.37 -8.90 -24.46
N ALA D 219 -22.07 -8.89 -25.59
CA ALA D 219 -23.53 -8.92 -25.62
C ALA D 219 -23.94 -10.34 -25.98
N ALA D 220 -24.12 -11.16 -24.95
CA ALA D 220 -24.45 -12.57 -25.14
C ALA D 220 -25.10 -13.09 -23.87
N ARG D 221 -25.72 -14.25 -23.98
CA ARG D 221 -26.43 -14.87 -22.86
C ARG D 221 -25.52 -15.89 -22.21
N PRO D 222 -25.17 -15.74 -20.93
CA PRO D 222 -24.21 -16.65 -20.31
C PRO D 222 -24.87 -17.95 -19.84
N PHE D 223 -24.02 -18.95 -19.65
CA PHE D 223 -24.42 -20.17 -18.96
C PHE D 223 -24.45 -19.94 -17.46
N VAL D 224 -25.47 -20.47 -16.80
CA VAL D 224 -25.66 -20.32 -15.36
C VAL D 224 -25.45 -21.67 -14.72
N THR D 225 -24.65 -21.69 -13.64
CA THR D 225 -24.40 -22.90 -12.88
C THR D 225 -24.41 -22.56 -11.41
N HIS D 226 -24.67 -23.56 -10.59
CA HIS D 226 -24.76 -23.38 -9.14
C HIS D 226 -23.48 -23.86 -8.48
N SER D 227 -23.00 -23.06 -7.52
CA SER D 227 -21.80 -23.36 -6.75
C SER D 227 -22.19 -23.92 -5.39
N ASN D 228 -21.62 -25.07 -5.04
CA ASN D 228 -21.88 -25.64 -3.72
C ASN D 228 -21.02 -24.98 -2.65
N ALA D 229 -19.85 -24.45 -3.02
CA ALA D 229 -19.01 -23.77 -2.05
C ALA D 229 -19.61 -22.43 -1.63
N LEU D 230 -20.18 -21.69 -2.57
CA LEU D 230 -20.67 -20.35 -2.31
C LEU D 230 -22.20 -20.28 -2.21
N ASP D 231 -22.89 -21.35 -2.58
CA ASP D 231 -24.35 -21.42 -2.51
C ASP D 231 -24.98 -20.24 -3.27
N ILE D 232 -24.43 -19.95 -4.44
CA ILE D 232 -24.93 -18.90 -5.33
C ILE D 232 -24.78 -19.37 -6.76
N ASP D 233 -25.33 -18.58 -7.67
CA ASP D 233 -25.25 -18.88 -9.09
C ASP D 233 -24.00 -18.25 -9.68
N LEU D 234 -23.17 -19.07 -10.32
CA LEU D 234 -22.03 -18.59 -11.07
C LEU D 234 -22.32 -18.63 -12.56
N TYR D 235 -21.56 -17.85 -13.33
CA TYR D 235 -21.78 -17.72 -14.76
C TYR D 235 -20.49 -18.06 -15.50
N LEU D 236 -20.61 -18.92 -16.50
CA LEU D 236 -19.50 -19.16 -17.40
C LEU D 236 -19.21 -17.91 -18.21
N ARG D 237 -17.93 -17.60 -18.38
CA ARG D 237 -17.56 -16.33 -19.01
C ARG D 237 -17.99 -16.30 -20.47
N ILE D 238 -18.51 -15.15 -20.90
CA ILE D 238 -18.79 -14.92 -22.32
C ILE D 238 -17.63 -14.21 -23.01
N ALA D 239 -16.71 -13.61 -22.24
CA ALA D 239 -15.54 -12.93 -22.75
C ALA D 239 -14.57 -12.64 -21.61
N PRO D 240 -13.27 -12.64 -21.85
CA PRO D 240 -12.31 -12.21 -20.83
C PRO D 240 -12.03 -10.71 -20.79
N GLU D 241 -12.82 -9.91 -21.51
CA GLU D 241 -12.50 -8.50 -21.71
C GLU D 241 -12.38 -7.74 -20.40
N LEU D 242 -13.37 -7.89 -19.51
CA LEU D 242 -13.37 -7.08 -18.29
C LEU D 242 -12.22 -7.44 -17.36
N PHE D 243 -11.71 -8.67 -17.45
CA PHE D 243 -10.58 -9.06 -16.64
C PHE D 243 -9.25 -8.75 -17.32
N LEU D 244 -9.20 -8.79 -18.65
CA LEU D 244 -8.00 -8.34 -19.35
C LEU D 244 -7.78 -6.84 -19.18
N LYS D 245 -8.87 -6.06 -19.09
CA LYS D 245 -8.72 -4.63 -18.82
C LYS D 245 -8.25 -4.38 -17.40
N ARG D 246 -8.69 -5.20 -16.45
CA ARG D 246 -8.14 -5.13 -15.10
C ARG D 246 -6.64 -5.43 -15.10
N CYS D 247 -6.18 -6.30 -16.01
CA CYS D 247 -4.75 -6.53 -16.15
C CYS D 247 -4.05 -5.29 -16.70
N ILE D 248 -4.70 -4.56 -17.60
CA ILE D 248 -4.12 -3.32 -18.13
C ILE D 248 -3.96 -2.30 -17.01
N VAL D 249 -4.98 -2.16 -16.16
CA VAL D 249 -4.87 -1.31 -14.98
C VAL D 249 -3.73 -1.77 -14.10
N GLY D 250 -3.55 -3.08 -13.97
CA GLY D 250 -2.53 -3.62 -13.07
C GLY D 250 -1.11 -3.41 -13.54
N GLY D 251 -0.89 -3.20 -14.83
CA GLY D 251 0.43 -2.92 -15.33
C GLY D 251 0.90 -3.75 -16.50
N PHE D 252 0.07 -4.67 -16.97
CA PHE D 252 0.38 -5.39 -18.20
C PHE D 252 0.30 -4.43 -19.38
N ASP D 253 1.43 -4.25 -20.07
CA ASP D 253 1.47 -3.31 -21.18
C ASP D 253 0.85 -3.92 -22.43
N ARG D 254 1.22 -5.15 -22.76
CA ARG D 254 0.68 -5.87 -23.91
C ARG D 254 0.34 -7.28 -23.45
N VAL D 255 -0.95 -7.61 -23.45
CA VAL D 255 -1.44 -8.84 -22.85
C VAL D 255 -2.50 -9.46 -23.76
N PHE D 256 -2.58 -10.79 -23.73
CA PHE D 256 -3.59 -11.49 -24.50
C PHE D 256 -3.97 -12.79 -23.79
N GLU D 257 -5.10 -13.34 -24.19
CA GLU D 257 -5.56 -14.64 -23.69
C GLU D 257 -6.24 -15.38 -24.82
N LEU D 258 -5.77 -16.58 -25.11
CA LEU D 258 -6.28 -17.43 -26.18
C LEU D 258 -6.88 -18.67 -25.54
N ASN D 259 -8.17 -18.64 -25.25
CA ASN D 259 -8.79 -19.75 -24.53
C ASN D 259 -10.29 -19.73 -24.83
N ARG D 260 -11.05 -20.47 -24.03
CA ARG D 260 -12.44 -20.78 -24.31
C ARG D 260 -13.39 -19.74 -23.72
N VAL D 261 -14.52 -19.54 -24.41
CA VAL D 261 -15.63 -18.75 -23.91
C VAL D 261 -16.91 -19.54 -24.16
N PHE D 262 -17.98 -19.13 -23.48
CA PHE D 262 -19.23 -19.90 -23.46
C PHE D 262 -20.41 -18.96 -23.60
N ARG D 263 -21.25 -19.21 -24.61
CA ARG D 263 -22.41 -18.36 -24.91
C ARG D 263 -23.61 -19.24 -25.20
N ASN D 264 -24.69 -19.03 -24.44
CA ASN D 264 -25.87 -19.91 -24.47
C ASN D 264 -26.87 -19.43 -25.51
N GLU D 265 -26.57 -19.74 -26.77
CA GLU D 265 -27.49 -19.45 -27.87
C GLU D 265 -28.57 -20.52 -27.92
N GLY D 266 -29.69 -20.18 -28.56
CA GLY D 266 -30.81 -21.10 -28.59
C GLY D 266 -31.35 -21.42 -29.98
N SER D 267 -31.10 -22.65 -30.44
CA SER D 267 -31.57 -23.13 -31.74
C SER D 267 -31.12 -22.21 -32.87
N ASP D 268 -29.83 -21.88 -32.86
CA ASP D 268 -29.21 -21.04 -33.88
C ASP D 268 -27.82 -21.60 -34.17
N SER D 269 -27.55 -21.87 -35.44
CA SER D 269 -26.36 -22.59 -35.87
C SER D 269 -25.24 -21.64 -36.25
N THR D 270 -24.14 -22.22 -36.74
CA THR D 270 -22.88 -21.55 -37.10
C THR D 270 -22.11 -21.08 -35.86
N HIS D 271 -22.79 -21.01 -34.71
CA HIS D 271 -22.16 -20.69 -33.45
C HIS D 271 -22.28 -21.88 -32.51
N SER D 272 -21.18 -22.27 -31.94
CA SER D 272 -21.16 -23.36 -30.98
C SER D 272 -21.31 -22.81 -29.56
N PRO D 273 -21.89 -23.58 -28.64
CA PRO D 273 -21.99 -23.09 -27.25
C PRO D 273 -20.65 -22.84 -26.60
N GLU D 274 -19.58 -23.44 -27.11
CA GLU D 274 -18.24 -23.32 -26.58
C GLU D 274 -17.26 -23.17 -27.73
N PHE D 275 -16.45 -22.10 -27.70
CA PHE D 275 -15.46 -21.92 -28.75
C PHE D 275 -14.25 -21.18 -28.17
N SER D 276 -13.11 -21.33 -28.86
CA SER D 276 -11.86 -20.69 -28.47
C SER D 276 -11.79 -19.28 -29.07
N MET D 277 -11.39 -18.31 -28.25
CA MET D 277 -11.31 -16.92 -28.68
C MET D 277 -9.98 -16.31 -28.28
N LEU D 278 -9.46 -15.44 -29.15
CA LEU D 278 -8.26 -14.64 -28.87
C LEU D 278 -8.67 -13.21 -28.57
N GLU D 279 -8.22 -12.69 -27.43
CA GLU D 279 -8.35 -11.28 -27.12
C GLU D 279 -6.98 -10.71 -26.78
N THR D 280 -6.63 -9.60 -27.41
CA THR D 280 -5.35 -8.94 -27.17
C THR D 280 -5.60 -7.50 -26.75
N TYR D 281 -4.75 -6.98 -25.87
CA TYR D 281 -4.85 -5.59 -25.44
C TYR D 281 -3.46 -4.97 -25.40
N GLN D 282 -3.34 -3.76 -25.94
CA GLN D 282 -2.06 -3.09 -26.12
C GLN D 282 -2.22 -1.63 -25.75
N THR D 283 -1.43 -1.17 -24.79
CA THR D 283 -1.53 0.20 -24.31
C THR D 283 -0.88 1.17 -25.29
N TYR D 284 -1.36 2.42 -25.26
CA TYR D 284 -0.83 3.51 -26.08
C TYR D 284 -0.87 3.15 -27.57
N GLY D 285 -1.94 2.47 -27.96
CA GLY D 285 -2.28 2.31 -29.36
C GLY D 285 -3.77 2.47 -29.52
N THR D 286 -4.18 2.86 -30.71
CA THR D 286 -5.59 3.05 -31.04
C THR D 286 -6.08 1.90 -31.90
N TYR D 287 -7.35 1.97 -32.30
CA TYR D 287 -7.91 0.94 -33.15
C TYR D 287 -7.28 0.94 -34.54
N ASP D 288 -6.60 2.03 -34.92
CA ASP D 288 -5.83 2.03 -36.16
C ASP D 288 -4.60 1.13 -36.04
N ASP D 289 -3.94 1.14 -34.87
CA ASP D 289 -2.74 0.33 -34.70
C ASP D 289 -3.08 -1.15 -34.60
N SER D 290 -4.21 -1.48 -33.98
CA SER D 290 -4.61 -2.87 -33.85
C SER D 290 -5.15 -3.43 -35.17
N ALA D 291 -5.69 -2.58 -36.03
CA ALA D 291 -6.11 -3.04 -37.35
C ALA D 291 -4.91 -3.46 -38.20
N LEU D 292 -3.81 -2.73 -38.10
CA LEU D 292 -2.59 -3.10 -38.81
C LEU D 292 -2.02 -4.40 -38.26
N ILE D 293 -1.96 -4.53 -36.94
CA ILE D 293 -1.41 -5.73 -36.32
C ILE D 293 -2.27 -6.95 -36.66
N THR D 294 -3.60 -6.79 -36.64
CA THR D 294 -4.48 -7.91 -36.95
C THR D 294 -4.29 -8.40 -38.37
N ARG D 295 -4.14 -7.47 -39.32
CA ARG D 295 -3.90 -7.87 -40.71
C ARG D 295 -2.56 -8.57 -40.85
N GLU D 296 -1.51 -8.01 -40.24
CA GLU D 296 -0.20 -8.62 -40.32
C GLU D 296 -0.17 -9.98 -39.62
N LEU D 297 -0.91 -10.11 -38.52
CA LEU D 297 -0.95 -11.39 -37.81
C LEU D 297 -1.60 -12.48 -38.67
N ILE D 298 -2.74 -12.18 -39.27
CA ILE D 298 -3.43 -13.15 -40.11
C ILE D 298 -2.54 -13.55 -41.29
N GLN D 299 -1.86 -12.58 -41.89
CA GLN D 299 -0.96 -12.89 -43.00
C GLN D 299 0.24 -13.69 -42.53
N GLU D 300 0.73 -13.41 -41.32
CA GLU D 300 1.83 -14.19 -40.76
C GLU D 300 1.40 -15.60 -40.41
N VAL D 301 0.18 -15.76 -39.88
CA VAL D 301 -0.33 -17.08 -39.55
C VAL D 301 -0.50 -17.92 -40.81
N ALA D 302 -0.95 -17.28 -41.90
CA ALA D 302 -1.06 -17.99 -43.17
C ALA D 302 0.32 -18.45 -43.65
N ASP D 303 1.33 -17.59 -43.50
CA ASP D 303 2.68 -17.95 -43.93
C ASP D 303 3.24 -19.11 -43.13
N GLU D 304 3.02 -19.11 -41.81
CA GLU D 304 3.64 -20.11 -40.96
C GLU D 304 2.89 -21.45 -41.00
N ALA D 305 1.56 -21.41 -40.95
CA ALA D 305 0.76 -22.61 -40.80
C ALA D 305 0.16 -23.13 -42.11
N ILE D 306 -0.14 -22.25 -43.06
CA ILE D 306 -0.73 -22.66 -44.32
C ILE D 306 0.32 -22.76 -45.42
N GLY D 307 1.32 -21.87 -45.40
CA GLY D 307 2.39 -21.89 -46.37
C GLY D 307 2.21 -20.95 -47.54
N THR D 308 1.09 -20.24 -47.62
CA THR D 308 0.82 -19.33 -48.73
C THR D 308 -0.26 -18.36 -48.30
N ARG D 309 -0.31 -17.22 -49.01
CA ARG D 309 -1.40 -16.27 -48.87
C ARG D 309 -2.41 -16.39 -50.00
N GLN D 310 -2.24 -17.38 -50.87
CA GLN D 310 -3.24 -17.73 -51.90
C GLN D 310 -3.94 -18.99 -51.40
N LEU D 311 -4.96 -18.80 -50.57
CA LEU D 311 -5.55 -19.89 -49.81
C LEU D 311 -6.45 -20.73 -50.71
N SER D 312 -6.14 -22.02 -50.82
CA SER D 312 -6.98 -22.95 -51.55
C SER D 312 -8.22 -23.30 -50.75
N MET D 313 -9.37 -23.30 -51.41
CA MET D 313 -10.65 -23.57 -50.79
C MET D 313 -11.19 -24.94 -51.21
N PRO D 314 -12.07 -25.54 -50.40
CA PRO D 314 -12.57 -26.88 -50.76
C PRO D 314 -13.25 -26.94 -52.12
N ASP D 315 -13.89 -25.86 -52.56
CA ASP D 315 -14.56 -25.84 -53.85
C ASP D 315 -13.60 -25.71 -55.03
N GLY D 316 -12.29 -25.65 -54.77
CA GLY D 316 -11.31 -25.52 -55.83
C GLY D 316 -10.85 -24.10 -56.08
N SER D 317 -11.57 -23.10 -55.57
CA SER D 317 -11.19 -21.71 -55.78
C SER D 317 -9.97 -21.36 -54.91
N VAL D 318 -9.39 -20.19 -55.19
CA VAL D 318 -8.23 -19.68 -54.45
C VAL D 318 -8.56 -18.28 -53.97
N TYR D 319 -8.46 -18.08 -52.65
CA TYR D 319 -8.77 -16.80 -52.02
C TYR D 319 -7.48 -16.07 -51.65
N ASP D 320 -7.40 -14.79 -52.00
CA ASP D 320 -6.21 -13.99 -51.81
C ASP D 320 -6.37 -13.11 -50.58
N ILE D 321 -5.53 -13.31 -49.56
CA ILE D 321 -5.53 -12.45 -48.38
C ILE D 321 -4.26 -11.62 -48.30
N ASP D 322 -3.45 -11.59 -49.36
CA ASP D 322 -2.20 -10.85 -49.35
C ASP D 322 -2.45 -9.36 -49.59
N GLY D 323 -1.42 -8.56 -49.31
CA GLY D 323 -1.47 -7.13 -49.56
C GLY D 323 -2.23 -6.37 -48.49
N GLU D 324 -2.50 -5.11 -48.78
CA GLU D 324 -3.26 -4.25 -47.89
C GLU D 324 -4.75 -4.45 -48.15
N TRP D 325 -5.54 -4.24 -47.11
CA TRP D 325 -6.96 -4.53 -47.15
C TRP D 325 -7.77 -3.23 -47.15
N ALA D 326 -8.92 -3.27 -47.81
CA ALA D 326 -9.75 -2.07 -47.92
C ALA D 326 -10.37 -1.73 -46.56
N THR D 327 -10.62 -0.43 -46.37
CA THR D 327 -11.24 0.08 -45.16
C THR D 327 -12.37 1.02 -45.56
N MET D 328 -13.49 0.94 -44.83
CA MET D 328 -14.65 1.78 -45.10
C MET D 328 -15.30 2.18 -43.79
N GLU D 329 -16.00 3.31 -43.82
CA GLU D 329 -16.80 3.76 -42.68
C GLU D 329 -18.23 3.25 -42.83
N MET D 330 -18.85 2.91 -41.71
CA MET D 330 -20.18 2.29 -41.74
C MET D 330 -21.23 3.25 -42.29
N TYR D 331 -21.32 4.45 -41.70
CA TYR D 331 -22.36 5.39 -42.11
C TYR D 331 -22.20 5.83 -43.56
N SER D 332 -20.96 6.10 -44.00
CA SER D 332 -20.74 6.58 -45.35
C SER D 332 -21.06 5.51 -46.39
N SER D 333 -20.54 4.30 -46.18
CA SER D 333 -20.73 3.24 -47.17
C SER D 333 -22.18 2.75 -47.21
N LEU D 334 -22.88 2.76 -46.07
CA LEU D 334 -24.30 2.43 -46.08
C LEU D 334 -25.08 3.46 -46.89
N SER D 335 -24.70 4.74 -46.78
CA SER D 335 -25.36 5.78 -47.56
C SER D 335 -25.09 5.60 -49.06
N GLU D 336 -23.87 5.19 -49.41
CA GLU D 336 -23.55 4.99 -50.82
C GLU D 336 -24.33 3.81 -51.39
N ALA D 337 -24.45 2.72 -50.65
CA ALA D 337 -25.16 1.55 -51.14
C ALA D 337 -26.67 1.78 -51.24
N LEU D 338 -27.22 2.72 -50.46
CA LEU D 338 -28.65 2.99 -50.48
C LEU D 338 -29.04 4.18 -51.35
N GLY D 339 -28.10 5.07 -51.66
CA GLY D 339 -28.45 6.29 -52.34
C GLY D 339 -29.03 7.38 -51.46
N GLU D 340 -29.21 7.11 -50.17
CA GLU D 340 -29.73 8.08 -49.21
C GLU D 340 -28.71 8.29 -48.11
N GLN D 341 -28.45 9.54 -47.77
CA GLN D 341 -27.47 9.87 -46.74
C GLN D 341 -28.00 9.48 -45.36
N ILE D 342 -27.25 8.63 -44.67
CA ILE D 342 -27.58 8.20 -43.31
C ILE D 342 -26.53 8.76 -42.35
N THR D 343 -26.98 9.41 -41.29
CA THR D 343 -26.15 10.08 -40.32
C THR D 343 -26.55 9.62 -38.93
N PRO D 344 -25.68 9.82 -37.93
CA PRO D 344 -26.10 9.52 -36.54
C PRO D 344 -27.37 10.24 -36.10
N GLU D 345 -27.73 11.34 -36.76
CA GLU D 345 -28.94 12.09 -36.42
C GLU D 345 -30.17 11.57 -37.13
N THR D 346 -30.04 10.53 -37.97
CA THR D 346 -31.18 9.95 -38.65
C THR D 346 -32.15 9.34 -37.64
N THR D 347 -33.44 9.63 -37.81
CA THR D 347 -34.43 9.16 -36.86
C THR D 347 -34.60 7.65 -36.95
N VAL D 348 -35.02 7.05 -35.84
CA VAL D 348 -35.28 5.61 -35.82
C VAL D 348 -36.46 5.28 -36.71
N ALA D 349 -37.46 6.17 -36.79
CA ALA D 349 -38.61 5.93 -37.66
C ALA D 349 -38.19 5.91 -39.12
N ARG D 350 -37.30 6.82 -39.53
CA ARG D 350 -36.84 6.84 -40.92
C ARG D 350 -36.09 5.55 -41.27
N LEU D 351 -35.28 5.05 -40.34
CA LEU D 351 -34.54 3.81 -40.59
C LEU D 351 -35.47 2.61 -40.66
N ARG D 352 -36.52 2.58 -39.82
CA ARG D 352 -37.44 1.46 -39.84
C ARG D 352 -38.24 1.41 -41.15
N ASP D 353 -38.50 2.56 -41.76
CA ASP D 353 -39.17 2.57 -43.05
C ASP D 353 -38.26 2.06 -44.16
N ILE D 354 -36.96 2.39 -44.07
CA ILE D 354 -35.99 1.89 -45.04
C ILE D 354 -35.92 0.37 -44.98
N ALA D 355 -36.02 -0.19 -43.76
CA ALA D 355 -35.98 -1.64 -43.62
C ALA D 355 -37.19 -2.29 -44.28
N SER D 356 -38.37 -1.68 -44.13
CA SER D 356 -39.56 -2.21 -44.80
C SER D 356 -39.42 -2.15 -46.31
N GLY D 357 -38.81 -1.08 -46.82
CA GLY D 357 -38.58 -0.97 -48.26
C GLY D 357 -37.53 -1.93 -48.77
N LEU D 358 -36.60 -2.35 -47.91
CA LEU D 358 -35.58 -3.33 -48.26
C LEU D 358 -35.94 -4.74 -47.82
N ASP D 359 -37.14 -4.93 -47.26
CA ASP D 359 -37.61 -6.23 -46.80
C ASP D 359 -36.71 -6.83 -45.72
N VAL D 360 -36.22 -5.97 -44.82
CA VAL D 360 -35.41 -6.41 -43.68
C VAL D 360 -36.29 -6.39 -42.43
N GLU D 361 -36.20 -7.45 -41.64
CA GLU D 361 -37.03 -7.57 -40.44
C GLU D 361 -36.34 -6.97 -39.21
N SER D 365 -37.71 -7.79 -30.28
CA SER D 365 -37.94 -6.77 -29.26
C SER D 365 -37.43 -5.40 -29.72
N VAL D 366 -37.14 -4.54 -28.75
CA VAL D 366 -36.63 -3.20 -29.04
C VAL D 366 -35.27 -3.31 -29.73
N PHE D 367 -35.02 -2.42 -30.70
CA PHE D 367 -33.71 -2.40 -31.35
C PHE D 367 -32.95 -1.10 -31.11
N GLY D 368 -33.49 0.03 -31.54
CA GLY D 368 -32.81 1.29 -31.37
C GLY D 368 -32.14 1.74 -32.66
N HIS D 369 -31.66 2.98 -32.64
CA HIS D 369 -30.98 3.57 -33.78
C HIS D 369 -29.77 2.74 -34.20
N GLY D 370 -28.96 2.32 -33.23
CA GLY D 370 -27.70 1.65 -33.55
C GLY D 370 -27.91 0.31 -34.24
N LYS D 371 -28.75 -0.54 -33.66
CA LYS D 371 -28.96 -1.88 -34.23
C LYS D 371 -29.54 -1.81 -35.64
N LEU D 372 -30.39 -0.82 -35.91
CA LEU D 372 -30.96 -0.68 -37.26
C LEU D 372 -29.90 -0.27 -38.26
N VAL D 373 -28.99 0.64 -37.86
CA VAL D 373 -27.90 1.05 -38.74
C VAL D 373 -26.98 -0.12 -39.04
N GLU D 374 -26.69 -0.95 -38.02
CA GLU D 374 -25.79 -2.08 -38.22
C GLU D 374 -26.40 -3.13 -39.15
N GLU D 375 -27.67 -3.50 -38.91
CA GLU D 375 -28.31 -4.50 -39.74
C GLU D 375 -28.48 -4.04 -41.17
N LEU D 376 -28.77 -2.75 -41.36
CA LEU D 376 -28.90 -2.22 -42.73
C LEU D 376 -27.57 -2.27 -43.46
N TRP D 377 -26.46 -1.99 -42.75
CA TRP D 377 -25.15 -2.07 -43.38
C TRP D 377 -24.80 -3.51 -43.75
N GLU D 378 -25.14 -4.46 -42.87
CA GLU D 378 -24.82 -5.86 -43.16
C GLU D 378 -25.57 -6.37 -44.38
N HIS D 379 -26.83 -5.98 -44.53
CA HIS D 379 -27.63 -6.45 -45.65
C HIS D 379 -27.22 -5.78 -46.96
N ALA D 380 -26.88 -4.49 -46.91
CA ALA D 380 -26.61 -3.72 -48.11
C ALA D 380 -25.12 -3.68 -48.48
N VAL D 381 -24.22 -3.90 -47.53
CA VAL D 381 -22.79 -3.77 -47.79
C VAL D 381 -22.05 -5.01 -47.33
N GLY D 382 -22.32 -5.45 -46.11
CA GLY D 382 -21.50 -6.49 -45.50
C GLY D 382 -21.59 -7.83 -46.20
N ASN D 383 -22.81 -8.26 -46.54
CA ASN D 383 -22.99 -9.56 -47.17
C ASN D 383 -22.44 -9.61 -48.58
N LYS D 384 -22.28 -8.46 -49.24
CA LYS D 384 -21.75 -8.39 -50.59
C LYS D 384 -20.24 -8.31 -50.64
N LEU D 385 -19.57 -8.29 -49.48
CA LEU D 385 -18.12 -8.19 -49.45
C LEU D 385 -17.46 -9.50 -49.89
N THR D 386 -16.35 -9.39 -50.59
CA THR D 386 -15.57 -10.54 -51.02
C THR D 386 -14.12 -10.48 -50.54
N ALA D 387 -13.42 -9.39 -50.82
CA ALA D 387 -12.05 -9.23 -50.37
C ALA D 387 -12.02 -8.90 -48.88
N PRO D 388 -10.89 -9.10 -48.21
CA PRO D 388 -10.78 -8.69 -46.80
C PRO D 388 -11.00 -7.19 -46.66
N THR D 389 -11.91 -6.83 -45.76
CA THR D 389 -12.37 -5.45 -45.64
C THR D 389 -12.55 -5.07 -44.18
N PHE D 390 -12.08 -3.87 -43.84
CA PHE D 390 -12.35 -3.26 -42.55
C PHE D 390 -13.54 -2.30 -42.67
N VAL D 391 -14.44 -2.35 -41.69
CA VAL D 391 -15.50 -1.36 -41.55
C VAL D 391 -15.37 -0.73 -40.17
N LYS D 392 -15.23 0.59 -40.12
CA LYS D 392 -14.91 1.28 -38.89
C LYS D 392 -15.96 2.34 -38.56
N ASP D 393 -15.83 2.90 -37.35
CA ASP D 393 -16.68 3.96 -36.84
C ASP D 393 -18.14 3.51 -36.73
N PHE D 394 -18.48 2.88 -35.60
CA PHE D 394 -19.76 2.26 -35.31
C PHE D 394 -20.65 3.18 -34.49
N PRO D 395 -21.97 2.95 -34.51
CA PRO D 395 -22.86 3.75 -33.65
C PRO D 395 -22.55 3.53 -32.17
N VAL D 396 -22.76 4.58 -31.38
CA VAL D 396 -22.42 4.53 -29.96
C VAL D 396 -23.37 3.60 -29.19
N GLU D 397 -24.62 3.49 -29.63
CA GLU D 397 -25.60 2.70 -28.88
C GLU D 397 -25.23 1.23 -28.80
N THR D 398 -24.52 0.71 -29.81
CA THR D 398 -24.23 -0.72 -29.89
C THR D 398 -22.78 -1.06 -29.59
N THR D 399 -22.02 -0.12 -29.00
CA THR D 399 -20.63 -0.34 -28.64
C THR D 399 -20.39 0.24 -27.25
N PRO D 400 -20.93 -0.41 -26.21
CA PRO D 400 -20.88 0.20 -24.87
C PRO D 400 -19.48 0.28 -24.28
N LEU D 401 -18.55 -0.59 -24.68
CA LEU D 401 -17.21 -0.61 -24.13
C LEU D 401 -16.19 0.12 -25.01
N THR D 402 -16.64 0.80 -26.06
CA THR D 402 -15.75 1.44 -27.02
C THR D 402 -15.73 2.95 -26.81
N ARG D 403 -14.53 3.53 -26.90
CA ARG D 403 -14.37 4.97 -26.75
C ARG D 403 -15.03 5.71 -27.91
N GLN D 404 -15.57 6.88 -27.61
CA GLN D 404 -16.18 7.71 -28.65
C GLN D 404 -15.11 8.25 -29.60
N HIS D 405 -15.53 8.57 -30.81
CA HIS D 405 -14.62 9.02 -31.84
C HIS D 405 -14.01 10.38 -31.48
N ARG D 406 -12.82 10.63 -32.03
CA ARG D 406 -12.13 11.89 -31.78
C ARG D 406 -12.98 13.08 -32.22
N SER D 407 -13.55 13.01 -33.42
CA SER D 407 -14.22 14.15 -34.02
C SER D 407 -15.70 13.92 -34.29
N ILE D 408 -16.06 12.83 -34.94
CA ILE D 408 -17.45 12.58 -35.31
C ILE D 408 -18.26 12.22 -34.06
N PRO D 409 -19.33 12.94 -33.76
CA PRO D 409 -20.14 12.61 -32.59
C PRO D 409 -21.08 11.45 -32.89
N GLY D 410 -21.46 10.75 -31.82
CA GLY D 410 -22.39 9.65 -31.93
C GLY D 410 -21.80 8.36 -32.46
N VAL D 411 -20.51 8.32 -32.76
CA VAL D 411 -19.87 7.11 -33.26
C VAL D 411 -18.66 6.80 -32.38
N THR D 412 -18.27 5.53 -32.38
CA THR D 412 -17.16 5.03 -31.57
C THR D 412 -16.08 4.44 -32.45
N GLU D 413 -14.87 4.36 -31.91
CA GLU D 413 -13.70 3.89 -32.65
C GLU D 413 -13.63 2.36 -32.56
N LYS D 414 -14.45 1.71 -33.38
CA LYS D 414 -14.48 0.26 -33.49
C LYS D 414 -14.42 -0.13 -34.96
N TRP D 415 -13.69 -1.20 -35.26
CA TRP D 415 -13.70 -1.79 -36.59
C TRP D 415 -14.08 -3.26 -36.51
N ASP D 416 -14.75 -3.72 -37.57
CA ASP D 416 -15.02 -5.14 -37.78
C ASP D 416 -14.28 -5.57 -39.04
N LEU D 417 -13.61 -6.72 -38.96
CA LEU D 417 -12.85 -7.25 -40.08
C LEU D 417 -13.64 -8.37 -40.74
N TYR D 418 -13.90 -8.23 -42.03
CA TYR D 418 -14.61 -9.24 -42.81
C TYR D 418 -13.61 -9.86 -43.79
N VAL D 419 -13.42 -11.17 -43.67
CA VAL D 419 -12.56 -11.94 -44.57
C VAL D 419 -13.40 -13.04 -45.19
N ARG D 420 -13.49 -13.03 -46.52
CA ARG D 420 -14.30 -13.99 -47.27
C ARG D 420 -15.77 -13.88 -46.89
N GLY D 421 -16.24 -12.65 -46.71
CA GLY D 421 -17.63 -12.37 -46.41
C GLY D 421 -18.09 -12.75 -45.01
N VAL D 422 -17.19 -13.19 -44.14
CA VAL D 422 -17.53 -13.60 -42.78
C VAL D 422 -16.85 -12.66 -41.79
N GLU D 423 -17.60 -12.28 -40.74
CA GLU D 423 -17.02 -11.46 -39.68
C GLU D 423 -15.97 -12.25 -38.93
N LEU D 424 -14.73 -11.77 -38.96
CA LEU D 424 -13.59 -12.49 -38.41
C LEU D 424 -13.04 -11.90 -37.13
N ALA D 425 -12.76 -10.59 -37.11
CA ALA D 425 -12.11 -9.97 -35.97
C ALA D 425 -12.73 -8.61 -35.69
N THR D 426 -12.48 -8.12 -34.48
CA THR D 426 -12.99 -6.83 -34.03
C THR D 426 -11.92 -6.14 -33.20
N GLY D 427 -11.88 -4.81 -33.27
CA GLY D 427 -10.94 -4.03 -32.50
C GLY D 427 -11.51 -2.70 -32.03
N TYR D 428 -11.19 -2.30 -30.80
CA TYR D 428 -11.67 -1.06 -30.22
C TYR D 428 -10.51 -0.12 -29.91
N SER D 429 -10.82 1.16 -29.88
CA SER D 429 -10.10 2.11 -29.03
C SER D 429 -10.80 2.06 -27.67
N GLU D 430 -10.12 1.53 -26.66
CA GLU D 430 -10.80 1.17 -25.43
C GLU D 430 -11.30 2.40 -24.69
N LEU D 431 -12.50 2.28 -24.12
CA LEU D 431 -13.08 3.32 -23.29
C LEU D 431 -12.45 3.23 -21.89
N ASN D 432 -11.64 4.23 -21.54
CA ASN D 432 -10.99 4.27 -20.24
C ASN D 432 -11.60 5.30 -19.30
N ASP D 433 -12.47 6.19 -19.81
CA ASP D 433 -13.17 7.15 -18.97
C ASP D 433 -14.18 6.44 -18.09
N PRO D 434 -13.99 6.41 -16.77
CA PRO D 434 -14.93 5.65 -15.92
C PRO D 434 -16.30 6.28 -15.80
N VAL D 435 -16.40 7.61 -15.89
CA VAL D 435 -17.72 8.24 -15.79
C VAL D 435 -18.54 7.98 -17.04
N VAL D 436 -17.91 8.07 -18.22
CA VAL D 436 -18.61 7.77 -19.46
C VAL D 436 -18.97 6.29 -19.53
N GLN D 437 -18.08 5.42 -19.03
CA GLN D 437 -18.36 3.98 -19.03
C GLN D 437 -19.58 3.66 -18.18
N ARG D 438 -19.76 4.37 -17.07
CA ARG D 438 -20.95 4.16 -16.24
C ARG D 438 -22.20 4.64 -16.97
N ASP D 439 -22.09 5.67 -17.79
CA ASP D 439 -23.25 6.12 -18.58
C ASP D 439 -23.61 5.08 -19.64
N ARG D 440 -22.61 4.43 -20.24
CA ARG D 440 -22.89 3.37 -21.21
C ARG D 440 -23.64 2.22 -20.55
N PHE D 441 -23.25 1.87 -19.32
CA PHE D 441 -23.96 0.81 -18.60
C PHE D 441 -25.40 1.22 -18.28
N ALA D 442 -25.62 2.51 -18.03
CA ALA D 442 -26.98 2.99 -17.83
C ALA D 442 -27.82 2.86 -19.11
N ASP D 443 -27.20 3.03 -20.27
CA ASP D 443 -27.92 2.82 -21.53
C ASP D 443 -28.18 1.34 -21.77
N GLN D 444 -27.23 0.49 -21.41
CA GLN D 444 -27.46 -0.96 -21.49
C GLN D 444 -28.55 -1.40 -20.52
N ALA D 445 -28.63 -0.75 -19.35
CA ALA D 445 -29.70 -1.07 -18.40
C ALA D 445 -31.08 -0.71 -18.97
N ARG D 446 -31.17 0.33 -19.78
CA ARG D 446 -32.45 0.65 -20.41
C ARG D 446 -32.84 -0.40 -21.45
N ALA D 447 -31.86 -0.92 -22.19
CA ALA D 447 -32.16 -2.00 -23.14
C ALA D 447 -32.61 -3.25 -22.41
N ALA D 448 -31.99 -3.56 -21.26
CA ALA D 448 -32.41 -4.72 -20.48
C ALA D 448 -33.84 -4.56 -19.96
N ALA D 449 -34.23 -3.32 -19.64
CA ALA D 449 -35.61 -3.08 -19.21
C ALA D 449 -36.60 -3.21 -20.35
N ALA D 450 -36.14 -3.09 -21.60
CA ALA D 450 -37.00 -3.26 -22.76
C ALA D 450 -37.13 -4.71 -23.21
N GLY D 451 -36.37 -5.63 -22.60
CA GLY D 451 -36.45 -7.04 -22.91
C GLY D 451 -35.17 -7.66 -23.44
N ASP D 452 -34.07 -6.91 -23.55
CA ASP D 452 -32.81 -7.44 -24.06
C ASP D 452 -32.06 -8.10 -22.91
N ASP D 453 -32.15 -9.43 -22.83
CA ASP D 453 -31.43 -10.17 -21.81
C ASP D 453 -29.95 -10.37 -22.17
N GLU D 454 -29.49 -9.83 -23.29
CA GLU D 454 -28.08 -9.86 -23.68
C GLU D 454 -27.39 -8.54 -23.43
N ALA D 455 -28.10 -7.52 -22.94
CA ALA D 455 -27.48 -6.25 -22.64
C ALA D 455 -26.47 -6.42 -21.50
N MET D 456 -25.48 -5.54 -21.46
CA MET D 456 -24.42 -5.67 -20.47
C MET D 456 -24.91 -5.15 -19.11
N GLN D 457 -24.76 -5.97 -18.08
CA GLN D 457 -25.09 -5.57 -16.73
C GLN D 457 -23.96 -4.72 -16.15
N LEU D 458 -24.33 -3.80 -15.25
CA LEU D 458 -23.36 -2.93 -14.63
C LEU D 458 -22.46 -3.75 -13.69
N ASP D 459 -21.17 -3.80 -14.01
CA ASP D 459 -20.17 -4.50 -13.19
C ASP D 459 -19.45 -3.43 -12.37
N GLU D 460 -19.86 -3.27 -11.11
CA GLU D 460 -19.30 -2.21 -10.28
CA GLU D 460 -19.30 -2.22 -10.27
C GLU D 460 -17.79 -2.38 -10.10
N ASP D 461 -17.34 -3.61 -9.87
CA ASP D 461 -15.91 -3.83 -9.65
C ASP D 461 -15.09 -3.46 -10.88
N PHE D 462 -15.63 -3.66 -12.08
CA PHE D 462 -14.93 -3.23 -13.28
C PHE D 462 -14.83 -1.71 -13.32
N LEU D 463 -15.92 -1.02 -12.95
CA LEU D 463 -15.88 0.45 -12.88
C LEU D 463 -14.90 0.91 -11.81
N THR D 464 -14.82 0.17 -10.69
CA THR D 464 -13.84 0.51 -9.66
C THR D 464 -12.42 0.43 -10.19
N ALA D 465 -12.15 -0.56 -11.05
CA ALA D 465 -10.82 -0.66 -11.64
C ALA D 465 -10.51 0.51 -12.56
N LEU D 466 -11.50 0.94 -13.35
CA LEU D 466 -11.30 2.11 -14.21
C LEU D 466 -11.08 3.38 -13.40
N GLU D 467 -11.64 3.44 -12.19
CA GLU D 467 -11.52 4.64 -11.37
C GLU D 467 -10.12 4.79 -10.77
N TYR D 468 -9.29 3.77 -10.82
CA TYR D 468 -7.89 3.88 -10.47
C TYR D 468 -7.02 4.33 -11.64
N GLY D 469 -7.61 4.48 -12.83
CA GLY D 469 -6.88 4.95 -13.99
C GLY D 469 -6.35 3.84 -14.87
N MET D 470 -6.95 3.69 -16.06
CA MET D 470 -6.47 2.74 -17.05
C MET D 470 -5.80 3.49 -18.18
N PRO D 471 -4.56 3.14 -18.53
CA PRO D 471 -3.90 3.82 -19.64
C PRO D 471 -4.67 3.61 -20.92
N PRO D 472 -4.56 4.53 -21.87
CA PRO D 472 -5.21 4.31 -23.18
C PRO D 472 -4.66 3.06 -23.85
N CYS D 473 -5.54 2.30 -24.47
CA CYS D 473 -5.16 1.02 -25.05
C CYS D 473 -6.13 0.66 -26.15
N THR D 474 -5.73 -0.34 -26.95
CA THR D 474 -6.56 -0.89 -28.00
C THR D 474 -6.67 -2.40 -27.83
N GLY D 475 -7.87 -2.93 -28.02
CA GLY D 475 -8.11 -4.34 -27.83
C GLY D 475 -8.75 -4.96 -29.05
N THR D 476 -8.38 -6.21 -29.31
CA THR D 476 -8.93 -6.97 -30.43
C THR D 476 -9.59 -8.25 -29.94
N GLY D 477 -10.46 -8.79 -30.79
CA GLY D 477 -11.08 -10.08 -30.55
C GLY D 477 -11.22 -10.86 -31.84
N MET D 478 -10.99 -12.16 -31.80
CA MET D 478 -11.06 -12.98 -33.00
C MET D 478 -11.28 -14.44 -32.60
N GLY D 479 -12.31 -15.06 -33.18
CA GLY D 479 -12.56 -16.46 -32.93
C GLY D 479 -11.59 -17.33 -33.71
N ILE D 480 -10.99 -18.30 -33.01
CA ILE D 480 -10.04 -19.20 -33.66
C ILE D 480 -10.73 -20.06 -34.71
N ASP D 481 -11.91 -20.58 -34.38
CA ASP D 481 -12.67 -21.36 -35.36
C ASP D 481 -13.02 -20.51 -36.58
N ARG D 482 -13.38 -19.24 -36.35
CA ARG D 482 -13.64 -18.33 -37.45
C ARG D 482 -12.39 -18.11 -38.29
N LEU D 483 -11.22 -18.02 -37.64
CA LEU D 483 -9.97 -17.84 -38.37
C LEU D 483 -9.65 -19.04 -39.22
N LEU D 484 -9.81 -20.25 -38.68
CA LEU D 484 -9.62 -21.45 -39.48
C LEU D 484 -10.59 -21.51 -40.64
N MET D 485 -11.80 -21.01 -40.46
CA MET D 485 -12.77 -20.95 -41.55
C MET D 485 -12.26 -20.06 -42.67
N CYS D 486 -11.62 -18.94 -42.32
CA CYS D 486 -11.13 -18.02 -43.35
C CYS D 486 -9.91 -18.59 -44.06
N LEU D 487 -9.03 -19.28 -43.32
CA LEU D 487 -7.79 -19.77 -43.92
C LEU D 487 -7.98 -21.07 -44.69
N THR D 488 -8.89 -21.94 -44.25
CA THR D 488 -9.04 -23.25 -44.86
C THR D 488 -10.43 -23.54 -45.43
N GLY D 489 -11.43 -22.72 -45.12
CA GLY D 489 -12.76 -23.00 -45.63
C GLY D 489 -13.47 -24.16 -44.98
N LEU D 490 -12.97 -24.65 -43.85
CA LEU D 490 -13.52 -25.81 -43.18
C LEU D 490 -14.48 -25.39 -42.08
N SER D 491 -15.55 -26.17 -41.90
CA SER D 491 -16.58 -25.85 -40.93
C SER D 491 -16.07 -26.07 -39.51
N ILE D 492 -16.86 -25.57 -38.55
CA ILE D 492 -16.51 -25.73 -37.14
C ILE D 492 -16.55 -27.20 -36.73
N ARG D 493 -17.50 -27.95 -37.30
CA ARG D 493 -17.62 -29.38 -37.01
C ARG D 493 -16.50 -30.20 -37.63
N GLU D 494 -15.56 -29.57 -38.35
CA GLU D 494 -14.43 -30.26 -38.94
C GLU D 494 -13.09 -29.87 -38.32
N THR D 495 -12.94 -28.63 -37.87
CA THR D 495 -11.69 -28.14 -37.31
C THR D 495 -11.59 -28.35 -35.80
N VAL D 496 -12.67 -28.74 -35.14
CA VAL D 496 -12.68 -29.05 -33.71
C VAL D 496 -12.71 -30.57 -33.57
N LEU D 497 -11.83 -31.10 -32.71
CA LEU D 497 -11.69 -32.55 -32.61
C LEU D 497 -13.01 -33.20 -32.18
N PHE D 498 -13.62 -32.70 -31.12
CA PHE D 498 -14.84 -33.28 -30.55
C PHE D 498 -15.90 -32.21 -30.40
N PRO D 499 -16.57 -31.82 -31.48
CA PRO D 499 -17.67 -30.87 -31.34
C PRO D 499 -18.85 -31.49 -30.59
N ILE D 500 -19.58 -30.64 -29.87
CA ILE D 500 -20.63 -31.15 -29.00
C ILE D 500 -21.83 -31.60 -29.84
N VAL D 501 -22.42 -32.73 -29.48
CA VAL D 501 -23.52 -33.32 -30.22
C VAL D 501 -24.45 -34.03 -29.26
N ARG D 502 -25.72 -34.15 -29.64
CA ARG D 502 -26.73 -34.81 -28.82
C ARG D 502 -26.44 -36.30 -28.66
#